data_7S9W
#
_entry.id   7S9W
#
_cell.length_a   1.00
_cell.length_b   1.00
_cell.length_c   1.00
_cell.angle_alpha   90.00
_cell.angle_beta   90.00
_cell.angle_gamma   90.00
#
_symmetry.space_group_name_H-M   'P 1'
#
loop_
_entity.id
_entity.type
_entity.pdbx_description
1 polymer DrmA
2 polymer DrmB
3 polymer "DNA (5'-D(P*TP*TP*TP*TP*TP*TP*T)-3')"
4 non-polymer "ADENOSINE-5'-DIPHOSPHATE"
#
loop_
_entity_poly.entity_id
_entity_poly.type
_entity_poly.pdbx_seq_one_letter_code
_entity_poly.pdbx_strand_id
1 'polypeptide(L)'
;MTDNNKSSKTPNAWIAIDHNFSRAQVLTYYTLQLKGEHSLHQAISDNDWILVLDTTGNITRVGRILRIRSDLETTTIFFD
RMLQVKSVVSIGITPFKFPPNDRAGRIQWTDFIETLPKELHITIADIPKIEDQTYIRELLQLAVMDDLLGPAGGPNELIV
DMGVRDRYLVGKLAPREAAERGQEFPIDAEDIEDEEPDLIVKAKTAKVNSPSVLGSGETDTAEEIDAASNQSLVPSSLGM
TFCVDGDVDRVEIEARWGRYERVPNDEHQFFKSNGQKAKVWKRIPCGGKIVLPLIEGSISHNAPDSTSPEVRVQGSIRAK
NDNGDRLITLFLVNAQEEPDTNRDTAWVFQPELIVRAAKDAAKPAIFRRRPVLDADGMDPEREALEMIYRDRVEFAVGHG
VAVHAEIADDVTLATEVRTTVMPQYEVQATETPGLELSDRPAMREMVSSGLLDMQRLATLDIDPLVDALSVLTNDYATWI
DEQNLNVSSKAKGFDTQAQTAINRCQEIHTRLQEGINTLKSNENALAAFRFANQAMATQRIRSLYALAMRRGEDVTLDKF
DVLKNRSWRPFQLAFLLLSIPSLADPCHPDRVKPIEAYADLLWFPTGGGKTEAYLGVAAFTMAIRRMQGNLGGYDSSRGL
TVIMRYTLRLLTLQQFQRATALICAMEVLRREALNKGDKSLGTEPFTIGLWVGNKVTPGTTEDSHNAIEKTRNPGSYNAG
TASPVQLTSCPWCGTEIVPGQDVEVKKDKAGGRTFVYCGDKKGRCEFSKGKSSTQPHPGIPVLVVDEEIYHRPPTMMIAT
VDKFAMMAWRGQVRTLFGRVEKECERHGLLWPGANCTGNHQAFKGQPSAKVKAIPPIRPPDLIIQDEFHLISGPLGTMVG
LYETAVDELCSWTLNGKTVKPKIIASTATVRKAKEQVNNVFMRQVSVFPPHGLDVEDNFFSVQRHIKDKFGRRYLGVCSP
GSSRPAMLIRVYTAFLTAAQELFDHFGEPADPYMTMVGYFNSLRELGGMKRLAEDDVQTRSYRVQMSMVERPALAQRSVN
NIRELTSRVSSQDIPKYLDNLEVKFKAEFDSSAGKYVTKWQEGDTRAIDVVLATNMLSVGVDVNRLGLMAVNGQPKGTAE
YIQATSRVGRSFPGLVCTVLTWARPRDLSHYETFEHYHATFYKHVEAQSVTPFSPRAMDRGLTGSLLSLMRLKNNEFSPN
EGAGKLDMSNQSELAHAIEVLATRAGNVAEDNARKLLAENELKERADEWAKEASKGGRILGYEKRGPDKDKTVALIKSPG
LQAWDNWTVPMSMREVESGVRLIMDTKFIKDDHDWKPRPATKDED
;
A
2 'polypeptide(L)'
;MIINNKTPVGEVRPSQLLWTYGPGALIDLPSLSVVTLGIDRWERERCQPIQEARLLAAVRKVLGPQVENLRMPPFQKSEL
VDPWSAEANIGVPVRPFPRWMRCVKCGLLSPFDDGLLEIKEDRFRAERTRFVHKGCTGSKGNLPAKDADAVPARFLLACR
DGHLDDFPWHYFVHGGNSTCKGTLRFFESGASLQTENLWVRCDSCEASRSMAHAFGKAGKENLPACRGRHPHLDQFDIDC
GEEPRAVLLGATNSWFPITLSALAIPQSKNPLSQLIQDGWPLFEAITAEVMVPIVVQTLKLTGGLPGIDKYSVSDIWSAI
EMHRSGGDSEFVGEADIKGPEWEVLTEANPPTDYPHFMSKKIGTPAQFIPYISRVLLLERLREVNALLGFTRVEAPEGSG
EINERPQMASLARNKPEWVPANQVHGEGIFIQFNEKTLVAWESLDAVKQVDEMLRGGHTGWRNSRNLDPNEDYPGIRYAM
LHTLSHLLIRELALECGYNAASIRERIYADTSNGSPQAGILIYTAAADSDGTLGGLVDLGKPENLGRLLVQALNRSKICS
SDPLCSEHNPEKDRSLHAAACHACTLVAETSCEQGNRYLDRSLLIPTLERIHAAFFKGF
;
B
3 'polydeoxyribonucleotide' (DT)(DT)(DT)(DT)(DT)(DT)(DT) C
#
# COMPACT_ATOMS: atom_id res chain seq x y z
N ALA A 13 -17.77 -38.09 -31.98
CA ALA A 13 -17.36 -39.15 -31.07
C ALA A 13 -16.01 -39.74 -31.49
N TRP A 14 -14.98 -39.52 -30.67
CA TRP A 14 -13.63 -39.92 -31.00
C TRP A 14 -13.09 -40.88 -29.95
N ILE A 15 -12.13 -41.71 -30.34
CA ILE A 15 -11.52 -42.69 -29.46
C ILE A 15 -10.11 -42.22 -29.13
N ALA A 16 -9.55 -42.75 -28.03
CA ALA A 16 -8.22 -42.37 -27.59
C ALA A 16 -7.65 -43.47 -26.71
N ILE A 17 -6.34 -43.39 -26.48
CA ILE A 17 -5.60 -44.33 -25.65
C ILE A 17 -4.87 -43.55 -24.57
N ASP A 18 -5.03 -43.96 -23.32
CA ASP A 18 -4.40 -43.30 -22.19
C ASP A 18 -2.93 -43.69 -22.09
N HIS A 19 -2.07 -42.70 -21.78
CA HIS A 19 -0.65 -42.95 -21.59
C HIS A 19 -0.06 -42.24 -20.38
N ASN A 20 -0.78 -41.29 -19.78
CA ASN A 20 -0.34 -40.52 -18.61
C ASN A 20 0.98 -39.79 -18.88
N PHE A 21 0.93 -38.84 -19.81
CA PHE A 21 2.11 -38.08 -20.20
C PHE A 21 2.40 -36.90 -19.28
N SER A 22 1.54 -36.61 -18.31
CA SER A 22 1.69 -35.44 -17.46
C SER A 22 1.82 -35.86 -16.00
N ARG A 23 2.37 -34.95 -15.19
CA ARG A 23 2.68 -35.25 -13.80
C ARG A 23 1.69 -34.63 -12.81
N ALA A 24 1.20 -33.42 -13.09
CA ALA A 24 0.38 -32.67 -12.15
C ALA A 24 -0.96 -33.37 -11.96
N GLN A 25 -1.17 -33.93 -10.76
CA GLN A 25 -2.25 -34.87 -10.52
C GLN A 25 -3.62 -34.21 -10.68
N VAL A 26 -3.76 -32.97 -10.22
CA VAL A 26 -5.01 -32.23 -10.37
C VAL A 26 -5.33 -32.04 -11.85
N LEU A 27 -4.32 -31.76 -12.65
CA LEU A 27 -4.54 -31.64 -14.10
C LEU A 27 -4.74 -32.99 -14.76
N THR A 28 -4.06 -34.04 -14.30
CA THR A 28 -4.28 -35.36 -14.89
C THR A 28 -5.63 -35.95 -14.53
N TYR A 29 -6.31 -35.41 -13.53
CA TYR A 29 -7.70 -35.79 -13.31
C TYR A 29 -8.58 -35.35 -14.47
N TYR A 30 -8.48 -34.08 -14.86
CA TYR A 30 -9.46 -33.48 -15.76
C TYR A 30 -8.96 -33.26 -17.19
N THR A 31 -7.75 -33.70 -17.55
CA THR A 31 -7.23 -33.43 -18.89
C THR A 31 -6.78 -34.72 -19.56
N LEU A 32 -6.55 -34.60 -20.87
CA LEU A 32 -5.98 -35.67 -21.70
C LEU A 32 -4.94 -35.06 -22.63
N GLN A 33 -3.78 -35.70 -22.72
CA GLN A 33 -2.66 -35.16 -23.48
C GLN A 33 -2.31 -36.11 -24.61
N LEU A 34 -2.19 -35.57 -25.82
CA LEU A 34 -1.85 -36.34 -27.01
C LEU A 34 -0.63 -35.74 -27.68
N LYS A 35 0.27 -36.62 -28.13
CA LYS A 35 1.49 -36.20 -28.78
C LYS A 35 1.24 -35.90 -30.26
N GLY A 36 2.17 -35.16 -30.85
CA GLY A 36 2.03 -34.74 -32.23
C GLY A 36 1.32 -33.42 -32.38
N GLU A 37 1.36 -32.89 -33.60
CA GLU A 37 0.72 -31.63 -33.91
C GLU A 37 -0.80 -31.80 -33.98
N HIS A 38 -1.53 -30.70 -33.74
CA HIS A 38 -2.98 -30.70 -33.89
C HIS A 38 -3.42 -30.85 -35.34
N SER A 39 -2.50 -30.71 -36.30
CA SER A 39 -2.82 -30.95 -37.70
C SER A 39 -3.22 -32.39 -37.97
N LEU A 40 -2.68 -33.33 -37.19
CA LEU A 40 -3.12 -34.71 -37.28
C LEU A 40 -4.45 -34.96 -36.56
N HIS A 41 -4.94 -33.97 -35.80
CA HIS A 41 -6.15 -34.11 -35.03
C HIS A 41 -7.14 -32.98 -35.29
N GLN A 42 -7.25 -32.52 -36.54
CA GLN A 42 -8.07 -31.35 -36.83
C GLN A 42 -9.55 -31.65 -36.74
N ALA A 43 -9.95 -32.92 -36.92
CA ALA A 43 -11.37 -33.26 -36.92
C ALA A 43 -11.98 -33.19 -35.54
N ILE A 44 -11.16 -33.23 -34.49
CA ILE A 44 -11.68 -33.12 -33.13
C ILE A 44 -11.93 -31.66 -32.80
N SER A 45 -13.15 -31.33 -32.37
CA SER A 45 -13.53 -29.95 -32.10
C SER A 45 -14.27 -29.89 -30.78
N ASP A 46 -14.89 -28.74 -30.52
CA ASP A 46 -15.57 -28.50 -29.25
C ASP A 46 -16.84 -29.34 -29.15
N ASN A 47 -17.26 -29.57 -27.91
CA ASN A 47 -18.51 -30.26 -27.56
C ASN A 47 -18.57 -31.68 -28.11
N ASP A 48 -17.42 -32.32 -28.28
CA ASP A 48 -17.41 -33.68 -28.80
C ASP A 48 -17.10 -34.68 -27.68
N TRP A 49 -17.92 -35.71 -27.57
CA TRP A 49 -17.70 -36.79 -26.62
C TRP A 49 -16.51 -37.63 -27.05
N ILE A 50 -15.67 -38.01 -26.09
CA ILE A 50 -14.58 -38.93 -26.35
C ILE A 50 -14.65 -40.07 -25.35
N LEU A 51 -13.97 -41.17 -25.68
CA LEU A 51 -13.89 -42.34 -24.81
C LEU A 51 -12.44 -42.77 -24.75
N VAL A 52 -11.97 -43.08 -23.54
CA VAL A 52 -10.56 -43.34 -23.28
C VAL A 52 -10.39 -44.78 -22.82
N LEU A 53 -9.44 -45.49 -23.45
CA LEU A 53 -9.05 -46.83 -23.03
C LEU A 53 -7.58 -46.84 -22.64
N ASP A 54 -7.19 -47.88 -21.91
CA ASP A 54 -5.79 -48.03 -21.52
C ASP A 54 -5.01 -48.76 -22.62
N THR A 55 -3.77 -49.13 -22.28
CA THR A 55 -2.91 -49.83 -23.23
C THR A 55 -3.30 -51.29 -23.41
N THR A 56 -4.14 -51.84 -22.54
CA THR A 56 -4.57 -53.23 -22.62
C THR A 56 -6.00 -53.37 -23.14
N GLY A 57 -6.64 -52.28 -23.55
CA GLY A 57 -7.97 -52.37 -24.10
C GLY A 57 -9.11 -52.39 -23.10
N ASN A 58 -8.95 -51.71 -21.96
CA ASN A 58 -10.01 -51.64 -20.99
C ASN A 58 -10.61 -50.24 -20.96
N ILE A 59 -11.94 -50.17 -20.95
CA ILE A 59 -12.65 -48.89 -21.02
C ILE A 59 -12.51 -48.16 -19.70
N THR A 60 -12.05 -46.91 -19.75
CA THR A 60 -11.75 -46.17 -18.52
C THR A 60 -12.63 -44.95 -18.28
N ARG A 61 -12.61 -43.98 -19.20
CA ARG A 61 -13.17 -42.67 -18.93
C ARG A 61 -14.03 -42.18 -20.09
N VAL A 62 -14.99 -41.32 -19.76
CA VAL A 62 -15.87 -40.65 -20.73
C VAL A 62 -15.91 -39.18 -20.36
N GLY A 63 -15.81 -38.29 -21.35
CA GLY A 63 -15.80 -36.87 -21.07
C GLY A 63 -16.35 -36.06 -22.23
N ARG A 64 -16.62 -34.79 -21.94
CA ARG A 64 -17.10 -33.82 -22.92
C ARG A 64 -16.12 -32.66 -23.01
N ILE A 65 -15.77 -32.27 -24.23
CA ILE A 65 -14.66 -31.34 -24.44
C ILE A 65 -15.14 -29.91 -24.24
N LEU A 66 -14.33 -29.13 -23.51
CA LEU A 66 -14.58 -27.70 -23.32
C LEU A 66 -13.67 -26.85 -24.21
N ARG A 67 -12.39 -27.19 -24.30
CA ARG A 67 -11.41 -26.33 -24.94
C ARG A 67 -10.23 -27.18 -25.38
N ILE A 68 -9.53 -26.69 -26.41
CA ILE A 68 -8.37 -27.40 -26.96
C ILE A 68 -7.19 -26.45 -26.99
N ARG A 69 -6.07 -26.89 -26.43
CA ARG A 69 -4.78 -26.21 -26.55
C ARG A 69 -3.82 -27.06 -27.37
N SER A 70 -2.88 -26.41 -28.03
CA SER A 70 -1.93 -27.11 -28.87
C SER A 70 -0.55 -26.47 -28.74
N ASP A 71 0.47 -27.27 -29.02
CA ASP A 71 1.85 -26.80 -29.05
C ASP A 71 2.55 -27.45 -30.23
N LEU A 72 3.88 -27.37 -30.24
CA LEU A 72 4.63 -27.87 -31.39
C LEU A 72 4.64 -29.40 -31.47
N GLU A 73 4.52 -30.10 -30.35
CA GLU A 73 4.50 -31.55 -30.36
C GLU A 73 3.45 -32.18 -29.46
N THR A 74 2.71 -31.40 -28.68
CA THR A 74 1.71 -31.94 -27.77
C THR A 74 0.44 -31.10 -27.85
N THR A 75 -0.68 -31.75 -27.54
CA THR A 75 -1.98 -31.10 -27.49
C THR A 75 -2.63 -31.39 -26.13
N THR A 76 -3.28 -30.38 -25.56
CA THR A 76 -3.94 -30.50 -24.26
C THR A 76 -5.44 -30.29 -24.45
N ILE A 77 -6.24 -31.23 -23.96
CA ILE A 77 -7.69 -31.18 -24.08
C ILE A 77 -8.29 -31.11 -22.68
N PHE A 78 -9.22 -30.18 -22.48
CA PHE A 78 -9.86 -29.97 -21.20
C PHE A 78 -11.31 -30.44 -21.27
N PHE A 79 -11.87 -30.79 -20.11
CA PHE A 79 -13.25 -31.25 -20.03
C PHE A 79 -14.09 -30.34 -19.15
N ASP A 80 -15.39 -30.60 -19.13
CA ASP A 80 -16.31 -30.03 -18.15
C ASP A 80 -17.18 -31.07 -17.47
N ARG A 81 -17.51 -32.17 -18.15
CA ARG A 81 -18.23 -33.29 -17.57
C ARG A 81 -17.40 -34.55 -17.73
N MET A 82 -17.37 -35.39 -16.71
CA MET A 82 -16.56 -36.60 -16.78
C MET A 82 -17.18 -37.68 -15.91
N LEU A 83 -17.11 -38.92 -16.38
CA LEU A 83 -17.50 -40.08 -15.61
C LEU A 83 -16.38 -41.12 -15.70
N GLN A 84 -16.20 -41.87 -14.62
CA GLN A 84 -15.16 -42.90 -14.56
C GLN A 84 -15.79 -44.27 -14.49
N VAL A 85 -15.31 -45.18 -15.34
CA VAL A 85 -15.78 -46.57 -15.33
C VAL A 85 -14.90 -47.35 -14.37
N LYS A 86 -15.52 -47.92 -13.33
CA LYS A 86 -14.77 -48.57 -12.26
C LYS A 86 -14.43 -50.01 -12.61
N SER A 87 -15.33 -50.71 -13.28
CA SER A 87 -15.16 -52.13 -13.53
C SER A 87 -14.12 -52.39 -14.61
N VAL A 88 -13.55 -53.58 -14.60
CA VAL A 88 -12.62 -54.02 -15.64
C VAL A 88 -13.43 -54.54 -16.82
N VAL A 89 -13.67 -53.67 -17.81
CA VAL A 89 -14.54 -53.99 -18.94
C VAL A 89 -13.66 -54.18 -20.18
N SER A 90 -13.83 -55.32 -20.83
CA SER A 90 -13.11 -55.62 -22.07
C SER A 90 -13.73 -54.86 -23.24
N ILE A 91 -12.89 -54.42 -24.17
CA ILE A 91 -13.36 -53.71 -25.36
C ILE A 91 -14.09 -54.66 -26.30
N GLY A 92 -13.82 -55.96 -26.19
CA GLY A 92 -14.35 -56.95 -27.11
C GLY A 92 -15.85 -57.12 -27.10
N ILE A 93 -16.52 -56.69 -26.02
CA ILE A 93 -17.99 -56.74 -26.00
C ILE A 93 -18.59 -55.63 -26.86
N THR A 94 -17.85 -54.57 -27.14
CA THR A 94 -18.32 -53.50 -28.00
C THR A 94 -17.98 -53.80 -29.45
N PRO A 95 -18.81 -53.33 -30.40
CA PRO A 95 -18.48 -53.51 -31.82
C PRO A 95 -17.42 -52.55 -32.34
N PHE A 96 -16.85 -51.70 -31.49
CA PHE A 96 -15.85 -50.74 -31.92
C PHE A 96 -14.48 -51.41 -32.08
N LYS A 97 -13.66 -50.84 -32.96
CA LYS A 97 -12.34 -51.38 -33.23
C LYS A 97 -11.30 -50.78 -32.30
N PHE A 98 -10.16 -51.45 -32.20
CA PHE A 98 -9.04 -50.92 -31.43
C PHE A 98 -8.47 -49.68 -32.12
N PRO A 99 -8.05 -48.67 -31.37
CA PRO A 99 -7.47 -47.47 -31.99
C PRO A 99 -6.14 -47.77 -32.67
N PRO A 100 -6.04 -47.54 -33.98
CA PRO A 100 -4.81 -47.89 -34.69
C PRO A 100 -3.71 -46.87 -34.46
N ASN A 101 -2.50 -47.38 -34.19
CA ASN A 101 -1.27 -46.60 -34.05
C ASN A 101 -1.37 -45.51 -32.98
N ASP A 102 -2.19 -45.76 -31.95
CA ASP A 102 -2.48 -44.83 -30.86
C ASP A 102 -3.02 -43.50 -31.35
N ARG A 103 -3.79 -43.51 -32.44
CA ARG A 103 -4.37 -42.29 -32.99
C ARG A 103 -5.86 -42.20 -32.66
N ALA A 104 -6.48 -41.12 -33.14
CA ALA A 104 -7.91 -40.96 -32.96
C ALA A 104 -8.68 -41.82 -33.96
N GLY A 105 -9.96 -42.01 -33.67
CA GLY A 105 -10.82 -42.79 -34.54
C GLY A 105 -12.28 -42.46 -34.30
N ARG A 106 -13.04 -42.40 -35.38
CA ARG A 106 -14.45 -42.03 -35.28
C ARG A 106 -15.28 -43.20 -34.73
N ILE A 107 -16.20 -42.87 -33.84
CA ILE A 107 -17.07 -43.86 -33.21
C ILE A 107 -18.45 -43.73 -33.81
N GLN A 108 -19.12 -44.87 -34.02
CA GLN A 108 -20.50 -44.88 -34.50
C GLN A 108 -21.40 -44.25 -33.44
N TRP A 109 -22.21 -43.26 -33.85
CA TRP A 109 -23.01 -42.52 -32.88
C TRP A 109 -24.15 -43.36 -32.33
N THR A 110 -24.86 -44.07 -33.22
CA THR A 110 -25.99 -44.89 -32.78
C THR A 110 -25.53 -46.08 -31.94
N ASP A 111 -24.39 -46.68 -32.31
CA ASP A 111 -23.84 -47.77 -31.52
C ASP A 111 -23.37 -47.28 -30.15
N PHE A 112 -22.80 -46.08 -30.09
CA PHE A 112 -22.42 -45.48 -28.81
C PHE A 112 -23.64 -45.23 -27.93
N ILE A 113 -24.71 -44.70 -28.53
CA ILE A 113 -25.95 -44.44 -27.80
C ILE A 113 -26.56 -45.74 -27.28
N GLU A 114 -26.53 -46.79 -28.09
CA GLU A 114 -27.05 -48.09 -27.64
C GLU A 114 -26.16 -48.71 -26.57
N THR A 115 -24.85 -48.49 -26.66
CA THR A 115 -23.91 -49.19 -25.79
C THR A 115 -23.85 -48.53 -24.40
N LEU A 116 -24.13 -47.23 -24.33
CA LEU A 116 -24.02 -46.50 -23.06
C LEU A 116 -24.89 -47.05 -21.93
N PRO A 117 -26.19 -47.36 -22.12
CA PRO A 117 -26.93 -47.96 -20.99
C PRO A 117 -26.79 -49.47 -20.94
N LYS A 118 -26.39 -50.10 -22.04
CA LYS A 118 -26.37 -51.56 -22.11
C LYS A 118 -25.27 -52.15 -21.23
N GLU A 119 -24.08 -51.56 -21.25
CA GLU A 119 -22.96 -52.07 -20.48
C GLU A 119 -22.48 -51.14 -19.39
N LEU A 120 -22.44 -49.83 -19.63
CA LEU A 120 -22.01 -48.87 -18.63
C LEU A 120 -23.15 -48.35 -17.76
N HIS A 121 -24.40 -48.66 -18.12
CA HIS A 121 -25.59 -48.33 -17.33
C HIS A 121 -25.73 -46.82 -17.09
N ILE A 122 -25.36 -46.03 -18.10
CA ILE A 122 -25.42 -44.58 -18.01
C ILE A 122 -26.06 -44.02 -19.28
N THR A 123 -26.61 -42.81 -19.16
CA THR A 123 -27.12 -42.06 -20.29
C THR A 123 -26.38 -40.73 -20.37
N ILE A 124 -26.80 -39.89 -21.32
CA ILE A 124 -26.17 -38.58 -21.49
C ILE A 124 -26.53 -37.67 -20.32
N ALA A 125 -27.80 -37.69 -19.89
CA ALA A 125 -28.23 -36.82 -18.80
C ALA A 125 -27.73 -37.29 -17.43
N ASP A 126 -27.20 -38.51 -17.33
CA ASP A 126 -26.71 -39.00 -16.05
C ASP A 126 -25.26 -38.63 -15.78
N ILE A 127 -24.59 -37.99 -16.72
CA ILE A 127 -23.19 -37.60 -16.55
C ILE A 127 -23.10 -36.41 -15.60
N PRO A 128 -22.31 -36.52 -14.53
CA PRO A 128 -22.19 -35.39 -13.60
C PRO A 128 -21.28 -34.30 -14.15
N LYS A 129 -21.06 -33.28 -13.33
CA LYS A 129 -20.25 -32.14 -13.70
C LYS A 129 -19.11 -31.94 -12.71
N ILE A 130 -18.06 -31.27 -13.17
CA ILE A 130 -16.86 -31.05 -12.35
C ILE A 130 -17.15 -29.98 -11.29
N GLU A 131 -16.77 -30.27 -10.05
CA GLU A 131 -17.08 -29.41 -8.92
C GLU A 131 -15.88 -28.74 -8.28
N ASP A 132 -14.65 -29.11 -8.67
CA ASP A 132 -13.44 -28.61 -8.03
C ASP A 132 -13.23 -27.14 -8.39
N GLN A 133 -12.67 -26.37 -7.45
CA GLN A 133 -12.39 -24.96 -7.71
C GLN A 133 -10.94 -24.71 -8.07
N THR A 134 -10.04 -25.65 -7.74
CA THR A 134 -8.66 -25.54 -8.19
C THR A 134 -8.52 -25.77 -9.69
N TYR A 135 -9.49 -26.44 -10.30
CA TYR A 135 -9.55 -26.56 -11.75
C TYR A 135 -10.01 -25.24 -12.37
N ILE A 136 -10.97 -24.58 -11.74
CA ILE A 136 -11.49 -23.31 -12.23
C ILE A 136 -10.43 -22.23 -12.11
N ARG A 137 -9.65 -22.25 -11.03
CA ARG A 137 -8.61 -21.25 -10.86
C ARG A 137 -7.48 -21.44 -11.87
N GLU A 138 -7.37 -22.64 -12.45
CA GLU A 138 -6.38 -22.85 -13.51
C GLU A 138 -6.94 -22.43 -14.87
N LEU A 139 -8.21 -22.73 -15.12
CA LEU A 139 -8.84 -22.35 -16.38
C LEU A 139 -8.90 -20.84 -16.53
N LEU A 140 -9.18 -20.13 -15.45
CA LEU A 140 -9.21 -18.66 -15.51
C LEU A 140 -7.84 -18.10 -15.85
N GLN A 141 -6.78 -18.68 -15.26
CA GLN A 141 -5.42 -18.20 -15.51
C GLN A 141 -5.02 -18.45 -16.97
N LEU A 142 -5.37 -19.63 -17.50
CA LEU A 142 -5.09 -19.92 -18.91
C LEU A 142 -5.84 -18.97 -19.83
N ALA A 143 -7.10 -18.68 -19.51
CA ALA A 143 -7.91 -17.80 -20.34
C ALA A 143 -7.36 -16.38 -20.38
N VAL A 144 -6.90 -15.86 -19.24
CA VAL A 144 -6.28 -14.55 -19.25
C VAL A 144 -4.91 -14.58 -19.93
N MET A 145 -4.15 -15.65 -19.73
CA MET A 145 -2.80 -15.75 -20.28
C MET A 145 -2.83 -15.79 -21.80
N ASP A 146 -3.82 -16.48 -22.38
CA ASP A 146 -3.93 -16.54 -23.83
C ASP A 146 -4.21 -15.18 -24.44
N ASP A 147 -5.06 -14.38 -23.78
CA ASP A 147 -5.40 -13.07 -24.32
C ASP A 147 -4.29 -12.06 -24.12
N LEU A 148 -3.61 -12.06 -22.99
CA LEU A 148 -2.60 -11.02 -22.75
C LEU A 148 -1.26 -11.32 -23.41
N LEU A 149 -0.91 -12.59 -23.62
CA LEU A 149 0.41 -12.95 -24.12
C LEU A 149 0.39 -13.62 -25.48
N GLY A 150 -0.50 -14.57 -25.71
CA GLY A 150 -0.55 -15.25 -26.98
C GLY A 150 0.36 -16.45 -27.01
N PRO A 151 0.28 -17.26 -28.09
CA PRO A 151 -0.62 -17.13 -29.24
C PRO A 151 -2.03 -17.64 -28.93
N ALA A 152 -3.05 -16.93 -29.39
CA ALA A 152 -4.42 -17.29 -29.03
C ALA A 152 -4.89 -18.53 -29.77
N GLY A 153 -4.61 -18.62 -31.07
CA GLY A 153 -5.14 -19.70 -31.88
C GLY A 153 -4.28 -20.95 -31.86
N GLY A 154 -2.97 -20.78 -31.89
CA GLY A 154 -2.06 -21.91 -31.92
C GLY A 154 -0.72 -21.53 -32.53
N PRO A 155 0.04 -22.54 -32.97
CA PRO A 155 1.33 -22.24 -33.60
C PRO A 155 1.20 -21.59 -34.98
N ASN A 156 0.15 -21.92 -35.73
CA ASN A 156 -0.06 -21.40 -37.07
C ASN A 156 -1.34 -20.58 -37.16
N GLU A 157 -1.57 -19.70 -36.18
CA GLU A 157 -2.82 -18.97 -36.09
C GLU A 157 -2.92 -17.89 -37.16
N LEU A 158 -4.12 -17.33 -37.28
CA LEU A 158 -4.42 -16.26 -38.24
C LEU A 158 -5.03 -15.08 -37.51
N ILE A 159 -4.65 -13.87 -37.93
CA ILE A 159 -5.14 -12.63 -37.34
C ILE A 159 -5.84 -11.85 -38.43
N VAL A 160 -7.10 -11.49 -38.19
CA VAL A 160 -7.99 -10.93 -39.20
C VAL A 160 -8.36 -9.50 -38.82
N ASP A 161 -8.30 -8.61 -39.80
CA ASP A 161 -8.92 -7.28 -39.77
C ASP A 161 -8.30 -6.34 -38.73
N MET A 162 -7.11 -6.63 -38.24
CA MET A 162 -6.43 -5.69 -37.35
C MET A 162 -4.93 -5.91 -37.44
N GLY A 163 -4.19 -4.88 -37.04
CA GLY A 163 -2.74 -4.99 -36.97
C GLY A 163 -2.32 -5.91 -35.84
N VAL A 164 -1.16 -6.55 -36.00
CA VAL A 164 -0.72 -7.54 -35.02
C VAL A 164 0.01 -6.89 -33.86
N ARG A 165 0.31 -5.60 -33.94
CA ARG A 165 1.03 -4.94 -32.86
C ARG A 165 0.13 -4.72 -31.64
N ASP A 166 -1.11 -4.28 -31.88
CA ASP A 166 -2.00 -3.92 -30.80
C ASP A 166 -2.87 -5.07 -30.31
N ARG A 167 -2.82 -6.23 -30.98
CA ARG A 167 -3.58 -7.38 -30.53
C ARG A 167 -3.06 -7.92 -29.20
N TYR A 168 -1.74 -7.85 -28.99
CA TYR A 168 -1.10 -8.38 -27.80
C TYR A 168 -0.47 -7.24 -27.01
N LEU A 169 -0.35 -7.44 -25.69
CA LEU A 169 0.09 -6.39 -24.80
C LEU A 169 1.54 -6.53 -24.33
N VAL A 170 2.01 -7.75 -24.07
CA VAL A 170 3.32 -7.96 -23.47
C VAL A 170 4.16 -8.89 -24.34
N GLY A 171 5.47 -8.78 -24.18
CA GLY A 171 6.40 -9.70 -24.80
C GLY A 171 6.68 -9.46 -26.27
N LYS A 172 7.10 -8.26 -26.63
CA LYS A 172 7.43 -7.95 -28.01
C LYS A 172 8.68 -7.09 -28.08
N LEU A 173 9.54 -7.37 -29.06
CA LEU A 173 10.82 -6.71 -29.22
C LEU A 173 10.79 -5.89 -30.51
N ALA A 174 11.11 -4.59 -30.39
CA ALA A 174 11.02 -3.69 -31.53
C ALA A 174 12.31 -3.75 -32.36
N PRO A 175 12.23 -3.45 -33.65
CA PRO A 175 13.45 -3.29 -34.45
C PRO A 175 14.13 -1.97 -34.16
N ARG A 176 15.42 -1.89 -34.48
CA ARG A 176 16.19 -0.64 -34.31
C ARG A 176 15.76 0.50 -35.21
N PRO A 235 11.96 -1.02 -25.72
CA PRO A 235 13.19 -1.81 -25.63
C PRO A 235 13.25 -2.88 -26.71
N SER A 236 14.45 -3.31 -27.07
CA SER A 236 14.63 -4.28 -28.14
C SER A 236 15.39 -5.52 -27.71
N SER A 237 15.78 -5.63 -26.44
CA SER A 237 16.63 -6.73 -26.02
C SER A 237 16.23 -7.20 -24.63
N LEU A 238 16.55 -8.47 -24.36
CA LEU A 238 16.38 -9.07 -23.04
C LEU A 238 17.58 -9.93 -22.72
N GLY A 239 17.87 -10.08 -21.42
CA GLY A 239 19.00 -10.88 -21.01
C GLY A 239 18.86 -11.33 -19.57
N MET A 240 19.82 -12.16 -19.15
CA MET A 240 19.85 -12.68 -17.79
C MET A 240 21.28 -12.99 -17.40
N THR A 241 21.51 -13.09 -16.09
CA THR A 241 22.82 -13.38 -15.52
C THR A 241 22.74 -14.65 -14.69
N PHE A 242 23.76 -15.49 -14.79
CA PHE A 242 23.82 -16.73 -14.04
C PHE A 242 25.27 -17.10 -13.77
N CYS A 243 25.47 -17.94 -12.75
CA CYS A 243 26.79 -18.38 -12.32
C CYS A 243 26.94 -19.87 -12.60
N VAL A 244 28.11 -20.26 -13.09
CA VAL A 244 28.34 -21.61 -13.60
C VAL A 244 29.53 -22.23 -12.87
N ASP A 245 29.56 -23.56 -12.84
CA ASP A 245 30.64 -24.28 -12.17
C ASP A 245 31.89 -24.27 -13.04
N GLY A 246 33.06 -24.34 -12.39
CA GLY A 246 34.33 -24.31 -13.11
C GLY A 246 34.77 -25.65 -13.64
N ASP A 247 34.02 -26.73 -13.38
CA ASP A 247 34.42 -28.04 -13.85
C ASP A 247 34.15 -28.27 -15.33
N VAL A 248 33.09 -27.68 -15.87
CA VAL A 248 32.69 -27.90 -17.26
C VAL A 248 33.17 -26.74 -18.11
N ASP A 249 33.16 -26.94 -19.43
CA ASP A 249 33.74 -25.97 -20.36
C ASP A 249 32.89 -25.72 -21.61
N ARG A 250 31.77 -26.42 -21.78
CA ARG A 250 30.84 -26.12 -22.86
C ARG A 250 29.41 -26.22 -22.35
N VAL A 251 28.54 -25.35 -22.88
CA VAL A 251 27.13 -25.30 -22.52
C VAL A 251 26.30 -25.20 -23.80
N GLU A 252 24.99 -25.34 -23.63
CA GLU A 252 24.05 -25.33 -24.74
C GLU A 252 23.00 -24.24 -24.52
N ILE A 253 22.70 -23.47 -25.56
CA ILE A 253 21.75 -22.37 -25.50
C ILE A 253 20.67 -22.59 -26.55
N GLU A 254 19.40 -22.46 -26.14
CA GLU A 254 18.26 -22.58 -27.03
C GLU A 254 17.43 -21.30 -27.00
N ALA A 255 17.00 -20.84 -28.18
CA ALA A 255 16.16 -19.66 -28.30
C ALA A 255 15.00 -19.95 -29.26
N ARG A 256 13.83 -19.38 -28.97
CA ARG A 256 12.65 -19.50 -29.81
C ARG A 256 11.90 -18.18 -29.81
N TRP A 257 11.18 -17.92 -30.92
CA TRP A 257 10.32 -16.75 -31.03
C TRP A 257 9.31 -17.00 -32.14
N GLY A 258 8.56 -15.95 -32.47
CA GLY A 258 7.50 -16.04 -33.47
C GLY A 258 7.57 -14.91 -34.48
N ARG A 259 6.99 -15.14 -35.65
CA ARG A 259 7.04 -14.18 -36.75
C ARG A 259 5.73 -14.22 -37.53
N TYR A 260 5.28 -13.05 -37.98
CA TYR A 260 4.02 -12.91 -38.71
C TYR A 260 4.29 -12.35 -40.09
N GLU A 261 3.50 -12.80 -41.07
CA GLU A 261 3.67 -12.40 -42.46
C GLU A 261 2.32 -12.11 -43.09
N ARG A 262 2.28 -11.08 -43.94
CA ARG A 262 1.05 -10.69 -44.62
C ARG A 262 0.64 -11.73 -45.65
N VAL A 263 -0.66 -11.98 -45.76
CA VAL A 263 -1.21 -13.00 -46.66
C VAL A 263 -1.75 -12.29 -47.90
N PRO A 264 -1.42 -12.74 -49.11
CA PRO A 264 -1.98 -12.11 -50.32
C PRO A 264 -3.46 -12.39 -50.46
N ASN A 265 -4.11 -11.58 -51.30
CA ASN A 265 -5.57 -11.53 -51.33
C ASN A 265 -6.20 -12.79 -51.91
N ASP A 266 -5.59 -13.38 -52.93
CA ASP A 266 -6.25 -14.45 -53.68
C ASP A 266 -6.27 -15.79 -52.96
N GLU A 267 -5.63 -15.91 -51.80
CA GLU A 267 -5.62 -17.16 -51.06
C GLU A 267 -6.62 -17.19 -49.90
N HIS A 268 -7.21 -16.06 -49.54
CA HIS A 268 -8.12 -16.00 -48.40
C HIS A 268 -9.44 -15.38 -48.85
N GLN A 269 -10.52 -15.81 -48.20
CA GLN A 269 -11.88 -15.43 -48.56
C GLN A 269 -12.62 -14.85 -47.36
N PHE A 270 -11.98 -13.91 -46.67
CA PHE A 270 -12.61 -13.19 -45.57
C PHE A 270 -13.04 -11.81 -46.06
N PHE A 271 -14.33 -11.50 -45.89
CA PHE A 271 -14.92 -10.28 -46.40
C PHE A 271 -15.39 -9.39 -45.27
N LYS A 272 -15.52 -8.10 -45.57
CA LYS A 272 -16.29 -7.21 -44.73
C LYS A 272 -17.77 -7.40 -45.00
N SER A 273 -18.59 -6.56 -44.36
CA SER A 273 -20.03 -6.64 -44.60
C SER A 273 -20.40 -6.13 -45.99
N ASN A 274 -19.62 -5.20 -46.54
CA ASN A 274 -19.95 -4.61 -47.83
C ASN A 274 -19.24 -5.29 -49.00
N GLY A 275 -18.49 -6.36 -48.76
CA GLY A 275 -17.87 -7.12 -49.84
C GLY A 275 -16.39 -6.87 -50.04
N GLN A 276 -15.81 -5.88 -49.36
CA GLN A 276 -14.38 -5.61 -49.50
C GLN A 276 -13.56 -6.69 -48.80
N LYS A 277 -12.37 -6.94 -49.33
CA LYS A 277 -11.47 -7.91 -48.71
C LYS A 277 -10.83 -7.32 -47.46
N ALA A 278 -10.44 -8.20 -46.54
CA ALA A 278 -9.84 -7.77 -45.29
C ALA A 278 -8.34 -8.06 -45.26
N LYS A 279 -7.70 -7.60 -44.20
CA LYS A 279 -6.27 -7.84 -44.03
C LYS A 279 -6.05 -9.05 -43.14
N VAL A 280 -5.25 -10.00 -43.61
CA VAL A 280 -5.00 -11.24 -42.90
C VAL A 280 -3.49 -11.46 -42.79
N TRP A 281 -3.02 -11.76 -41.58
CA TRP A 281 -1.64 -12.12 -41.31
C TRP A 281 -1.57 -13.58 -40.90
N LYS A 282 -0.41 -14.20 -41.10
CA LYS A 282 -0.20 -15.61 -40.78
C LYS A 282 1.10 -15.76 -39.99
N ARG A 283 1.12 -16.70 -39.05
CA ARG A 283 2.24 -16.87 -38.14
C ARG A 283 3.10 -18.07 -38.53
N ILE A 284 4.41 -17.89 -38.44
CA ILE A 284 5.38 -18.96 -38.73
C ILE A 284 6.38 -19.03 -37.57
N PRO A 285 6.67 -20.22 -37.06
CA PRO A 285 7.61 -20.34 -35.93
C PRO A 285 9.06 -20.23 -36.35
N CYS A 286 9.92 -19.94 -35.38
CA CYS A 286 11.36 -19.89 -35.57
C CYS A 286 12.05 -20.60 -34.42
N GLY A 287 13.38 -20.57 -34.43
CA GLY A 287 14.18 -21.09 -33.34
C GLY A 287 15.35 -21.94 -33.81
N GLY A 288 16.29 -22.13 -32.90
CA GLY A 288 17.46 -22.94 -33.16
C GLY A 288 18.35 -23.02 -31.94
N LYS A 289 19.29 -23.97 -31.98
CA LYS A 289 20.18 -24.25 -30.86
C LYS A 289 21.63 -24.00 -31.26
N ILE A 290 22.44 -23.57 -30.29
CA ILE A 290 23.87 -23.40 -30.47
C ILE A 290 24.60 -24.05 -29.28
N VAL A 291 25.91 -24.21 -29.45
CA VAL A 291 26.78 -24.70 -28.39
C VAL A 291 27.92 -23.70 -28.20
N LEU A 292 28.26 -23.43 -26.95
CA LEU A 292 29.11 -22.30 -26.63
C LEU A 292 30.24 -22.72 -25.71
N PRO A 293 31.49 -22.65 -26.13
CA PRO A 293 32.60 -22.87 -25.18
C PRO A 293 32.84 -21.63 -24.34
N LEU A 294 33.28 -21.86 -23.09
CA LEU A 294 33.58 -20.77 -22.16
C LEU A 294 35.06 -20.43 -22.19
N ILE A 295 35.39 -19.29 -22.79
CA ILE A 295 36.70 -18.67 -22.73
C ILE A 295 36.48 -17.23 -22.29
N GLU A 296 37.35 -16.71 -21.43
CA GLU A 296 37.19 -15.36 -20.90
C GLU A 296 37.27 -14.32 -22.02
N GLY A 297 36.34 -13.38 -22.00
CA GLY A 297 36.18 -12.38 -23.03
C GLY A 297 34.73 -12.26 -23.46
N SER A 298 34.51 -11.42 -24.47
CA SER A 298 33.17 -11.18 -24.95
C SER A 298 32.65 -12.36 -25.76
N ILE A 299 31.33 -12.40 -25.95
CA ILE A 299 30.72 -13.55 -26.58
C ILE A 299 30.59 -13.27 -28.07
N SER A 300 31.04 -14.22 -28.88
CA SER A 300 30.96 -14.04 -30.33
C SER A 300 29.51 -14.02 -30.79
N HIS A 301 29.21 -13.12 -31.72
CA HIS A 301 27.83 -12.99 -32.22
C HIS A 301 27.43 -14.23 -33.01
N ASN A 302 26.19 -14.67 -32.79
CA ASN A 302 25.69 -15.86 -33.45
C ASN A 302 24.21 -15.67 -33.78
N ALA A 303 23.77 -16.32 -34.86
CA ALA A 303 22.39 -16.30 -35.28
C ALA A 303 21.81 -17.70 -35.20
N PRO A 304 20.86 -17.96 -34.29
CA PRO A 304 20.28 -19.31 -34.19
C PRO A 304 19.57 -19.78 -35.46
N ASP A 305 18.92 -18.88 -36.18
CA ASP A 305 18.10 -19.24 -37.33
C ASP A 305 18.71 -18.64 -38.59
N SER A 306 18.87 -19.47 -39.62
CA SER A 306 19.46 -19.01 -40.87
C SER A 306 18.53 -18.13 -41.68
N THR A 307 17.22 -18.31 -41.55
CA THR A 307 16.27 -17.55 -42.34
C THR A 307 16.17 -16.08 -41.92
N SER A 308 16.59 -15.76 -40.69
CA SER A 308 16.59 -14.39 -40.19
C SER A 308 17.98 -14.05 -39.67
N PRO A 309 18.90 -13.70 -40.56
CA PRO A 309 20.31 -13.54 -40.15
C PRO A 309 20.61 -12.24 -39.44
N GLU A 310 19.59 -11.46 -39.09
CA GLU A 310 19.83 -10.23 -38.34
C GLU A 310 19.23 -10.29 -36.94
N VAL A 311 19.28 -11.45 -36.28
CA VAL A 311 18.96 -11.56 -34.86
C VAL A 311 20.19 -12.14 -34.17
N ARG A 312 20.49 -11.61 -32.98
CA ARG A 312 21.77 -11.87 -32.33
C ARG A 312 21.57 -12.39 -30.92
N VAL A 313 22.48 -13.25 -30.48
CA VAL A 313 22.67 -13.57 -29.07
C VAL A 313 24.12 -13.26 -28.71
N GLN A 314 24.31 -12.47 -27.66
CA GLN A 314 25.63 -11.99 -27.31
C GLN A 314 25.75 -11.81 -25.80
N GLY A 315 26.94 -11.45 -25.36
CA GLY A 315 27.19 -11.27 -23.94
C GLY A 315 28.68 -11.23 -23.66
N SER A 316 29.04 -11.60 -22.44
CA SER A 316 30.42 -11.62 -22.01
C SER A 316 30.63 -12.69 -20.94
N ILE A 317 31.87 -13.14 -20.81
CA ILE A 317 32.27 -14.12 -19.82
C ILE A 317 33.43 -13.53 -19.01
N ARG A 318 33.30 -13.56 -17.68
CA ARG A 318 34.28 -12.94 -16.80
C ARG A 318 35.25 -13.97 -16.24
N ALA A 319 36.20 -13.48 -15.44
CA ALA A 319 37.24 -14.32 -14.89
C ALA A 319 36.75 -15.08 -13.66
N LYS A 320 37.63 -15.93 -13.13
CA LYS A 320 37.28 -16.75 -11.98
C LYS A 320 37.20 -15.91 -10.71
N ASN A 321 36.37 -16.37 -9.77
CA ASN A 321 36.29 -15.78 -8.45
C ASN A 321 37.14 -16.57 -7.47
N ASP A 322 37.00 -16.24 -6.18
CA ASP A 322 37.77 -16.94 -5.15
C ASP A 322 37.26 -18.36 -4.93
N ASN A 323 35.95 -18.58 -5.07
CA ASN A 323 35.40 -19.92 -4.92
C ASN A 323 35.69 -20.82 -6.11
N GLY A 324 35.96 -20.25 -7.27
CA GLY A 324 36.26 -21.02 -8.46
C GLY A 324 35.16 -21.09 -9.50
N ASP A 325 34.18 -20.20 -9.44
CA ASP A 325 33.08 -20.18 -10.39
C ASP A 325 33.21 -18.99 -11.35
N ARG A 326 32.36 -18.98 -12.37
CA ARG A 326 32.39 -17.97 -13.41
C ARG A 326 31.04 -17.30 -13.55
N LEU A 327 31.07 -16.01 -13.88
CA LEU A 327 29.86 -15.25 -14.19
C LEU A 327 29.66 -15.17 -15.70
N ILE A 328 28.44 -15.49 -16.14
CA ILE A 328 28.07 -15.43 -17.54
C ILE A 328 26.88 -14.51 -17.70
N THR A 329 26.99 -13.55 -18.62
CA THR A 329 25.93 -12.59 -18.91
C THR A 329 25.49 -12.79 -20.36
N LEU A 330 24.18 -12.86 -20.58
CA LEU A 330 23.63 -13.11 -21.90
C LEU A 330 22.69 -11.97 -22.31
N PHE A 331 22.49 -11.85 -23.62
CA PHE A 331 21.51 -10.94 -24.19
C PHE A 331 20.94 -11.55 -25.47
N LEU A 332 19.72 -11.18 -25.81
CA LEU A 332 19.10 -11.52 -27.09
C LEU A 332 18.61 -10.23 -27.75
N VAL A 333 19.20 -9.87 -28.88
CA VAL A 333 19.02 -8.55 -29.46
C VAL A 333 18.39 -8.69 -30.85
N ASN A 334 17.33 -7.93 -31.09
CA ASN A 334 16.72 -7.84 -32.41
C ASN A 334 17.45 -6.77 -33.21
N ALA A 335 17.97 -7.14 -34.38
CA ALA A 335 18.75 -6.22 -35.18
C ALA A 335 18.13 -5.90 -36.54
N GLN A 336 16.86 -6.23 -36.74
CA GLN A 336 16.25 -6.07 -38.06
C GLN A 336 15.99 -4.59 -38.36
N GLU A 337 15.89 -4.28 -39.65
CA GLU A 337 15.65 -2.92 -40.10
C GLU A 337 14.17 -2.67 -40.29
N GLU A 338 13.79 -1.40 -40.28
CA GLU A 338 12.39 -1.02 -40.42
C GLU A 338 12.04 -0.78 -41.88
N PRO A 339 11.06 -1.49 -42.43
CA PRO A 339 10.63 -1.21 -43.80
C PRO A 339 9.69 -0.01 -43.86
N ASP A 340 9.48 0.48 -45.09
CA ASP A 340 8.56 1.59 -45.29
C ASP A 340 7.11 1.19 -45.22
N THR A 341 6.76 -0.04 -45.61
CA THR A 341 5.40 -0.52 -45.56
C THR A 341 5.38 -1.88 -44.87
N ASN A 342 4.27 -2.17 -44.19
CA ASN A 342 4.10 -3.37 -43.38
C ASN A 342 5.20 -3.49 -42.33
N ARG A 343 5.22 -2.53 -41.40
CA ARG A 343 6.31 -2.45 -40.44
C ARG A 343 6.23 -3.53 -39.37
N ASP A 344 5.10 -4.22 -39.27
CA ASP A 344 4.94 -5.26 -38.25
C ASP A 344 5.68 -6.54 -38.58
N THR A 345 6.24 -6.68 -39.79
CA THR A 345 7.03 -7.85 -40.12
C THR A 345 8.44 -7.78 -39.54
N ALA A 346 8.86 -6.61 -39.06
CA ALA A 346 10.19 -6.45 -38.48
C ALA A 346 10.21 -6.64 -36.97
N TRP A 347 9.10 -7.02 -36.36
CA TRP A 347 9.01 -7.18 -34.93
C TRP A 347 9.12 -8.65 -34.54
N VAL A 348 9.60 -8.88 -33.32
CA VAL A 348 9.81 -10.22 -32.78
C VAL A 348 8.83 -10.43 -31.63
N PHE A 349 8.08 -11.52 -31.68
CA PHE A 349 7.01 -11.76 -30.73
C PHE A 349 7.23 -13.09 -30.00
N GLN A 350 6.83 -13.12 -28.72
CA GLN A 350 6.89 -14.24 -27.79
C GLN A 350 8.29 -14.85 -27.64
N PRO A 351 9.29 -14.12 -27.14
CA PRO A 351 10.63 -14.70 -27.07
C PRO A 351 10.85 -15.49 -25.78
N GLU A 352 11.86 -16.36 -25.80
CA GLU A 352 12.29 -17.10 -24.63
C GLU A 352 13.70 -17.64 -24.84
N LEU A 353 14.40 -17.89 -23.73
CA LEU A 353 15.75 -18.43 -23.71
C LEU A 353 15.83 -19.59 -22.74
N ILE A 354 16.53 -20.66 -23.12
CA ILE A 354 16.74 -21.83 -22.27
C ILE A 354 18.22 -22.20 -22.31
N VAL A 355 18.83 -22.36 -21.14
CA VAL A 355 20.23 -22.77 -21.02
C VAL A 355 20.28 -24.12 -20.32
N ARG A 356 21.06 -25.04 -20.89
CA ARG A 356 21.19 -26.38 -20.35
C ARG A 356 22.61 -26.87 -20.55
N ALA A 357 22.98 -27.90 -19.79
CA ALA A 357 24.29 -28.52 -19.95
C ALA A 357 24.33 -29.34 -21.23
N ALA A 358 25.53 -29.67 -21.67
CA ALA A 358 25.71 -30.39 -22.92
C ALA A 358 25.21 -31.83 -22.81
N LYS A 359 24.98 -32.44 -23.96
CA LYS A 359 24.43 -33.79 -24.01
C LYS A 359 25.40 -34.83 -23.45
N ASP A 360 26.69 -34.71 -23.75
CA ASP A 360 27.67 -35.71 -23.34
C ASP A 360 28.41 -35.33 -22.05
N ALA A 361 27.90 -34.34 -21.30
CA ALA A 361 28.53 -33.97 -20.05
C ALA A 361 28.29 -35.05 -18.99
N ALA A 362 29.19 -35.10 -18.01
CA ALA A 362 29.11 -36.12 -16.97
C ALA A 362 27.98 -35.87 -15.99
N LYS A 363 27.81 -34.64 -15.50
CA LYS A 363 26.80 -34.32 -14.52
C LYS A 363 25.91 -33.21 -15.05
N PRO A 364 24.60 -33.30 -14.89
CA PRO A 364 23.70 -32.26 -15.41
C PRO A 364 23.74 -30.95 -14.62
N ALA A 365 23.81 -31.04 -13.30
CA ALA A 365 23.73 -29.86 -12.45
C ALA A 365 25.05 -29.11 -12.47
N ILE A 366 25.05 -27.91 -13.05
CA ILE A 366 26.26 -27.13 -13.21
C ILE A 366 26.04 -25.69 -12.73
N PHE A 367 24.81 -25.36 -12.35
CA PHE A 367 24.46 -24.00 -11.96
C PHE A 367 24.46 -23.88 -10.44
N ARG A 368 25.00 -22.77 -9.95
CA ARG A 368 25.23 -22.59 -8.52
C ARG A 368 24.68 -21.25 -8.05
N ARG A 369 24.89 -20.98 -6.76
CA ARG A 369 24.34 -19.81 -6.10
C ARG A 369 24.99 -18.52 -6.58
N ARG A 370 24.19 -17.48 -6.73
CA ARG A 370 24.69 -16.15 -7.03
C ARG A 370 25.54 -15.64 -5.86
N PRO A 371 26.62 -14.90 -6.14
CA PRO A 371 27.53 -14.46 -5.07
C PRO A 371 26.85 -13.56 -4.04
N VAL A 372 27.30 -13.68 -2.80
CA VAL A 372 26.69 -12.96 -1.68
C VAL A 372 26.96 -11.46 -1.75
N LEU A 373 28.17 -11.07 -2.16
CA LEU A 373 28.61 -9.67 -2.21
C LEU A 373 28.54 -9.03 -0.82
N ASP A 374 29.31 -9.58 0.11
CA ASP A 374 29.41 -9.02 1.45
C ASP A 374 30.10 -7.67 1.37
N ALA A 375 29.79 -6.78 2.33
CA ALA A 375 30.44 -5.47 2.35
C ALA A 375 30.79 -5.08 3.78
N ASP A 376 31.25 -6.05 4.59
CA ASP A 376 31.77 -5.89 5.95
C ASP A 376 30.68 -5.53 6.98
N GLY A 377 29.61 -6.29 7.08
CA GLY A 377 28.52 -6.01 8.01
C GLY A 377 28.00 -7.25 8.69
N MET A 378 27.78 -7.14 10.00
CA MET A 378 27.33 -8.26 10.82
C MET A 378 26.10 -7.87 11.61
N ASP A 379 25.19 -8.84 11.77
CA ASP A 379 23.97 -8.66 12.55
C ASP A 379 23.49 -10.05 12.94
N PRO A 380 23.27 -10.32 14.23
CA PRO A 380 22.75 -11.64 14.62
C PRO A 380 21.40 -11.96 14.01
N GLU A 381 20.51 -10.97 13.87
CA GLU A 381 19.21 -11.22 13.26
C GLU A 381 19.35 -11.53 11.77
N ARG A 382 20.23 -10.81 11.08
CA ARG A 382 20.46 -11.07 9.66
C ARG A 382 21.06 -12.45 9.44
N GLU A 383 22.01 -12.85 10.30
CA GLU A 383 22.60 -14.17 10.18
C GLU A 383 21.58 -15.26 10.49
N ALA A 384 20.70 -15.03 11.47
CA ALA A 384 19.64 -16.00 11.74
C ALA A 384 18.68 -16.11 10.57
N LEU A 385 18.35 -14.98 9.94
CA LEU A 385 17.46 -14.98 8.78
C LEU A 385 18.08 -15.73 7.61
N GLU A 386 19.39 -15.56 7.40
CA GLU A 386 20.08 -16.34 6.37
C GLU A 386 20.14 -17.81 6.76
N MET A 387 20.14 -18.10 8.07
CA MET A 387 20.19 -19.49 8.51
C MET A 387 18.88 -20.22 8.25
N ILE A 388 17.73 -19.58 8.52
CA ILE A 388 16.46 -20.30 8.41
C ILE A 388 16.09 -20.53 6.94
N TYR A 389 16.39 -19.56 6.07
CA TYR A 389 16.03 -19.64 4.66
C TYR A 389 17.11 -20.28 3.80
N ARG A 390 17.92 -21.19 4.37
CA ARG A 390 19.04 -21.74 3.63
C ARG A 390 18.61 -22.73 2.56
N ASP A 391 17.40 -23.26 2.64
CA ASP A 391 16.97 -24.32 1.74
C ASP A 391 16.29 -23.80 0.47
N ARG A 392 16.10 -22.50 0.34
CA ARG A 392 15.55 -21.90 -0.88
C ARG A 392 16.60 -20.95 -1.44
N VAL A 393 17.09 -21.25 -2.64
CA VAL A 393 18.28 -20.62 -3.19
C VAL A 393 17.91 -19.80 -4.41
N GLU A 394 18.49 -18.61 -4.53
CA GLU A 394 18.38 -17.78 -5.72
C GLU A 394 19.49 -18.17 -6.68
N PHE A 395 19.12 -18.49 -7.92
CA PHE A 395 20.08 -18.99 -8.89
C PHE A 395 20.44 -18.00 -9.98
N ALA A 396 19.56 -17.03 -10.28
CA ALA A 396 19.80 -16.14 -11.41
C ALA A 396 19.05 -14.84 -11.18
N VAL A 397 19.35 -13.86 -12.02
CA VAL A 397 18.65 -12.58 -12.03
C VAL A 397 18.34 -12.24 -13.49
N GLY A 398 17.34 -11.39 -13.71
CA GLY A 398 16.94 -11.03 -15.05
C GLY A 398 17.13 -9.57 -15.36
N HIS A 399 17.30 -9.27 -16.64
CA HIS A 399 17.45 -7.90 -17.12
C HIS A 399 16.27 -7.59 -18.02
N GLY A 400 15.18 -7.10 -17.41
CA GLY A 400 13.97 -6.79 -18.14
C GLY A 400 12.98 -7.92 -18.26
N VAL A 401 13.37 -9.14 -17.90
CA VAL A 401 12.48 -10.30 -17.93
C VAL A 401 12.71 -11.08 -16.64
N ALA A 402 11.64 -11.63 -16.08
CA ALA A 402 11.76 -12.52 -14.92
C ALA A 402 12.37 -13.86 -15.34
N VAL A 403 12.94 -14.57 -14.36
CA VAL A 403 13.64 -15.82 -14.59
C VAL A 403 12.96 -16.95 -13.85
N HIS A 404 13.37 -18.18 -14.16
CA HIS A 404 12.85 -19.37 -13.51
C HIS A 404 13.88 -20.48 -13.62
N ALA A 405 14.09 -21.21 -12.54
CA ALA A 405 15.15 -22.21 -12.45
C ALA A 405 14.61 -23.54 -11.96
N GLU A 406 15.15 -24.63 -12.51
CA GLU A 406 14.79 -25.98 -12.11
C GLU A 406 15.85 -26.55 -11.18
N ILE A 407 15.41 -27.28 -10.15
CA ILE A 407 16.27 -27.68 -9.05
C ILE A 407 16.37 -29.20 -9.02
N ALA A 408 17.60 -29.71 -8.90
CA ALA A 408 17.85 -31.15 -8.88
C ALA A 408 17.59 -31.71 -7.48
N ASP A 409 18.04 -32.95 -7.27
CA ASP A 409 17.85 -33.63 -5.99
C ASP A 409 18.60 -32.95 -4.84
N ASP A 410 19.76 -32.34 -5.12
CA ASP A 410 20.45 -31.49 -4.16
C ASP A 410 19.90 -30.08 -4.32
N VAL A 411 19.45 -29.49 -3.20
CA VAL A 411 18.77 -28.20 -3.25
C VAL A 411 19.73 -27.04 -3.48
N THR A 412 21.03 -27.30 -3.50
CA THR A 412 22.02 -26.26 -3.78
C THR A 412 22.41 -26.24 -5.26
N LEU A 413 21.96 -27.22 -6.05
CA LEU A 413 22.35 -27.35 -7.44
C LEU A 413 21.13 -27.23 -8.35
N ALA A 414 21.31 -26.55 -9.49
CA ALA A 414 20.26 -26.33 -10.46
C ALA A 414 20.70 -26.85 -11.82
N THR A 415 19.73 -27.33 -12.60
CA THR A 415 20.01 -27.96 -13.88
C THR A 415 19.69 -27.09 -15.09
N GLU A 416 18.63 -26.29 -15.03
CA GLU A 416 18.22 -25.46 -16.16
C GLU A 416 17.82 -24.09 -15.65
N VAL A 417 18.06 -23.06 -16.46
CA VAL A 417 17.52 -21.73 -16.22
C VAL A 417 16.83 -21.26 -17.48
N ARG A 418 15.71 -20.55 -17.32
CA ARG A 418 14.94 -20.04 -18.44
C ARG A 418 14.27 -18.74 -18.04
N THR A 419 13.90 -17.95 -19.05
CA THR A 419 13.19 -16.71 -18.80
C THR A 419 11.69 -16.90 -18.97
N THR A 420 10.93 -16.10 -18.22
CA THR A 420 9.48 -16.14 -18.29
C THR A 420 8.97 -14.70 -18.35
N VAL A 421 8.09 -14.43 -19.32
CA VAL A 421 7.58 -13.09 -19.53
C VAL A 421 6.65 -12.66 -18.41
N MET A 422 5.72 -13.52 -18.00
CA MET A 422 4.86 -13.25 -16.86
C MET A 422 4.96 -14.41 -15.86
N PRO A 423 5.50 -14.16 -14.67
CA PRO A 423 5.79 -15.26 -13.74
C PRO A 423 4.65 -15.56 -12.79
N GLN A 424 4.64 -16.79 -12.29
CA GLN A 424 3.65 -17.25 -11.33
C GLN A 424 4.32 -18.06 -10.22
N TYR A 425 3.78 -17.94 -9.00
CA TYR A 425 4.28 -18.66 -7.84
C TYR A 425 3.18 -18.77 -6.81
N GLU A 426 3.17 -19.88 -6.07
CA GLU A 426 2.13 -20.19 -5.10
C GLU A 426 2.75 -20.30 -3.72
N VAL A 427 2.03 -19.81 -2.70
CA VAL A 427 2.54 -19.69 -1.35
C VAL A 427 1.89 -20.73 -0.46
N GLN A 428 2.68 -21.41 0.37
CA GLN A 428 2.16 -22.42 1.27
C GLN A 428 1.39 -21.77 2.42
N ALA A 429 0.44 -22.51 2.98
CA ALA A 429 -0.40 -21.99 4.06
C ALA A 429 0.10 -22.46 5.42
N THR A 430 -0.23 -21.69 6.45
CA THR A 430 0.15 -21.99 7.83
C THR A 430 -1.10 -22.33 8.64
N GLU A 431 -0.97 -23.31 9.52
CA GLU A 431 -2.07 -23.78 10.34
C GLU A 431 -1.58 -24.11 11.75
N THR A 432 -2.53 -24.31 12.64
CA THR A 432 -2.25 -24.86 13.95
C THR A 432 -2.47 -26.38 13.92
N PRO A 433 -1.51 -27.18 14.36
CA PRO A 433 -1.59 -28.62 14.13
C PRO A 433 -2.54 -29.31 15.09
N GLY A 434 -2.97 -30.51 14.70
CA GLY A 434 -3.80 -31.32 15.55
C GLY A 434 -4.89 -32.09 14.82
N LEU A 435 -5.15 -31.74 13.57
CA LEU A 435 -6.28 -32.32 12.85
C LEU A 435 -5.89 -33.42 11.86
N GLU A 436 -4.65 -33.45 11.40
CA GLU A 436 -4.21 -34.40 10.38
C GLU A 436 -3.58 -35.62 11.03
N LEU A 437 -3.45 -36.70 10.25
CA LEU A 437 -2.95 -37.95 10.78
C LEU A 437 -1.43 -37.96 10.94
N SER A 438 -0.73 -37.01 10.32
CA SER A 438 0.73 -37.02 10.32
C SER A 438 1.35 -36.14 11.40
N ASP A 439 0.55 -35.52 12.26
CA ASP A 439 1.09 -34.62 13.26
C ASP A 439 1.64 -35.40 14.45
N ARG A 440 2.11 -34.66 15.45
CA ARG A 440 2.72 -35.25 16.63
C ARG A 440 1.66 -35.99 17.45
N PRO A 441 2.01 -37.10 18.10
CA PRO A 441 1.00 -37.87 18.85
C PRO A 441 0.39 -37.13 20.03
N ALA A 442 1.16 -36.26 20.69
CA ALA A 442 0.65 -35.56 21.86
C ALA A 442 -0.43 -34.55 21.51
N MET A 443 -0.27 -33.84 20.40
CA MET A 443 -1.29 -32.88 19.99
C MET A 443 -2.59 -33.58 19.60
N ARG A 444 -2.49 -34.72 18.91
CA ARG A 444 -3.69 -35.48 18.57
C ARG A 444 -4.34 -36.06 19.81
N GLU A 445 -3.53 -36.46 20.79
CA GLU A 445 -4.09 -36.94 22.06
C GLU A 445 -4.81 -35.83 22.81
N MET A 446 -4.24 -34.61 22.77
CA MET A 446 -4.86 -33.47 23.44
C MET A 446 -6.18 -33.08 22.76
N VAL A 447 -6.21 -33.12 21.43
CA VAL A 447 -7.43 -32.78 20.72
C VAL A 447 -8.51 -33.84 20.92
N SER A 448 -8.12 -35.11 20.86
CA SER A 448 -9.09 -36.19 20.96
C SER A 448 -9.65 -36.37 22.37
N SER A 449 -8.89 -36.02 23.40
CA SER A 449 -9.33 -36.22 24.78
C SER A 449 -10.04 -35.01 25.37
N GLY A 450 -10.21 -33.93 24.60
CA GLY A 450 -10.93 -32.77 25.08
C GLY A 450 -10.24 -31.96 26.14
N LEU A 451 -8.91 -31.99 26.20
CA LEU A 451 -8.17 -31.23 27.20
C LEU A 451 -8.05 -29.75 26.88
N LEU A 452 -8.54 -29.32 25.72
CA LEU A 452 -8.53 -27.91 25.35
C LEU A 452 -9.85 -27.21 25.59
N ASP A 453 -10.83 -27.90 26.17
CA ASP A 453 -12.16 -27.35 26.39
C ASP A 453 -12.12 -26.30 27.49
N MET A 454 -12.70 -25.12 27.23
CA MET A 454 -12.74 -24.08 28.24
C MET A 454 -13.69 -24.41 29.37
N GLN A 455 -14.80 -25.10 29.08
CA GLN A 455 -15.79 -25.42 30.10
C GLN A 455 -15.28 -26.51 31.04
N ARG A 456 -14.53 -27.48 30.51
CA ARG A 456 -14.08 -28.59 31.33
C ARG A 456 -12.99 -28.18 32.30
N LEU A 457 -12.20 -27.16 31.94
CA LEU A 457 -11.03 -26.82 32.74
C LEU A 457 -11.41 -26.08 34.02
N ALA A 458 -12.64 -25.56 34.10
CA ALA A 458 -13.04 -24.80 35.27
C ALA A 458 -13.67 -25.66 36.36
N THR A 459 -13.86 -26.95 36.10
CA THR A 459 -14.53 -27.83 37.07
C THR A 459 -13.60 -28.86 37.68
N LEU A 460 -12.39 -29.03 37.16
CA LEU A 460 -11.49 -30.07 37.64
C LEU A 460 -10.84 -29.68 38.96
N ASP A 461 -10.36 -30.69 39.68
CA ASP A 461 -9.56 -30.45 40.87
C ASP A 461 -8.15 -30.00 40.48
N ILE A 462 -7.34 -29.65 41.49
CA ILE A 462 -6.03 -29.08 41.23
C ILE A 462 -5.08 -30.11 40.65
N ASP A 463 -5.15 -31.38 41.11
CA ASP A 463 -4.24 -32.39 40.59
C ASP A 463 -4.56 -32.83 39.17
N PRO A 464 -5.83 -33.11 38.79
CA PRO A 464 -6.11 -33.29 37.36
C PRO A 464 -5.82 -32.07 36.52
N LEU A 465 -5.95 -30.86 37.08
CA LEU A 465 -5.60 -29.65 36.33
C LEU A 465 -4.12 -29.61 36.00
N VAL A 466 -3.26 -29.91 36.99
CA VAL A 466 -1.83 -29.89 36.73
C VAL A 466 -1.43 -31.07 35.83
N ASP A 467 -2.17 -32.18 35.91
CA ASP A 467 -1.91 -33.31 35.03
C ASP A 467 -2.26 -32.96 33.58
N ALA A 468 -3.35 -32.21 33.37
CA ALA A 468 -3.72 -31.81 32.03
C ALA A 468 -2.80 -30.74 31.49
N LEU A 469 -2.30 -29.86 32.37
CA LEU A 469 -1.42 -28.79 31.90
C LEU A 469 0.02 -29.24 31.70
N SER A 470 0.43 -30.38 32.27
CA SER A 470 1.81 -30.83 32.10
C SER A 470 2.06 -31.41 30.71
N VAL A 471 0.99 -31.79 30.00
CA VAL A 471 1.15 -32.41 28.68
C VAL A 471 1.64 -31.37 27.67
N LEU A 472 1.27 -30.12 27.86
CA LEU A 472 1.72 -29.07 26.94
C LEU A 472 3.21 -28.79 27.09
N THR A 473 3.78 -29.05 28.27
CA THR A 473 5.19 -28.76 28.50
C THR A 473 6.10 -29.96 28.29
N ASN A 474 5.62 -31.18 28.56
CA ASN A 474 6.44 -32.37 28.36
C ASN A 474 6.80 -32.56 26.90
N ASP A 475 5.82 -32.41 26.00
CA ASP A 475 6.10 -32.58 24.58
C ASP A 475 6.95 -31.44 24.03
N TYR A 476 6.80 -30.24 24.57
CA TYR A 476 7.66 -29.13 24.17
C TYR A 476 9.11 -29.40 24.56
N ALA A 477 9.33 -29.93 25.77
CA ALA A 477 10.68 -30.30 26.18
C ALA A 477 11.25 -31.42 25.33
N THR A 478 10.41 -32.38 24.96
CA THR A 478 10.85 -33.45 24.06
C THR A 478 11.24 -32.91 22.70
N TRP A 479 10.47 -31.96 22.18
CA TRP A 479 10.79 -31.36 20.89
C TRP A 479 12.10 -30.58 20.94
N ILE A 480 12.33 -29.86 22.05
CA ILE A 480 13.59 -29.13 22.21
C ILE A 480 14.77 -30.11 22.29
N ASP A 481 14.59 -31.22 22.99
CA ASP A 481 15.65 -32.23 23.06
C ASP A 481 15.92 -32.86 21.69
N GLU A 482 14.87 -33.06 20.89
CA GLU A 482 15.04 -33.62 19.56
C GLU A 482 15.76 -32.65 18.63
N GLN A 483 15.50 -31.35 18.77
CA GLN A 483 16.10 -30.38 17.86
C GLN A 483 17.59 -30.20 18.11
N ASN A 484 18.08 -30.67 19.26
CA ASN A 484 19.48 -30.42 19.62
C ASN A 484 20.44 -31.30 18.82
N LEU A 485 19.97 -32.47 18.36
CA LEU A 485 20.87 -33.42 17.72
C LEU A 485 21.25 -33.01 16.30
N ASN A 486 20.45 -32.15 15.67
CA ASN A 486 20.60 -31.86 14.25
C ASN A 486 21.55 -30.71 13.95
N VAL A 487 22.25 -30.19 14.95
CA VAL A 487 23.14 -29.05 14.73
C VAL A 487 24.34 -29.47 13.90
N SER A 488 24.91 -30.63 14.19
CA SER A 488 26.13 -31.07 13.49
C SER A 488 25.83 -31.51 12.06
N SER A 489 24.64 -32.04 11.81
CA SER A 489 24.33 -32.62 10.51
C SER A 489 23.68 -31.62 9.56
N LYS A 490 22.60 -30.95 10.00
CA LYS A 490 21.76 -30.17 9.11
C LYS A 490 21.94 -28.67 9.25
N ALA A 491 22.99 -28.20 9.93
CA ALA A 491 23.25 -26.77 10.07
C ALA A 491 24.71 -26.43 9.86
N LYS A 492 25.35 -27.01 8.85
CA LYS A 492 26.77 -26.78 8.63
C LYS A 492 27.00 -25.35 8.15
N GLY A 493 27.97 -24.68 8.76
CA GLY A 493 28.21 -23.27 8.52
C GLY A 493 27.42 -22.33 9.42
N PHE A 494 26.47 -22.85 10.19
CA PHE A 494 25.63 -22.05 11.08
C PHE A 494 25.50 -22.66 12.47
N ASP A 495 26.61 -23.08 13.08
CA ASP A 495 26.53 -23.75 14.38
C ASP A 495 26.25 -22.77 15.51
N THR A 496 26.88 -21.59 15.47
CA THR A 496 26.71 -20.61 16.53
C THR A 496 25.27 -20.11 16.61
N GLN A 497 24.69 -19.78 15.45
CA GLN A 497 23.30 -19.36 15.41
C GLN A 497 22.37 -20.49 15.81
N ALA A 498 22.75 -21.73 15.53
CA ALA A 498 21.95 -22.88 15.96
C ALA A 498 21.90 -22.98 17.48
N GLN A 499 23.05 -22.83 18.14
CA GLN A 499 23.07 -22.88 19.61
C GLN A 499 22.31 -21.69 20.22
N THR A 500 22.48 -20.51 19.62
CA THR A 500 21.77 -19.32 20.11
C THR A 500 20.26 -19.47 19.95
N ALA A 501 19.80 -20.14 18.89
CA ALA A 501 18.37 -20.39 18.75
C ALA A 501 17.90 -21.50 19.66
N ILE A 502 18.80 -22.42 20.02
CA ILE A 502 18.42 -23.52 20.90
C ILE A 502 18.15 -23.03 22.32
N ASN A 503 18.93 -22.05 22.79
CA ASN A 503 18.85 -21.62 24.20
C ASN A 503 17.48 -21.02 24.56
N ARG A 504 16.88 -20.27 23.64
CA ARG A 504 15.66 -19.53 23.97
C ARG A 504 14.45 -20.44 24.13
N CYS A 505 14.44 -21.59 23.46
CA CYS A 505 13.38 -22.57 23.72
C CYS A 505 13.42 -23.09 25.14
N GLN A 506 14.63 -23.34 25.67
CA GLN A 506 14.77 -23.72 27.07
C GLN A 506 14.33 -22.61 28.01
N GLU A 507 14.61 -21.36 27.64
CA GLU A 507 14.12 -20.24 28.44
C GLU A 507 12.59 -20.22 28.50
N ILE A 508 11.93 -20.42 27.35
CA ILE A 508 10.48 -20.41 27.29
C ILE A 508 9.89 -21.56 28.10
N HIS A 509 10.52 -22.73 28.03
CA HIS A 509 10.05 -23.87 28.83
C HIS A 509 10.19 -23.61 30.33
N THR A 510 11.29 -22.94 30.72
CA THR A 510 11.45 -22.54 32.12
C THR A 510 10.33 -21.63 32.58
N ARG A 511 9.97 -20.64 31.74
CA ARG A 511 8.89 -19.73 32.12
C ARG A 511 7.52 -20.43 32.15
N LEU A 512 7.30 -21.42 31.27
CA LEU A 512 6.06 -22.19 31.33
C LEU A 512 5.94 -22.98 32.64
N GLN A 513 7.03 -23.64 33.04
CA GLN A 513 6.99 -24.38 34.31
C GLN A 513 6.83 -23.42 35.49
N GLU A 514 7.41 -22.22 35.40
CA GLU A 514 7.22 -21.22 36.43
C GLU A 514 5.75 -20.80 36.54
N GLY A 515 5.08 -20.64 35.39
CA GLY A 515 3.66 -20.30 35.42
C GLY A 515 2.80 -21.38 36.05
N ILE A 516 3.11 -22.64 35.74
CA ILE A 516 2.37 -23.75 36.36
C ILE A 516 2.61 -23.79 37.87
N ASN A 517 3.85 -23.52 38.30
CA ASN A 517 4.17 -23.49 39.73
C ASN A 517 3.38 -22.37 40.41
N THR A 518 3.31 -21.20 39.77
CA THR A 518 2.55 -20.08 40.34
C THR A 518 1.08 -20.43 40.49
N LEU A 519 0.51 -21.10 39.48
CA LEU A 519 -0.88 -21.55 39.58
C LEU A 519 -1.08 -22.62 40.66
N LYS A 520 -0.04 -23.38 41.00
CA LYS A 520 -0.21 -24.43 42.01
C LYS A 520 -0.33 -23.88 43.43
N SER A 521 0.44 -22.84 43.77
CA SER A 521 0.55 -22.43 45.16
C SER A 521 -0.52 -21.44 45.59
N ASN A 522 -0.99 -20.60 44.68
CA ASN A 522 -1.89 -19.49 45.03
C ASN A 522 -3.33 -19.91 44.76
N GLU A 523 -4.26 -19.34 45.55
CA GLU A 523 -5.67 -19.68 45.42
C GLU A 523 -6.47 -18.60 44.70
N ASN A 524 -6.11 -17.33 44.93
CA ASN A 524 -6.74 -16.23 44.20
C ASN A 524 -6.46 -16.34 42.71
N ALA A 525 -5.25 -16.79 42.34
CA ALA A 525 -4.92 -17.02 40.94
C ALA A 525 -5.79 -18.12 40.35
N LEU A 526 -6.06 -19.17 41.12
CA LEU A 526 -6.91 -20.26 40.65
C LEU A 526 -8.34 -19.79 40.42
N ALA A 527 -8.86 -18.97 41.34
CA ALA A 527 -10.21 -18.43 41.18
C ALA A 527 -10.30 -17.53 39.96
N ALA A 528 -9.29 -16.66 39.76
CA ALA A 528 -9.28 -15.77 38.60
C ALA A 528 -9.17 -16.56 37.29
N PHE A 529 -8.38 -17.63 37.30
CA PHE A 529 -8.23 -18.48 36.12
C PHE A 529 -9.55 -19.13 35.74
N ARG A 530 -10.28 -19.65 36.74
CA ARG A 530 -11.58 -20.27 36.48
C ARG A 530 -12.59 -19.23 35.97
N PHE A 531 -12.58 -18.04 36.56
CA PHE A 531 -13.50 -16.97 36.15
C PHE A 531 -13.25 -16.57 34.69
N ALA A 532 -11.97 -16.41 34.33
CA ALA A 532 -11.63 -16.03 32.95
C ALA A 532 -12.02 -17.13 31.96
N ASN A 533 -11.82 -18.39 32.34
CA ASN A 533 -12.22 -19.50 31.47
C ASN A 533 -13.71 -19.50 31.20
N GLN A 534 -14.51 -19.33 32.26
CA GLN A 534 -15.96 -19.33 32.08
C GLN A 534 -16.43 -18.14 31.26
N ALA A 535 -15.86 -16.95 31.48
CA ALA A 535 -16.27 -15.76 30.74
C ALA A 535 -15.94 -15.90 29.26
N MET A 536 -14.74 -16.40 28.94
CA MET A 536 -14.37 -16.61 27.54
C MET A 536 -15.27 -17.62 26.85
N ALA A 537 -15.59 -18.73 27.54
CA ALA A 537 -16.46 -19.74 26.93
C ALA A 537 -17.85 -19.19 26.65
N THR A 538 -18.41 -18.42 27.60
CA THR A 538 -19.75 -17.87 27.42
C THR A 538 -19.79 -16.88 26.26
N GLN A 539 -18.80 -15.98 26.19
CA GLN A 539 -18.77 -15.02 25.08
C GLN A 539 -18.60 -15.72 23.74
N ARG A 540 -17.73 -16.73 23.70
CA ARG A 540 -17.47 -17.47 22.47
C ARG A 540 -18.74 -18.16 21.96
N ILE A 541 -19.53 -18.73 22.87
CA ILE A 541 -20.73 -19.42 22.42
C ILE A 541 -21.81 -18.41 21.98
N ARG A 542 -21.92 -17.27 22.68
CA ARG A 542 -23.09 -16.44 22.46
C ARG A 542 -22.92 -15.50 21.27
N SER A 543 -21.69 -15.22 20.88
CA SER A 543 -21.48 -14.34 19.73
C SER A 543 -22.04 -14.93 18.44
N LEU A 544 -21.87 -16.24 18.23
CA LEU A 544 -22.40 -16.89 17.03
C LEU A 544 -23.92 -16.89 17.01
N TYR A 545 -24.55 -17.11 18.16
CA TYR A 545 -26.01 -17.05 18.24
C TYR A 545 -26.52 -15.65 17.93
N ALA A 546 -25.83 -14.62 18.43
CA ALA A 546 -26.22 -13.25 18.11
C ALA A 546 -26.09 -12.96 16.62
N LEU A 547 -24.99 -13.41 16.01
CA LEU A 547 -24.79 -13.18 14.58
C LEU A 547 -25.84 -13.91 13.75
N ALA A 548 -26.19 -15.14 14.13
CA ALA A 548 -27.21 -15.89 13.39
C ALA A 548 -28.59 -15.27 13.56
N MET A 549 -28.87 -14.74 14.76
CA MET A 549 -30.18 -14.13 15.00
C MET A 549 -30.33 -12.81 14.26
N ARG A 550 -29.22 -12.09 14.05
CA ARG A 550 -29.31 -10.80 13.36
C ARG A 550 -29.59 -10.97 11.87
N ARG A 551 -29.34 -12.14 11.30
CA ARG A 551 -29.54 -12.38 9.87
C ARG A 551 -30.85 -13.11 9.57
N GLY A 552 -31.80 -13.12 10.50
CA GLY A 552 -33.10 -13.68 10.22
C GLY A 552 -33.19 -15.19 10.26
N GLU A 553 -32.13 -15.86 10.69
CA GLU A 553 -32.17 -17.32 10.80
C GLU A 553 -33.06 -17.76 11.95
N ASP A 554 -33.80 -18.83 11.75
CA ASP A 554 -34.68 -19.39 12.77
C ASP A 554 -33.95 -20.53 13.46
N VAL A 555 -33.27 -20.21 14.57
CA VAL A 555 -32.50 -21.18 15.33
C VAL A 555 -32.77 -21.00 16.82
N THR A 556 -32.28 -21.96 17.60
CA THR A 556 -32.35 -21.90 19.05
C THR A 556 -30.95 -21.94 19.63
N LEU A 557 -30.84 -21.77 20.95
CA LEU A 557 -29.53 -21.76 21.59
C LEU A 557 -28.98 -23.16 21.79
N ASP A 558 -29.78 -24.20 21.55
CA ASP A 558 -29.33 -25.58 21.73
C ASP A 558 -28.30 -25.95 20.68
N LYS A 559 -28.42 -25.38 19.47
CA LYS A 559 -27.58 -25.75 18.35
C LYS A 559 -26.09 -25.44 18.59
N PHE A 560 -25.81 -24.29 19.20
CA PHE A 560 -24.44 -23.80 19.24
C PHE A 560 -23.64 -24.31 20.43
N ASP A 561 -24.19 -25.21 21.24
CA ASP A 561 -23.47 -25.72 22.41
C ASP A 561 -22.84 -27.07 22.06
N VAL A 562 -21.67 -27.01 21.42
CA VAL A 562 -20.91 -28.18 21.04
C VAL A 562 -19.45 -27.99 21.43
N LEU A 563 -18.71 -29.09 21.46
CA LEU A 563 -17.31 -29.06 21.87
C LEU A 563 -16.45 -28.32 20.85
N LYS A 564 -16.87 -28.31 19.59
CA LYS A 564 -16.07 -27.73 18.51
C LYS A 564 -15.92 -26.21 18.68
N ASN A 565 -16.96 -25.55 19.16
CA ASN A 565 -16.97 -24.09 19.25
C ASN A 565 -16.55 -23.55 20.60
N ARG A 566 -16.03 -24.39 21.50
CA ARG A 566 -15.62 -23.89 22.81
C ARG A 566 -14.29 -24.48 23.27
N SER A 567 -13.34 -24.66 22.35
CA SER A 567 -12.03 -25.21 22.69
C SER A 567 -10.94 -24.19 22.39
N TRP A 568 -9.85 -24.28 23.15
CA TRP A 568 -8.69 -23.43 22.93
C TRP A 568 -7.94 -23.85 21.67
N ARG A 569 -6.94 -23.05 21.32
CA ARG A 569 -5.82 -23.33 20.44
C ARG A 569 -4.52 -23.16 21.23
N PRO A 570 -3.56 -24.06 21.00
CA PRO A 570 -2.45 -24.23 21.97
C PRO A 570 -1.62 -23.00 22.26
N PHE A 571 -1.35 -22.14 21.27
CA PHE A 571 -0.49 -21.00 21.54
C PHE A 571 -1.19 -19.92 22.37
N GLN A 572 -2.52 -19.84 22.31
CA GLN A 572 -3.25 -18.93 23.17
C GLN A 572 -3.15 -19.35 24.63
N LEU A 573 -3.33 -20.65 24.91
CA LEU A 573 -3.21 -21.15 26.27
C LEU A 573 -1.76 -21.04 26.76
N ALA A 574 -0.79 -21.26 25.88
CA ALA A 574 0.61 -21.09 26.25
C ALA A 574 0.93 -19.65 26.60
N PHE A 575 0.39 -18.69 25.84
CA PHE A 575 0.58 -17.28 26.17
C PHE A 575 -0.09 -16.91 27.48
N LEU A 576 -1.26 -17.49 27.75
CA LEU A 576 -1.93 -17.26 29.03
C LEU A 576 -1.07 -17.77 30.19
N LEU A 577 -0.48 -18.95 30.04
CA LEU A 577 0.37 -19.49 31.11
C LEU A 577 1.67 -18.71 31.25
N LEU A 578 2.17 -18.14 30.15
CA LEU A 578 3.31 -17.24 30.25
C LEU A 578 2.97 -15.99 31.06
N SER A 579 1.80 -15.40 30.84
CA SER A 579 1.51 -14.09 31.42
C SER A 579 1.00 -14.14 32.86
N ILE A 580 0.82 -15.33 33.43
CA ILE A 580 0.25 -15.43 34.78
C ILE A 580 1.17 -14.88 35.89
N PRO A 581 2.46 -15.29 36.00
CA PRO A 581 3.23 -14.87 37.19
C PRO A 581 3.46 -13.38 37.34
N SER A 582 3.51 -12.63 36.24
CA SER A 582 3.79 -11.20 36.34
C SER A 582 2.59 -10.41 36.86
N LEU A 583 1.38 -10.96 36.77
CA LEU A 583 0.18 -10.23 37.14
C LEU A 583 -0.36 -10.64 38.51
N ALA A 584 -0.12 -11.88 38.92
CA ALA A 584 -0.67 -12.38 40.18
C ALA A 584 0.00 -11.73 41.38
N ASP A 585 1.30 -11.50 41.33
CA ASP A 585 2.02 -10.91 42.45
C ASP A 585 2.80 -9.69 41.97
N PRO A 586 2.48 -8.49 42.47
CA PRO A 586 3.23 -7.29 42.06
C PRO A 586 4.68 -7.28 42.55
N CYS A 587 5.03 -8.14 43.51
CA CYS A 587 6.41 -8.24 44.00
C CYS A 587 7.29 -9.11 43.12
N HIS A 588 6.81 -9.52 41.96
CA HIS A 588 7.63 -10.26 41.01
C HIS A 588 8.76 -9.37 40.50
N PRO A 589 9.95 -9.92 40.23
CA PRO A 589 11.08 -9.07 39.79
C PRO A 589 10.88 -8.42 38.43
N ASP A 590 9.86 -8.82 37.66
CA ASP A 590 9.60 -8.19 36.37
C ASP A 590 9.17 -6.74 36.55
N ARG A 591 8.40 -6.43 37.59
CA ARG A 591 7.73 -5.15 37.70
C ARG A 591 8.30 -4.21 38.75
N VAL A 592 9.41 -4.55 39.41
CA VAL A 592 9.87 -3.76 40.54
C VAL A 592 11.30 -3.25 40.35
N LYS A 593 11.89 -3.45 39.18
CA LYS A 593 13.25 -2.96 38.97
C LYS A 593 13.38 -2.48 37.53
N PRO A 594 14.20 -1.45 37.27
CA PRO A 594 14.16 -0.78 35.96
C PRO A 594 14.92 -1.50 34.85
N ILE A 595 15.83 -2.41 35.18
CA ILE A 595 16.62 -3.11 34.18
C ILE A 595 16.11 -4.55 34.10
N GLU A 596 16.25 -5.15 32.92
CA GLU A 596 15.82 -6.51 32.59
C GLU A 596 14.31 -6.69 32.73
N ALA A 597 13.52 -5.65 32.54
CA ALA A 597 12.07 -5.79 32.54
C ALA A 597 11.62 -6.25 31.16
N TYR A 598 10.85 -7.33 31.12
CA TYR A 598 10.46 -7.94 29.86
C TYR A 598 9.16 -7.35 29.32
N ALA A 599 9.15 -7.06 28.03
CA ALA A 599 7.95 -6.67 27.31
C ALA A 599 7.65 -7.71 26.24
N ASP A 600 6.52 -8.38 26.36
CA ASP A 600 6.23 -9.57 25.58
C ASP A 600 5.68 -9.19 24.22
N LEU A 601 6.45 -9.51 23.17
CA LEU A 601 6.06 -9.26 21.79
C LEU A 601 5.51 -10.56 21.22
N LEU A 602 4.31 -10.50 20.65
CA LEU A 602 3.64 -11.68 20.09
C LEU A 602 3.52 -11.50 18.59
N TRP A 603 4.01 -12.49 17.83
CA TRP A 603 3.96 -12.43 16.38
C TRP A 603 3.46 -13.74 15.81
N PHE A 604 2.67 -13.64 14.75
CA PHE A 604 2.01 -14.78 14.12
C PHE A 604 1.48 -14.33 12.77
N PRO A 605 1.24 -15.27 11.84
CA PRO A 605 0.54 -14.91 10.61
C PRO A 605 -0.87 -14.41 10.88
N THR A 606 -1.34 -13.52 10.02
CA THR A 606 -2.68 -12.96 10.18
C THR A 606 -3.74 -14.03 9.94
N GLY A 607 -4.72 -14.07 10.84
CA GLY A 607 -5.73 -15.10 10.82
C GLY A 607 -5.68 -16.04 12.02
N GLY A 608 -4.55 -16.10 12.72
CA GLY A 608 -4.49 -16.82 13.98
C GLY A 608 -5.06 -15.96 15.09
N GLY A 609 -5.52 -16.61 16.14
CA GLY A 609 -6.25 -15.90 17.18
C GLY A 609 -5.39 -15.10 18.14
N LYS A 610 -4.80 -14.01 17.67
CA LYS A 610 -4.06 -13.15 18.59
C LYS A 610 -5.00 -12.31 19.46
N THR A 611 -6.10 -11.84 18.87
CA THR A 611 -7.04 -10.98 19.61
C THR A 611 -7.69 -11.75 20.76
N GLU A 612 -8.15 -12.97 20.48
CA GLU A 612 -8.67 -13.82 21.54
C GLU A 612 -7.58 -14.20 22.54
N ALA A 613 -6.31 -14.14 22.11
CA ALA A 613 -5.22 -14.44 23.03
C ALA A 613 -5.04 -13.34 24.07
N TYR A 614 -5.01 -12.06 23.65
CA TYR A 614 -4.80 -11.08 24.72
C TYR A 614 -6.09 -10.63 25.40
N LEU A 615 -7.27 -10.93 24.84
CA LEU A 615 -8.48 -10.63 25.59
C LEU A 615 -8.61 -11.52 26.82
N GLY A 616 -8.10 -12.75 26.77
CA GLY A 616 -8.09 -13.60 27.95
C GLY A 616 -7.15 -13.08 29.03
N VAL A 617 -6.01 -12.53 28.62
CA VAL A 617 -5.09 -11.90 29.56
C VAL A 617 -5.75 -10.69 30.21
N ALA A 618 -6.51 -9.92 29.42
CA ALA A 618 -7.26 -8.80 29.99
C ALA A 618 -8.31 -9.26 30.99
N ALA A 619 -9.01 -10.35 30.69
CA ALA A 619 -10.00 -10.88 31.62
C ALA A 619 -9.38 -11.37 32.91
N PHE A 620 -8.23 -12.06 32.82
CA PHE A 620 -7.55 -12.52 34.03
C PHE A 620 -7.05 -11.34 34.84
N THR A 621 -6.55 -10.30 34.17
CA THR A 621 -6.06 -9.12 34.88
C THR A 621 -7.20 -8.42 35.60
N MET A 622 -8.39 -8.37 34.98
CA MET A 622 -9.55 -7.79 35.65
C MET A 622 -9.98 -8.60 36.86
N ALA A 623 -9.97 -9.93 36.74
CA ALA A 623 -10.54 -10.75 37.80
C ALA A 623 -9.67 -10.79 39.05
N ILE A 624 -8.34 -10.73 38.89
CA ILE A 624 -7.44 -10.96 40.02
C ILE A 624 -7.30 -9.70 40.86
N ARG A 625 -7.57 -8.53 40.27
CA ARG A 625 -7.31 -7.26 40.95
C ARG A 625 -8.26 -7.04 42.13
N ARG A 626 -9.51 -7.52 42.00
CA ARG A 626 -10.48 -7.31 43.07
C ARG A 626 -10.26 -8.22 44.26
N MET A 627 -9.47 -9.28 44.11
CA MET A 627 -9.26 -10.23 45.20
C MET A 627 -7.99 -9.97 45.99
N GLN A 628 -7.13 -9.06 45.53
CA GLN A 628 -5.86 -8.84 46.21
C GLN A 628 -5.99 -8.01 47.48
N GLY A 629 -7.08 -7.26 47.64
CA GLY A 629 -7.22 -6.38 48.77
C GLY A 629 -6.55 -5.05 48.56
N ASN A 630 -6.72 -4.17 49.54
CA ASN A 630 -6.17 -2.81 49.48
C ASN A 630 -4.74 -2.84 50.02
N LEU A 631 -3.80 -3.06 49.11
CA LEU A 631 -2.39 -3.13 49.47
C LEU A 631 -1.71 -1.77 49.30
N GLY A 632 -0.89 -1.42 50.27
CA GLY A 632 -0.05 -0.24 50.17
C GLY A 632 -0.78 1.08 50.30
N GLY A 633 -1.96 1.06 50.91
CA GLY A 633 -2.72 2.28 51.08
C GLY A 633 -3.42 2.77 49.83
N TYR A 634 -3.70 1.89 48.89
CA TYR A 634 -4.41 2.22 47.66
C TYR A 634 -5.67 1.37 47.56
N ASP A 635 -6.70 1.93 46.93
CA ASP A 635 -7.94 1.20 46.74
C ASP A 635 -7.85 0.34 45.49
N SER A 636 -8.48 -0.83 45.54
CA SER A 636 -8.48 -1.76 44.42
C SER A 636 -9.86 -2.26 44.03
N SER A 637 -10.92 -1.74 44.66
CA SER A 637 -12.27 -2.22 44.36
C SER A 637 -12.85 -1.58 43.11
N ARG A 638 -12.22 -0.53 42.58
CA ARG A 638 -12.75 0.16 41.41
C ARG A 638 -11.60 0.84 40.68
N GLY A 639 -11.94 1.46 39.56
CA GLY A 639 -10.98 2.23 38.78
C GLY A 639 -10.60 1.56 37.48
N LEU A 640 -9.78 2.25 36.71
CA LEU A 640 -9.33 1.75 35.42
C LEU A 640 -8.23 0.71 35.61
N THR A 641 -8.28 -0.35 34.80
CA THR A 641 -7.33 -1.46 34.88
C THR A 641 -6.53 -1.67 33.60
N VAL A 642 -7.18 -1.66 32.44
CA VAL A 642 -6.56 -1.99 31.17
C VAL A 642 -6.73 -0.81 30.23
N ILE A 643 -5.65 -0.42 29.56
CA ILE A 643 -5.67 0.62 28.54
C ILE A 643 -5.27 -0.01 27.22
N MET A 644 -6.13 0.13 26.21
CA MET A 644 -5.90 -0.44 24.89
C MET A 644 -5.94 0.70 23.88
N ARG A 645 -4.96 0.74 22.97
CA ARG A 645 -4.84 1.87 22.07
C ARG A 645 -4.54 1.40 20.65
N TYR A 646 -4.99 2.21 19.68
CA TYR A 646 -4.84 1.92 18.26
C TYR A 646 -4.51 3.20 17.51
N THR A 647 -4.13 3.05 16.24
CA THR A 647 -3.74 4.20 15.43
C THR A 647 -4.79 4.57 14.38
N LEU A 648 -5.72 3.67 14.07
CA LEU A 648 -6.76 3.92 13.09
C LEU A 648 -8.09 4.02 13.81
N ARG A 649 -8.85 5.08 13.53
CA ARG A 649 -10.11 5.34 14.22
C ARG A 649 -11.14 4.26 13.90
N LEU A 650 -11.21 3.84 12.64
CA LEU A 650 -12.11 2.76 12.23
C LEU A 650 -11.79 1.44 12.94
N LEU A 651 -10.50 1.14 13.15
CA LEU A 651 -10.10 -0.08 13.85
C LEU A 651 -10.62 -0.11 15.28
N THR A 652 -10.61 1.04 15.98
CA THR A 652 -11.18 1.10 17.31
C THR A 652 -12.67 0.80 17.29
N LEU A 653 -13.37 1.25 16.24
CA LEU A 653 -14.80 0.99 16.13
C LEU A 653 -15.12 -0.49 15.96
N GLN A 654 -14.32 -1.23 15.19
CA GLN A 654 -14.59 -2.68 15.17
C GLN A 654 -14.04 -3.40 16.41
N GLN A 655 -13.07 -2.84 17.11
CA GLN A 655 -12.59 -3.54 18.31
C GLN A 655 -13.56 -3.37 19.47
N PHE A 656 -14.26 -2.23 19.52
CA PHE A 656 -15.23 -1.98 20.59
C PHE A 656 -16.38 -2.97 20.56
N GLN A 657 -16.88 -3.29 19.36
CA GLN A 657 -17.97 -4.25 19.24
C GLN A 657 -17.55 -5.65 19.66
N ARG A 658 -16.26 -5.98 19.52
CA ARG A 658 -15.76 -7.26 20.02
C ARG A 658 -15.64 -7.26 21.54
N ALA A 659 -15.18 -6.14 22.11
CA ALA A 659 -14.91 -6.13 23.56
C ALA A 659 -16.20 -6.06 24.38
N THR A 660 -17.27 -5.49 23.81
CA THR A 660 -18.52 -5.36 24.55
C THR A 660 -19.14 -6.70 24.93
N ALA A 661 -18.99 -7.74 24.10
CA ALA A 661 -19.53 -9.04 24.46
C ALA A 661 -18.84 -9.65 25.67
N LEU A 662 -17.52 -9.51 25.76
CA LEU A 662 -16.77 -9.98 26.93
C LEU A 662 -17.19 -9.20 28.17
N ILE A 663 -17.36 -7.89 28.04
CA ILE A 663 -17.80 -7.07 29.17
C ILE A 663 -19.18 -7.52 29.64
N CYS A 664 -20.09 -7.78 28.71
CA CYS A 664 -21.44 -8.25 29.05
C CYS A 664 -21.38 -9.61 29.75
N ALA A 665 -20.52 -10.51 29.28
CA ALA A 665 -20.42 -11.83 29.91
C ALA A 665 -19.89 -11.72 31.33
N MET A 666 -18.89 -10.87 31.56
CA MET A 666 -18.40 -10.67 32.92
C MET A 666 -19.48 -10.08 33.83
N GLU A 667 -20.26 -9.14 33.30
CA GLU A 667 -21.35 -8.55 34.09
C GLU A 667 -22.41 -9.59 34.46
N VAL A 668 -22.78 -10.45 33.51
CA VAL A 668 -23.79 -11.47 33.78
C VAL A 668 -23.27 -12.49 34.81
N LEU A 669 -21.98 -12.83 34.73
CA LEU A 669 -21.41 -13.73 35.73
C LEU A 669 -21.39 -13.08 37.12
N ARG A 670 -21.04 -11.80 37.19
CA ARG A 670 -20.97 -11.10 38.48
C ARG A 670 -22.35 -10.98 39.11
N ARG A 671 -23.37 -10.72 38.30
CA ARG A 671 -24.72 -10.58 38.83
C ARG A 671 -25.24 -11.90 39.42
N GLU A 672 -24.92 -13.02 38.77
CA GLU A 672 -25.35 -14.31 39.28
C GLU A 672 -24.56 -14.71 40.52
N ALA A 673 -23.30 -14.28 40.60
CA ALA A 673 -22.47 -14.63 41.76
C ALA A 673 -22.98 -13.95 43.03
N LEU A 674 -23.48 -12.72 42.90
CA LEU A 674 -23.89 -11.95 44.07
C LEU A 674 -25.20 -12.48 44.65
N ASN A 675 -26.07 -13.03 43.79
CA ASN A 675 -27.38 -13.50 44.24
C ASN A 675 -27.24 -14.71 45.15
N LYS A 676 -26.29 -15.59 44.86
CA LYS A 676 -26.09 -16.80 45.65
C LYS A 676 -25.52 -16.50 47.04
N GLY A 677 -24.96 -15.32 47.24
CA GLY A 677 -24.33 -14.98 48.50
C GLY A 677 -22.82 -14.90 48.46
N ASP A 678 -22.21 -15.07 47.29
CA ASP A 678 -20.77 -14.97 47.12
C ASP A 678 -20.41 -13.53 46.82
N LYS A 679 -19.81 -12.85 47.80
CA LYS A 679 -19.47 -11.44 47.66
C LYS A 679 -18.02 -11.21 47.28
N SER A 680 -17.36 -12.19 46.67
CA SER A 680 -15.93 -12.08 46.37
C SER A 680 -15.66 -11.09 45.24
N LEU A 681 -16.57 -10.99 44.27
CA LEU A 681 -16.34 -10.14 43.11
C LEU A 681 -16.64 -8.66 43.37
N GLY A 682 -17.26 -8.33 44.49
CA GLY A 682 -17.56 -6.95 44.81
C GLY A 682 -18.95 -6.53 44.37
N THR A 683 -19.22 -5.24 44.53
CA THR A 683 -20.52 -4.68 44.20
C THR A 683 -20.49 -3.77 42.98
N GLU A 684 -19.34 -3.15 42.71
CA GLU A 684 -19.23 -2.25 41.56
C GLU A 684 -19.25 -3.06 40.26
N PRO A 685 -20.02 -2.63 39.26
CA PRO A 685 -20.09 -3.39 38.01
C PRO A 685 -18.92 -3.12 37.09
N PHE A 686 -18.77 -3.99 36.10
CA PHE A 686 -17.75 -3.81 35.08
C PHE A 686 -18.27 -2.94 33.94
N THR A 687 -17.44 -2.01 33.49
CA THR A 687 -17.84 -1.08 32.44
C THR A 687 -16.73 -0.93 31.43
N ILE A 688 -17.06 -0.30 30.30
CA ILE A 688 -16.12 -0.10 29.20
C ILE A 688 -16.45 1.22 28.51
N GLY A 689 -15.42 1.94 28.08
CA GLY A 689 -15.62 3.26 27.51
C GLY A 689 -14.87 3.42 26.19
N LEU A 690 -15.24 4.50 25.49
CA LEU A 690 -14.59 4.90 24.26
C LEU A 690 -14.03 6.30 24.43
N TRP A 691 -12.78 6.50 24.02
CA TRP A 691 -12.11 7.79 24.15
C TRP A 691 -11.52 8.15 22.79
N VAL A 692 -12.38 8.70 21.92
CA VAL A 692 -12.00 9.10 20.57
C VAL A 692 -12.50 10.53 20.35
N GLY A 693 -12.12 11.09 19.21
CA GLY A 693 -12.33 12.50 18.92
C GLY A 693 -13.78 12.95 18.92
N ASN A 694 -14.00 14.24 19.19
CA ASN A 694 -15.34 14.76 19.39
C ASN A 694 -16.18 14.81 18.12
N LYS A 695 -15.57 14.58 16.95
CA LYS A 695 -16.36 14.46 15.72
C LYS A 695 -17.16 13.17 15.69
N VAL A 696 -16.81 12.20 16.53
CA VAL A 696 -17.50 10.92 16.59
C VAL A 696 -18.37 10.81 17.84
N THR A 697 -17.87 11.28 18.98
CA THR A 697 -18.56 11.14 20.25
C THR A 697 -18.90 12.51 20.83
N PRO A 698 -20.03 12.64 21.54
CA PRO A 698 -20.35 13.91 22.19
C PRO A 698 -19.43 14.19 23.36
N GLY A 699 -19.00 15.44 23.48
CA GLY A 699 -18.11 15.82 24.56
C GLY A 699 -18.78 16.34 25.80
N THR A 700 -20.09 16.58 25.76
CA THR A 700 -20.81 17.17 26.88
C THR A 700 -22.27 16.73 26.77
N THR A 701 -22.90 16.51 27.93
CA THR A 701 -24.22 15.87 28.00
C THR A 701 -25.31 16.70 27.33
N GLU A 702 -25.11 18.02 27.19
CA GLU A 702 -26.05 18.86 26.44
C GLU A 702 -26.14 18.40 24.99
N ASP A 703 -24.99 18.08 24.39
CA ASP A 703 -24.99 17.56 23.02
C ASP A 703 -25.66 16.19 22.95
N SER A 704 -25.50 15.37 23.99
CA SER A 704 -26.17 14.08 24.02
C SER A 704 -27.68 14.24 24.09
N HIS A 705 -28.15 15.28 24.78
CA HIS A 705 -29.58 15.58 24.77
C HIS A 705 -30.02 16.11 23.42
N ASN A 706 -29.21 16.98 22.81
CA ASN A 706 -29.59 17.64 21.57
C ASN A 706 -29.69 16.66 20.42
N ALA A 707 -28.79 15.67 20.37
CA ALA A 707 -28.83 14.68 19.30
C ALA A 707 -30.10 13.84 19.36
N ILE A 708 -30.52 13.44 20.58
CA ILE A 708 -31.74 12.67 20.73
C ILE A 708 -32.96 13.53 20.42
N GLU A 709 -32.93 14.81 20.80
CA GLU A 709 -34.05 15.69 20.47
C GLU A 709 -34.19 15.89 18.97
N LYS A 710 -33.07 16.05 18.27
CA LYS A 710 -33.10 16.17 16.82
C LYS A 710 -33.40 14.85 16.13
N THR A 711 -33.21 13.72 16.79
CA THR A 711 -33.52 12.42 16.21
C THR A 711 -35.03 12.19 16.07
N ARG A 712 -35.82 12.56 17.08
CA ARG A 712 -37.24 12.29 17.08
C ARG A 712 -38.03 13.22 16.16
N ASN A 713 -37.42 14.26 15.62
CA ASN A 713 -38.13 15.22 14.79
C ASN A 713 -37.46 15.39 13.43
N SER A 723 -22.92 11.69 18.15
CA SER A 723 -24.05 10.80 18.36
C SER A 723 -23.81 9.85 19.51
N PRO A 724 -24.79 9.71 20.41
CA PRO A 724 -24.61 8.83 21.58
C PRO A 724 -24.91 7.37 21.30
N VAL A 725 -25.23 7.00 20.06
CA VAL A 725 -25.55 5.61 19.75
C VAL A 725 -24.52 5.06 18.78
N GLN A 726 -23.48 4.41 19.29
CA GLN A 726 -22.50 3.77 18.43
C GLN A 726 -22.86 2.32 18.17
N LEU A 727 -23.69 1.72 19.02
CA LEU A 727 -24.14 0.35 18.80
C LEU A 727 -25.30 0.32 17.84
N THR A 728 -25.30 -0.67 16.95
CA THR A 728 -26.41 -0.88 16.03
C THR A 728 -27.34 -2.00 16.50
N SER A 729 -26.82 -3.04 17.11
CA SER A 729 -27.63 -4.15 17.61
C SER A 729 -27.16 -4.55 18.99
N CYS A 730 -28.02 -5.23 19.72
CA CYS A 730 -27.72 -5.66 21.08
C CYS A 730 -26.69 -6.78 21.05
N PRO A 731 -25.57 -6.65 21.77
CA PRO A 731 -24.55 -7.72 21.76
C PRO A 731 -25.01 -9.01 22.40
N TRP A 732 -26.03 -8.97 23.26
CA TRP A 732 -26.41 -10.16 24.00
C TRP A 732 -27.51 -10.98 23.31
N CYS A 733 -28.38 -10.34 22.54
CA CYS A 733 -29.47 -11.06 21.88
C CYS A 733 -29.70 -10.69 20.43
N GLY A 734 -29.02 -9.68 19.90
CA GLY A 734 -29.10 -9.38 18.48
C GLY A 734 -30.32 -8.59 18.04
N THR A 735 -31.10 -8.07 18.97
CA THR A 735 -32.29 -7.31 18.63
C THR A 735 -31.89 -5.92 18.12
N GLU A 736 -32.70 -5.36 17.21
CA GLU A 736 -32.44 -4.04 16.67
C GLU A 736 -32.53 -2.97 17.75
N ILE A 737 -31.92 -1.82 17.50
CA ILE A 737 -31.91 -0.70 18.43
C ILE A 737 -32.53 0.51 17.73
N VAL A 738 -33.54 1.10 18.37
CA VAL A 738 -34.20 2.30 17.84
C VAL A 738 -33.58 3.51 18.54
N PRO A 739 -32.95 4.44 17.80
CA PRO A 739 -32.26 5.56 18.45
C PRO A 739 -33.18 6.51 19.20
N GLY A 740 -34.40 6.73 18.71
CA GLY A 740 -35.28 7.71 19.31
C GLY A 740 -36.11 7.22 20.48
N GLN A 741 -36.04 5.93 20.80
CA GLN A 741 -36.89 5.36 21.84
C GLN A 741 -36.06 4.70 22.93
N ASP A 742 -34.98 4.03 22.55
CA ASP A 742 -34.17 3.24 23.46
C ASP A 742 -33.03 4.01 24.10
N VAL A 743 -33.03 5.34 23.99
CA VAL A 743 -32.00 6.16 24.61
C VAL A 743 -32.66 7.15 25.57
N GLU A 744 -32.18 7.18 26.80
CA GLU A 744 -32.69 8.08 27.83
C GLU A 744 -31.56 8.94 28.35
N VAL A 745 -31.83 10.23 28.52
CA VAL A 745 -30.87 11.17 29.09
C VAL A 745 -31.49 11.79 30.33
N LYS A 746 -30.83 11.64 31.47
CA LYS A 746 -31.29 12.25 32.70
C LYS A 746 -31.06 13.76 32.65
N LYS A 747 -31.94 14.51 33.32
CA LYS A 747 -31.82 15.96 33.36
C LYS A 747 -30.56 16.38 34.09
N ASP A 748 -29.91 17.42 33.57
CA ASP A 748 -28.58 17.83 34.02
C ASP A 748 -28.58 19.31 34.39
N LYS A 749 -28.76 19.59 35.68
CA LYS A 749 -28.50 20.95 36.15
C LYS A 749 -27.00 21.25 36.14
N ALA A 750 -26.19 20.30 36.57
CA ALA A 750 -24.73 20.40 36.45
C ALA A 750 -24.08 19.18 35.81
N GLY A 751 -24.73 18.03 35.78
CA GLY A 751 -24.20 16.84 35.14
C GLY A 751 -25.28 15.79 35.04
N GLY A 752 -25.04 14.80 34.19
CA GLY A 752 -26.05 13.78 33.96
C GLY A 752 -25.43 12.48 33.51
N ARG A 753 -26.31 11.51 33.27
CA ARG A 753 -25.93 10.18 32.84
C ARG A 753 -26.78 9.77 31.64
N THR A 754 -26.16 9.05 30.71
CA THR A 754 -26.85 8.56 29.51
C THR A 754 -26.92 7.04 29.56
N PHE A 755 -28.12 6.50 29.32
CA PHE A 755 -28.35 5.07 29.34
C PHE A 755 -28.84 4.59 27.99
N VAL A 756 -28.50 3.34 27.65
CA VAL A 756 -28.96 2.71 26.43
C VAL A 756 -29.61 1.38 26.83
N TYR A 757 -30.82 1.14 26.33
CA TYR A 757 -31.58 -0.04 26.70
C TYR A 757 -31.74 -0.98 25.51
N CYS A 758 -31.90 -2.26 25.80
CA CYS A 758 -32.15 -3.24 24.75
C CYS A 758 -33.55 -3.06 24.18
N GLY A 759 -33.70 -3.41 22.90
CA GLY A 759 -34.96 -3.21 22.22
C GLY A 759 -35.96 -4.33 22.34
N ASP A 760 -35.76 -5.26 23.27
CA ASP A 760 -36.69 -6.37 23.44
C ASP A 760 -38.00 -5.88 24.03
N LYS A 761 -39.06 -5.89 23.21
CA LYS A 761 -40.36 -5.42 23.69
C LYS A 761 -41.01 -6.43 24.63
N LYS A 762 -40.83 -7.72 24.36
CA LYS A 762 -41.47 -8.73 25.19
C LYS A 762 -40.77 -8.88 26.53
N GLY A 763 -39.53 -8.39 26.65
CA GLY A 763 -38.87 -8.27 27.93
C GLY A 763 -38.34 -9.56 28.54
N ARG A 764 -37.46 -10.26 27.81
CA ARG A 764 -36.76 -11.41 28.36
C ARG A 764 -35.24 -11.26 28.41
N CYS A 765 -34.66 -10.29 27.69
CA CYS A 765 -33.23 -10.06 27.77
C CYS A 765 -32.87 -9.45 29.12
N GLU A 766 -31.66 -9.77 29.60
CA GLU A 766 -31.24 -9.26 30.90
C GLU A 766 -30.89 -7.78 30.87
N PHE A 767 -30.70 -7.20 29.69
CA PHE A 767 -30.38 -5.79 29.55
C PHE A 767 -31.58 -4.96 29.11
N SER A 768 -32.79 -5.52 29.18
CA SER A 768 -33.99 -4.80 28.78
C SER A 768 -34.41 -3.82 29.87
N LYS A 769 -35.39 -2.97 29.52
CA LYS A 769 -35.87 -1.96 30.46
C LYS A 769 -36.66 -2.54 31.61
N GLY A 770 -37.29 -3.70 31.41
CA GLY A 770 -38.06 -4.31 32.48
C GLY A 770 -37.26 -5.09 33.50
N LYS A 771 -35.95 -5.23 33.29
CA LYS A 771 -35.11 -6.02 34.17
C LYS A 771 -34.00 -5.21 34.83
N SER A 772 -33.31 -4.37 34.06
CA SER A 772 -32.09 -3.73 34.55
C SER A 772 -32.34 -2.41 35.28
N SER A 773 -33.59 -2.06 35.54
CA SER A 773 -33.89 -0.76 36.16
C SER A 773 -33.44 -0.69 37.61
N THR A 774 -33.21 -1.83 38.26
CA THR A 774 -32.80 -1.87 39.66
C THR A 774 -31.29 -1.80 39.84
N GLN A 775 -30.53 -2.12 38.80
CA GLN A 775 -29.08 -2.21 38.87
C GLN A 775 -28.44 -0.83 39.01
N PRO A 776 -27.24 -0.74 39.58
CA PRO A 776 -26.54 0.55 39.65
C PRO A 776 -26.25 1.19 38.31
N HIS A 777 -25.98 0.38 37.28
CA HIS A 777 -25.75 0.90 35.93
C HIS A 777 -26.70 0.17 34.98
N PRO A 778 -27.88 0.74 34.74
CA PRO A 778 -28.88 0.05 33.92
C PRO A 778 -28.52 -0.02 32.45
N GLY A 779 -29.07 -1.02 31.79
CA GLY A 779 -28.90 -1.16 30.35
C GLY A 779 -27.54 -1.71 29.94
N ILE A 780 -27.15 -1.36 28.73
CA ILE A 780 -25.87 -1.82 28.18
C ILE A 780 -24.74 -1.09 28.90
N PRO A 781 -23.79 -1.79 29.50
CA PRO A 781 -22.72 -1.13 30.28
C PRO A 781 -21.63 -0.54 29.40
N VAL A 782 -21.96 0.55 28.70
CA VAL A 782 -21.02 1.26 27.84
C VAL A 782 -21.08 2.74 28.16
N LEU A 783 -19.94 3.41 28.10
CA LEU A 783 -19.85 4.85 28.31
C LEU A 783 -19.26 5.50 27.07
N VAL A 784 -19.93 6.55 26.58
CA VAL A 784 -19.54 7.15 25.31
C VAL A 784 -19.17 8.62 25.51
N VAL A 785 -19.81 9.27 26.46
CA VAL A 785 -19.65 10.70 26.71
C VAL A 785 -18.37 10.91 27.52
N ASP A 786 -17.61 11.96 27.20
CA ASP A 786 -16.34 12.20 27.86
C ASP A 786 -16.51 12.53 29.34
N GLU A 787 -17.49 13.37 29.67
CA GLU A 787 -17.69 13.78 31.06
C GLU A 787 -18.18 12.63 31.91
N GLU A 788 -19.02 11.76 31.35
CA GLU A 788 -19.49 10.60 32.09
C GLU A 788 -18.36 9.61 32.34
N ILE A 789 -17.40 9.53 31.43
CA ILE A 789 -16.21 8.72 31.65
C ILE A 789 -15.34 9.35 32.74
N TYR A 790 -15.21 10.69 32.70
CA TYR A 790 -14.37 11.38 33.67
C TYR A 790 -14.96 11.34 35.08
N HIS A 791 -16.27 11.25 35.21
CA HIS A 791 -16.86 11.23 36.54
C HIS A 791 -16.91 9.83 37.15
N ARG A 792 -17.17 8.81 36.35
CA ARG A 792 -17.17 7.42 36.82
C ARG A 792 -16.31 6.60 35.87
N PRO A 793 -15.02 6.43 36.19
CA PRO A 793 -14.08 5.80 35.26
C PRO A 793 -14.44 4.35 34.99
N PRO A 794 -14.20 3.86 33.79
CA PRO A 794 -14.57 2.48 33.45
C PRO A 794 -13.45 1.51 33.78
N THR A 795 -13.75 0.23 33.59
CA THR A 795 -12.75 -0.81 33.82
C THR A 795 -11.82 -0.98 32.62
N MET A 796 -12.35 -0.84 31.40
CA MET A 796 -11.57 -0.95 30.19
C MET A 796 -11.77 0.31 29.36
N MET A 797 -10.70 0.75 28.71
CA MET A 797 -10.76 1.92 27.84
C MET A 797 -10.11 1.57 26.51
N ILE A 798 -10.81 1.89 25.42
CA ILE A 798 -10.31 1.71 24.06
C ILE A 798 -10.22 3.08 23.41
N ALA A 799 -9.01 3.48 23.04
CA ALA A 799 -8.78 4.84 22.61
C ALA A 799 -7.84 4.87 21.42
N THR A 800 -7.68 6.05 20.84
CA THR A 800 -6.70 6.27 19.80
C THR A 800 -5.48 6.95 20.41
N VAL A 801 -4.34 6.82 19.72
CA VAL A 801 -3.09 7.37 20.24
C VAL A 801 -3.13 8.89 20.22
N ASP A 802 -3.77 9.47 19.21
CA ASP A 802 -3.77 10.92 19.06
C ASP A 802 -4.61 11.63 20.12
N LYS A 803 -5.49 10.90 20.82
CA LYS A 803 -6.25 11.51 21.90
C LYS A 803 -5.39 11.71 23.14
N PHE A 804 -4.27 10.99 23.24
CA PHE A 804 -3.41 11.12 24.41
C PHE A 804 -2.62 12.42 24.42
N ALA A 805 -2.65 13.19 23.34
CA ALA A 805 -1.93 14.45 23.31
C ALA A 805 -2.69 15.58 23.98
N MET A 806 -3.92 15.32 24.43
CA MET A 806 -4.74 16.36 25.02
C MET A 806 -4.52 16.52 26.51
N MET A 807 -3.49 15.91 27.09
CA MET A 807 -3.24 16.06 28.51
C MET A 807 -2.79 17.47 28.85
N ALA A 808 -2.02 18.09 27.97
CA ALA A 808 -1.50 19.42 28.26
C ALA A 808 -2.54 20.51 28.08
N TRP A 809 -3.73 20.16 27.61
CA TRP A 809 -4.80 21.13 27.40
C TRP A 809 -5.86 21.09 28.49
N ARG A 810 -6.24 19.88 28.94
CA ARG A 810 -7.32 19.70 29.88
C ARG A 810 -6.80 18.97 31.11
N GLY A 811 -7.15 19.47 32.30
CA GLY A 811 -6.59 18.93 33.52
C GLY A 811 -7.46 17.91 34.22
N GLN A 812 -8.70 17.72 33.75
CA GLN A 812 -9.59 16.76 34.39
C GLN A 812 -9.32 15.33 33.96
N VAL A 813 -8.28 15.09 33.18
CA VAL A 813 -7.93 13.75 32.74
C VAL A 813 -7.27 12.96 33.87
N ARG A 814 -6.87 13.66 34.94
CA ARG A 814 -6.12 13.04 36.04
C ARG A 814 -6.95 12.03 36.81
N THR A 815 -8.27 12.02 36.61
CA THR A 815 -9.11 11.03 37.26
C THR A 815 -8.83 9.63 36.73
N LEU A 816 -8.53 9.52 35.44
CA LEU A 816 -8.23 8.22 34.83
C LEU A 816 -6.95 7.59 35.36
N PHE A 817 -6.04 8.37 35.94
CA PHE A 817 -4.83 7.85 36.54
C PHE A 817 -4.92 7.72 38.06
N GLY A 818 -6.07 8.09 38.64
CA GLY A 818 -6.29 7.86 40.06
C GLY A 818 -5.84 8.96 41.00
N ARG A 819 -5.76 10.20 40.54
CA ARG A 819 -5.35 11.31 41.40
C ARG A 819 -6.59 12.05 41.93
N VAL A 820 -7.30 11.40 42.85
CA VAL A 820 -8.55 11.91 43.37
C VAL A 820 -8.48 11.97 44.90
N GLU A 821 -9.22 12.92 45.47
CA GLU A 821 -9.30 13.09 46.90
C GLU A 821 -10.74 13.14 47.41
N LYS A 822 -11.61 13.80 46.65
CA LYS A 822 -12.98 14.09 47.08
C LYS A 822 -13.98 13.35 46.22
N GLU A 823 -15.21 13.28 46.71
CA GLU A 823 -16.30 12.61 46.00
C GLU A 823 -17.63 13.20 46.45
N CYS A 824 -18.56 13.32 45.51
CA CYS A 824 -19.91 13.80 45.78
C CYS A 824 -20.87 12.63 45.67
N GLU A 825 -21.82 12.55 46.61
CA GLU A 825 -22.81 11.49 46.60
C GLU A 825 -23.74 11.60 45.40
N ARG A 826 -24.03 12.82 44.96
CA ARG A 826 -24.99 13.02 43.88
C ARG A 826 -24.37 12.84 42.50
N HIS A 827 -23.09 13.13 42.33
CA HIS A 827 -22.49 13.19 41.01
C HIS A 827 -21.26 12.30 40.81
N GLY A 828 -20.41 12.14 41.82
CA GLY A 828 -19.25 11.28 41.66
C GLY A 828 -17.94 11.93 42.06
N LEU A 829 -16.86 11.55 41.39
CA LEU A 829 -15.53 12.05 41.72
C LEU A 829 -15.39 13.50 41.30
N LEU A 830 -14.56 14.24 42.03
CA LEU A 830 -14.39 15.67 41.81
C LEU A 830 -12.96 15.99 41.41
N TRP A 831 -12.81 17.11 40.71
CA TRP A 831 -11.52 17.68 40.39
C TRP A 831 -11.59 19.17 40.69
N PRO A 832 -10.44 19.82 40.90
CA PRO A 832 -10.47 21.28 41.08
C PRO A 832 -11.03 21.99 39.85
N GLY A 833 -11.82 23.04 40.11
CA GLY A 833 -12.47 23.77 39.05
C GLY A 833 -13.76 23.15 38.54
N ALA A 834 -14.26 22.10 39.17
CA ALA A 834 -15.47 21.46 38.71
C ALA A 834 -16.70 22.30 39.08
N ASN A 835 -17.84 21.91 38.50
CA ASN A 835 -19.09 22.62 38.76
C ASN A 835 -19.56 22.40 40.20
N CYS A 836 -19.60 21.14 40.63
CA CYS A 836 -20.10 20.81 41.95
C CYS A 836 -19.00 20.92 43.00
N THR A 837 -19.40 21.19 44.25
CA THR A 837 -18.49 21.23 45.38
C THR A 837 -18.85 20.18 46.43
N GLY A 838 -19.87 19.37 46.16
CA GLY A 838 -20.25 18.30 47.07
C GLY A 838 -21.31 18.67 48.10
N ASN A 839 -21.67 19.95 48.21
CA ASN A 839 -22.66 20.40 49.18
C ASN A 839 -23.93 20.79 48.46
N HIS A 840 -25.06 20.21 48.88
CA HIS A 840 -26.34 20.48 48.26
C HIS A 840 -27.43 20.53 49.31
N GLN A 841 -28.42 21.39 49.10
CA GLN A 841 -29.62 21.37 49.91
C GLN A 841 -30.64 20.41 49.31
N ALA A 842 -31.73 20.20 50.03
CA ALA A 842 -32.80 19.34 49.53
C ALA A 842 -33.49 20.00 48.34
N PHE A 843 -33.74 19.21 47.30
CA PHE A 843 -34.28 19.74 46.06
C PHE A 843 -35.04 18.64 45.33
N LYS A 844 -36.27 18.96 44.92
CA LYS A 844 -37.18 18.03 44.22
C LYS A 844 -37.43 16.76 45.02
N GLY A 845 -37.45 16.90 46.35
CA GLY A 845 -37.66 15.79 47.24
C GLY A 845 -36.43 14.96 47.55
N GLN A 846 -35.32 15.18 46.84
CA GLN A 846 -34.12 14.42 47.10
C GLN A 846 -33.44 14.92 48.39
N PRO A 847 -32.84 14.01 49.15
CA PRO A 847 -32.21 14.43 50.41
C PRO A 847 -30.93 15.22 50.18
N SER A 848 -30.52 15.93 51.21
CA SER A 848 -29.28 16.71 51.15
C SER A 848 -28.07 15.79 51.29
N ALA A 849 -26.90 16.34 50.96
CA ALA A 849 -25.66 15.60 51.02
C ALA A 849 -24.51 16.55 51.28
N LYS A 850 -23.38 16.00 51.71
CA LYS A 850 -22.20 16.80 52.01
C LYS A 850 -20.97 16.07 51.49
N VAL A 851 -19.88 16.82 51.30
CA VAL A 851 -18.67 16.29 50.69
C VAL A 851 -17.98 15.32 51.64
N LYS A 852 -17.56 14.17 51.11
CA LYS A 852 -16.80 13.18 51.87
C LYS A 852 -15.42 13.02 51.25
N ALA A 853 -14.48 12.53 52.05
CA ALA A 853 -13.10 12.33 51.63
C ALA A 853 -12.80 10.85 51.52
N ILE A 854 -11.92 10.50 50.57
CA ILE A 854 -11.68 9.09 50.25
C ILE A 854 -10.20 8.89 49.95
N PRO A 855 -9.67 7.72 50.29
CA PRO A 855 -8.30 7.38 49.89
C PRO A 855 -8.17 7.20 48.39
N PRO A 856 -6.98 7.36 47.83
CA PRO A 856 -6.83 7.29 46.37
C PRO A 856 -6.97 5.88 45.82
N ILE A 857 -6.94 5.80 44.49
CA ILE A 857 -7.22 4.58 43.74
C ILE A 857 -5.95 4.13 43.04
N ARG A 858 -5.78 2.82 42.91
CA ARG A 858 -4.56 2.27 42.32
C ARG A 858 -4.53 2.52 40.82
N PRO A 859 -3.39 2.97 40.28
CA PRO A 859 -3.27 3.21 38.83
C PRO A 859 -3.34 1.91 38.04
N PRO A 860 -3.64 1.95 36.73
CA PRO A 860 -3.95 0.69 36.04
C PRO A 860 -2.72 -0.18 35.81
N ASP A 861 -2.98 -1.46 35.55
CA ASP A 861 -1.93 -2.48 35.60
C ASP A 861 -1.39 -2.87 34.23
N LEU A 862 -2.22 -2.93 33.20
CA LEU A 862 -1.84 -3.54 31.93
C LEU A 862 -2.05 -2.57 30.78
N ILE A 863 -1.03 -2.42 29.93
CA ILE A 863 -1.09 -1.59 28.74
C ILE A 863 -0.84 -2.47 27.53
N ILE A 864 -1.72 -2.38 26.53
CA ILE A 864 -1.63 -3.20 25.33
C ILE A 864 -1.57 -2.28 24.13
N GLN A 865 -0.60 -2.49 23.25
CA GLN A 865 -0.42 -1.73 22.02
C GLN A 865 -0.48 -2.68 20.83
N ASP A 866 -1.43 -2.45 19.93
CA ASP A 866 -1.63 -3.31 18.77
C ASP A 866 -1.21 -2.60 17.50
N GLU A 867 -0.91 -3.41 16.47
CA GLU A 867 -0.29 -2.96 15.22
C GLU A 867 1.00 -2.18 15.50
N PHE A 868 1.97 -2.85 16.12
CA PHE A 868 3.17 -2.17 16.59
C PHE A 868 4.12 -1.82 15.45
N HIS A 869 3.97 -2.47 14.28
CA HIS A 869 4.84 -2.15 13.15
C HIS A 869 4.51 -0.79 12.56
N LEU A 870 3.28 -0.31 12.75
CA LEU A 870 2.92 1.03 12.28
C LEU A 870 3.47 2.12 13.19
N ILE A 871 3.98 1.76 14.38
CA ILE A 871 4.56 2.74 15.28
C ILE A 871 6.02 2.91 14.92
N SER A 872 6.29 3.73 13.91
CA SER A 872 7.65 3.98 13.45
C SER A 872 7.66 5.27 12.64
N GLY A 873 8.85 5.80 12.42
CA GLY A 873 9.01 7.02 11.67
C GLY A 873 8.57 8.24 12.47
N PRO A 874 8.06 9.24 11.78
CA PRO A 874 7.61 10.47 12.47
C PRO A 874 6.47 10.24 13.44
N LEU A 875 5.60 9.26 13.19
CA LEU A 875 4.55 8.95 14.15
C LEU A 875 5.11 8.24 15.38
N GLY A 876 5.98 7.25 15.15
CA GLY A 876 6.56 6.51 16.26
C GLY A 876 7.46 7.35 17.14
N THR A 877 8.10 8.38 16.56
CA THR A 877 8.91 9.30 17.35
C THR A 877 8.07 10.01 18.40
N MET A 878 6.89 10.49 18.02
CA MET A 878 6.10 11.26 18.97
C MET A 878 5.27 10.37 19.87
N VAL A 879 4.99 9.14 19.43
CA VAL A 879 4.44 8.15 20.34
C VAL A 879 5.45 7.86 21.45
N GLY A 880 6.72 7.69 21.07
CA GLY A 880 7.74 7.39 22.07
C GLY A 880 8.03 8.55 23.00
N LEU A 881 8.05 9.77 22.47
CA LEU A 881 8.37 10.93 23.30
C LEU A 881 7.26 11.22 24.30
N TYR A 882 6.00 11.03 23.91
CA TYR A 882 4.89 11.26 24.83
C TYR A 882 4.68 10.09 25.77
N GLU A 883 5.40 8.98 25.56
CA GLU A 883 5.27 7.83 26.44
C GLU A 883 6.06 8.00 27.73
N THR A 884 6.83 9.08 27.86
CA THR A 884 7.54 9.35 29.10
C THR A 884 6.56 9.60 30.25
N ALA A 885 5.56 10.43 30.01
CA ALA A 885 4.61 10.78 31.07
C ALA A 885 3.66 9.63 31.37
N VAL A 886 3.26 8.88 30.34
CA VAL A 886 2.33 7.78 30.54
C VAL A 886 2.98 6.66 31.35
N ASP A 887 4.26 6.40 31.12
CA ASP A 887 4.96 5.39 31.90
C ASP A 887 5.19 5.84 33.33
N GLU A 888 5.24 7.14 33.57
CA GLU A 888 5.50 7.65 34.91
C GLU A 888 4.22 7.73 35.75
N LEU A 889 3.11 8.09 35.13
CA LEU A 889 1.91 8.41 35.91
C LEU A 889 1.18 7.16 36.38
N CYS A 890 1.55 5.98 35.91
CA CYS A 890 0.98 4.75 36.48
C CYS A 890 1.87 4.10 37.52
N SER A 891 2.85 4.82 38.06
CA SER A 891 3.71 4.29 39.10
C SER A 891 3.11 4.51 40.48
N TRP A 892 3.32 3.55 41.36
CA TRP A 892 2.90 3.66 42.75
C TRP A 892 3.87 2.87 43.63
N THR A 893 3.90 3.22 44.92
CA THR A 893 4.89 2.71 45.84
C THR A 893 4.27 1.65 46.75
N LEU A 894 4.94 0.51 46.85
CA LEU A 894 4.51 -0.59 47.71
C LEU A 894 5.70 -1.09 48.51
N ASN A 895 5.67 -0.85 49.83
CA ASN A 895 6.73 -1.25 50.76
C ASN A 895 8.10 -0.70 50.36
N GLY A 896 8.11 0.55 49.90
CA GLY A 896 9.34 1.22 49.53
C GLY A 896 9.78 1.02 48.10
N LYS A 897 9.31 -0.02 47.43
CA LYS A 897 9.66 -0.25 46.03
C LYS A 897 8.72 0.53 45.12
N THR A 898 9.07 0.59 43.85
CA THR A 898 8.28 1.27 42.83
C THR A 898 7.73 0.24 41.86
N VAL A 899 6.41 0.28 41.62
CA VAL A 899 5.72 -0.71 40.80
C VAL A 899 5.35 -0.08 39.47
N LYS A 900 5.56 -0.83 38.40
CA LYS A 900 5.39 -0.37 37.03
C LYS A 900 4.48 -1.32 36.25
N PRO A 901 3.79 -0.83 35.22
CA PRO A 901 2.82 -1.68 34.52
C PRO A 901 3.46 -2.63 33.53
N LYS A 902 2.79 -3.76 33.32
CA LYS A 902 3.19 -4.75 32.32
C LYS A 902 2.77 -4.29 30.93
N ILE A 903 3.65 -4.51 29.95
CA ILE A 903 3.45 -4.05 28.59
C ILE A 903 3.42 -5.25 27.66
N ILE A 904 2.36 -5.35 26.85
CA ILE A 904 2.18 -6.43 25.88
C ILE A 904 1.92 -5.80 24.51
N ALA A 905 2.65 -6.26 23.50
CA ALA A 905 2.48 -5.77 22.15
C ALA A 905 2.26 -6.94 21.20
N SER A 906 1.63 -6.64 20.07
CA SER A 906 1.32 -7.65 19.05
C SER A 906 1.55 -7.06 17.67
N THR A 907 2.15 -7.86 16.79
CA THR A 907 2.45 -7.41 15.44
C THR A 907 2.54 -8.61 14.51
N ALA A 908 2.45 -8.34 13.22
CA ALA A 908 2.54 -9.39 12.21
C ALA A 908 3.96 -9.72 11.80
N THR A 909 4.88 -8.76 11.87
CA THR A 909 6.25 -8.95 11.43
C THR A 909 7.20 -8.59 12.57
N VAL A 910 8.49 -8.86 12.34
CA VAL A 910 9.53 -8.49 13.28
C VAL A 910 10.84 -8.21 12.54
N ARG A 911 11.41 -7.03 12.77
CA ARG A 911 12.67 -6.65 12.14
C ARG A 911 13.27 -5.52 12.96
N LYS A 912 14.47 -5.76 13.50
CA LYS A 912 15.18 -4.82 14.38
C LYS A 912 14.30 -4.40 15.55
N ALA A 913 13.67 -5.39 16.19
CA ALA A 913 12.67 -5.10 17.22
C ALA A 913 13.31 -4.62 18.50
N LYS A 914 14.56 -5.02 18.76
CA LYS A 914 15.21 -4.68 20.02
C LYS A 914 15.42 -3.19 20.16
N GLU A 915 15.97 -2.55 19.13
CA GLU A 915 16.19 -1.11 19.16
C GLU A 915 14.88 -0.34 19.22
N GLN A 916 13.86 -0.80 18.49
CA GLN A 916 12.57 -0.14 18.49
C GLN A 916 11.92 -0.19 19.87
N VAL A 917 11.86 -1.39 20.47
CA VAL A 917 11.23 -1.57 21.78
C VAL A 917 12.00 -0.81 22.86
N ASN A 918 13.34 -0.80 22.77
CA ASN A 918 14.11 -0.02 23.73
C ASN A 918 13.88 1.47 23.54
N ASN A 919 13.60 1.90 22.32
CA ASN A 919 13.39 3.33 22.07
C ASN A 919 12.02 3.82 22.54
N VAL A 920 10.94 3.09 22.24
CA VAL A 920 9.63 3.64 22.56
C VAL A 920 9.26 3.29 24.00
N PHE A 921 9.56 2.07 24.43
CA PHE A 921 9.04 1.57 25.69
C PHE A 921 10.07 1.53 26.80
N MET A 922 11.36 1.47 26.47
CA MET A 922 12.48 1.33 27.41
C MET A 922 12.28 0.06 28.25
N ARG A 923 12.35 -1.07 27.55
CA ARG A 923 12.18 -2.39 28.13
C ARG A 923 13.08 -3.38 27.42
N GLN A 924 13.22 -4.57 28.00
CA GLN A 924 13.85 -5.67 27.31
C GLN A 924 12.81 -6.47 26.53
N VAL A 925 13.13 -6.81 25.30
CA VAL A 925 12.17 -7.45 24.42
C VAL A 925 12.26 -8.97 24.60
N SER A 926 11.12 -9.64 24.42
CA SER A 926 11.07 -11.10 24.39
C SER A 926 10.04 -11.51 23.37
N VAL A 927 10.45 -12.28 22.37
CA VAL A 927 9.60 -12.62 21.23
C VAL A 927 9.06 -14.02 21.43
N PHE A 928 7.76 -14.19 21.19
CA PHE A 928 7.06 -15.45 21.33
C PHE A 928 6.23 -15.72 20.09
N PRO A 929 6.29 -16.93 19.52
CA PRO A 929 7.16 -18.07 19.86
C PRO A 929 8.53 -17.95 19.21
N PRO A 930 9.55 -18.68 19.65
CA PRO A 930 10.88 -18.58 19.02
C PRO A 930 10.93 -19.27 17.67
N HIS A 931 12.10 -19.18 17.03
CA HIS A 931 12.26 -19.62 15.65
C HIS A 931 12.32 -21.14 15.55
N GLY A 932 13.33 -21.75 16.14
CA GLY A 932 13.63 -23.12 15.80
C GLY A 932 14.66 -23.15 14.68
N LEU A 933 14.93 -24.35 14.19
CA LEU A 933 15.95 -24.58 13.19
C LEU A 933 15.41 -24.63 11.77
N ASP A 934 14.14 -24.24 11.56
CA ASP A 934 13.54 -24.32 10.24
C ASP A 934 12.42 -23.29 10.14
N VAL A 935 12.17 -22.84 8.92
CA VAL A 935 11.02 -21.99 8.64
C VAL A 935 9.71 -22.78 8.69
N GLU A 936 9.70 -23.97 8.08
CA GLU A 936 8.47 -24.73 7.92
C GLU A 936 7.92 -25.22 9.24
N ASP A 937 8.77 -25.59 10.18
CA ASP A 937 8.33 -26.35 11.35
C ASP A 937 8.89 -25.69 12.60
N ASN A 938 8.00 -25.28 13.50
CA ASN A 938 8.28 -25.19 14.93
C ASN A 938 7.12 -25.85 15.66
N PHE A 939 7.10 -25.73 16.99
CA PHE A 939 6.20 -26.57 17.78
C PHE A 939 4.75 -26.16 17.63
N PHE A 940 4.48 -24.89 17.35
CA PHE A 940 3.11 -24.39 17.32
C PHE A 940 2.60 -24.09 15.91
N SER A 941 3.49 -23.81 14.96
CA SER A 941 3.10 -23.51 13.58
C SER A 941 3.63 -24.58 12.65
N VAL A 942 2.78 -25.07 11.77
CA VAL A 942 3.13 -26.06 10.77
C VAL A 942 2.73 -25.53 9.40
N GLN A 943 3.68 -25.53 8.47
CA GLN A 943 3.46 -25.04 7.12
C GLN A 943 3.15 -26.22 6.21
N ARG A 944 1.94 -26.22 5.64
CA ARG A 944 1.45 -27.38 4.91
C ARG A 944 1.97 -27.40 3.47
N HIS A 945 1.88 -28.57 2.85
CA HIS A 945 2.35 -28.73 1.48
C HIS A 945 1.23 -28.50 0.48
N ILE A 946 1.60 -28.21 -0.76
CA ILE A 946 0.62 -27.92 -1.82
C ILE A 946 -0.21 -29.16 -2.14
N LYS A 947 0.35 -30.35 -1.91
CA LYS A 947 -0.41 -31.58 -2.17
C LYS A 947 -1.63 -31.67 -1.25
N ASP A 948 -1.48 -31.33 0.03
CA ASP A 948 -2.55 -31.54 0.98
C ASP A 948 -3.48 -30.34 1.14
N LYS A 949 -3.00 -29.12 0.93
CA LYS A 949 -3.85 -27.95 1.03
C LYS A 949 -3.41 -26.90 0.01
N PHE A 950 -4.37 -26.22 -0.60
CA PHE A 950 -4.09 -25.21 -1.60
C PHE A 950 -3.52 -23.95 -0.95
N GLY A 951 -2.95 -23.09 -1.79
CA GLY A 951 -2.38 -21.84 -1.34
C GLY A 951 -2.88 -20.66 -2.12
N ARG A 952 -2.16 -19.54 -2.06
CA ARG A 952 -2.55 -18.32 -2.73
C ARG A 952 -1.57 -17.98 -3.84
N ARG A 953 -2.05 -17.98 -5.08
CA ARG A 953 -1.19 -17.85 -6.25
C ARG A 953 -1.07 -16.39 -6.65
N TYR A 954 0.16 -15.95 -6.88
CA TYR A 954 0.44 -14.61 -7.35
C TYR A 954 0.83 -14.68 -8.83
N LEU A 955 0.68 -13.57 -9.53
CA LEU A 955 0.97 -13.48 -10.96
C LEU A 955 1.33 -12.05 -11.30
N GLY A 956 2.34 -11.87 -12.13
CA GLY A 956 2.90 -10.55 -12.41
C GLY A 956 2.71 -10.14 -13.85
N VAL A 957 2.42 -8.86 -14.07
CA VAL A 957 2.19 -8.29 -15.39
C VAL A 957 2.98 -6.99 -15.52
N CYS A 958 3.81 -6.88 -16.57
CA CYS A 958 4.63 -5.70 -16.79
C CYS A 958 5.00 -5.61 -18.26
N SER A 959 5.03 -4.36 -18.75
CA SER A 959 5.23 -4.03 -20.16
C SER A 959 6.03 -2.70 -20.19
N PRO A 960 7.30 -2.61 -20.60
CA PRO A 960 7.88 -1.33 -20.71
C PRO A 960 7.24 -0.39 -21.75
N GLY A 961 7.20 0.91 -21.43
CA GLY A 961 6.71 1.93 -22.33
C GLY A 961 5.21 2.11 -22.45
N SER A 962 4.39 1.22 -21.90
CA SER A 962 2.95 1.34 -22.05
C SER A 962 2.37 2.24 -20.96
N SER A 963 1.35 3.02 -21.32
CA SER A 963 0.67 3.86 -20.35
C SER A 963 -0.14 3.00 -19.39
N ARG A 964 -0.26 3.47 -18.16
CA ARG A 964 -1.01 2.74 -17.14
C ARG A 964 -2.49 2.52 -17.45
N PRO A 965 -3.29 3.51 -17.92
CA PRO A 965 -4.69 3.19 -18.26
C PRO A 965 -4.85 2.15 -19.35
N ALA A 966 -3.94 2.12 -20.33
CA ALA A 966 -4.00 1.12 -21.38
C ALA A 966 -3.79 -0.28 -20.85
N MET A 967 -2.96 -0.42 -19.81
CA MET A 967 -2.80 -1.71 -19.15
C MET A 967 -4.03 -2.05 -18.32
N LEU A 968 -4.55 -1.06 -17.57
CA LEU A 968 -5.63 -1.31 -16.63
C LEU A 968 -6.93 -1.69 -17.34
N ILE A 969 -7.23 -1.02 -18.45
CA ILE A 969 -8.46 -1.31 -19.19
C ILE A 969 -8.43 -2.75 -19.73
N ARG A 970 -7.30 -3.13 -20.32
CA ARG A 970 -7.15 -4.47 -20.87
C ARG A 970 -7.24 -5.55 -19.78
N VAL A 971 -6.59 -5.31 -18.65
CA VAL A 971 -6.59 -6.30 -17.57
C VAL A 971 -8.00 -6.47 -16.99
N TYR A 972 -8.66 -5.35 -16.69
CA TYR A 972 -10.00 -5.38 -16.11
C TYR A 972 -11.00 -6.04 -17.07
N THR A 973 -10.92 -5.68 -18.36
CA THR A 973 -11.82 -6.26 -19.34
C THR A 973 -11.59 -7.76 -19.50
N ALA A 974 -10.32 -8.18 -19.51
CA ALA A 974 -10.00 -9.60 -19.64
C ALA A 974 -10.55 -10.40 -18.47
N PHE A 975 -10.37 -9.90 -17.25
CA PHE A 975 -10.84 -10.65 -16.08
C PHE A 975 -12.37 -10.68 -16.03
N LEU A 976 -13.02 -9.54 -16.27
CA LEU A 976 -14.47 -9.47 -16.21
C LEU A 976 -15.11 -10.36 -17.28
N THR A 977 -14.52 -10.40 -18.47
CA THR A 977 -15.08 -11.23 -19.54
C THR A 977 -14.77 -12.71 -19.38
N ALA A 978 -13.63 -13.07 -18.79
CA ALA A 978 -13.34 -14.49 -18.61
C ALA A 978 -14.15 -15.09 -17.47
N ALA A 979 -14.45 -14.28 -16.45
CA ALA A 979 -15.27 -14.75 -15.34
C ALA A 979 -16.66 -15.18 -15.82
N GLN A 980 -17.22 -14.43 -16.77
CA GLN A 980 -18.54 -14.78 -17.30
C GLN A 980 -18.49 -16.09 -18.09
N GLU A 981 -17.40 -16.33 -18.82
CA GLU A 981 -17.27 -17.58 -19.56
C GLU A 981 -17.16 -18.77 -18.61
N LEU A 982 -16.44 -18.61 -17.50
CA LEU A 982 -16.44 -19.68 -16.49
C LEU A 982 -17.80 -19.82 -15.83
N PHE A 983 -18.55 -18.72 -15.72
CA PHE A 983 -19.91 -18.79 -15.15
C PHE A 983 -20.86 -19.59 -16.05
N ASP A 984 -20.78 -19.38 -17.35
CA ASP A 984 -21.80 -19.91 -18.25
C ASP A 984 -21.75 -21.44 -18.37
N HIS A 985 -20.61 -22.05 -18.08
CA HIS A 985 -20.50 -23.49 -18.25
C HIS A 985 -20.53 -24.24 -16.93
N PHE A 986 -20.17 -23.60 -15.81
CA PHE A 986 -20.07 -24.28 -14.53
C PHE A 986 -21.16 -23.90 -13.54
N GLY A 987 -21.51 -22.62 -13.43
CA GLY A 987 -22.58 -22.21 -12.55
C GLY A 987 -22.13 -21.56 -11.26
N GLU A 988 -22.77 -21.91 -10.15
CA GLU A 988 -22.52 -21.25 -8.88
C GLU A 988 -21.12 -21.44 -8.27
N PRO A 989 -20.32 -22.48 -8.56
CA PRO A 989 -18.93 -22.46 -8.05
C PRO A 989 -18.05 -21.35 -8.63
N ALA A 990 -18.47 -20.67 -9.68
CA ALA A 990 -17.71 -19.54 -10.19
C ALA A 990 -17.97 -18.25 -9.42
N ASP A 991 -18.78 -18.30 -8.37
CA ASP A 991 -19.10 -17.12 -7.56
C ASP A 991 -17.90 -16.39 -6.95
N PRO A 992 -16.89 -17.03 -6.34
CA PRO A 992 -15.82 -16.24 -5.70
C PRO A 992 -15.03 -15.35 -6.66
N TYR A 993 -14.91 -15.73 -7.93
CA TYR A 993 -14.19 -14.93 -8.91
C TYR A 993 -15.09 -13.97 -9.65
N MET A 994 -16.39 -13.97 -9.35
CA MET A 994 -17.37 -13.17 -10.09
C MET A 994 -17.28 -11.68 -9.75
N THR A 995 -17.24 -11.30 -8.48
CA THR A 995 -16.98 -9.91 -8.09
C THR A 995 -15.48 -9.73 -7.93
N MET A 996 -14.97 -8.55 -8.26
CA MET A 996 -13.54 -8.35 -8.31
C MET A 996 -13.18 -7.13 -7.46
N VAL A 997 -12.16 -7.27 -6.63
CA VAL A 997 -11.75 -6.23 -5.69
C VAL A 997 -10.48 -5.58 -6.22
N GLY A 998 -10.42 -4.26 -6.15
CA GLY A 998 -9.23 -3.55 -6.58
C GLY A 998 -8.61 -2.71 -5.48
N TYR A 999 -7.28 -2.73 -5.38
CA TYR A 999 -6.54 -1.96 -4.38
C TYR A 999 -5.81 -0.84 -5.09
N PHE A 1000 -5.82 0.35 -4.49
CA PHE A 1000 -5.20 1.52 -5.09
C PHE A 1000 -4.35 2.23 -4.06
N ASN A 1001 -3.30 2.90 -4.53
CA ASN A 1001 -2.33 3.54 -3.67
C ASN A 1001 -2.69 4.98 -3.32
N SER A 1002 -3.38 5.69 -4.20
CA SER A 1002 -3.69 7.09 -3.96
C SER A 1002 -5.14 7.36 -4.32
N LEU A 1003 -5.70 8.40 -3.70
CA LEU A 1003 -7.09 8.77 -3.96
C LEU A 1003 -7.25 9.38 -5.34
N ARG A 1004 -6.23 10.11 -5.81
CA ARG A 1004 -6.31 10.75 -7.12
C ARG A 1004 -6.37 9.72 -8.24
N GLU A 1005 -5.56 8.66 -8.13
CA GLU A 1005 -5.61 7.60 -9.13
C GLU A 1005 -6.91 6.81 -9.06
N LEU A 1006 -7.48 6.65 -7.85
CA LEU A 1006 -8.78 6.01 -7.72
C LEU A 1006 -9.86 6.83 -8.41
N GLY A 1007 -9.85 8.15 -8.23
CA GLY A 1007 -10.80 9.00 -8.91
C GLY A 1007 -10.59 9.01 -10.42
N GLY A 1008 -9.33 8.95 -10.85
CA GLY A 1008 -9.06 8.87 -12.29
C GLY A 1008 -9.52 7.57 -12.90
N MET A 1009 -9.45 6.49 -12.12
CA MET A 1009 -9.86 5.19 -12.65
C MET A 1009 -11.39 5.06 -12.62
N LYS A 1010 -12.03 5.80 -11.72
CA LYS A 1010 -13.49 5.69 -11.55
C LYS A 1010 -14.24 6.06 -12.82
N ARG A 1011 -13.78 7.11 -13.51
CA ARG A 1011 -14.45 7.49 -14.76
C ARG A 1011 -14.19 6.46 -15.87
N LEU A 1012 -13.00 5.84 -15.88
CA LEU A 1012 -12.72 4.84 -16.91
C LEU A 1012 -13.51 3.56 -16.68
N ALA A 1013 -13.81 3.25 -15.42
CA ALA A 1013 -14.55 2.03 -15.12
C ALA A 1013 -16.01 2.15 -15.56
N GLU A 1014 -16.59 3.35 -15.47
CA GLU A 1014 -17.98 3.53 -15.86
C GLU A 1014 -18.16 3.54 -17.37
N ASP A 1015 -17.24 4.18 -18.10
CA ASP A 1015 -17.43 4.40 -19.53
C ASP A 1015 -16.76 3.36 -20.40
N ASP A 1016 -15.43 3.26 -20.32
CA ASP A 1016 -14.69 2.49 -21.32
C ASP A 1016 -14.73 0.99 -21.03
N VAL A 1017 -14.64 0.60 -19.76
CA VAL A 1017 -14.65 -0.81 -19.40
C VAL A 1017 -15.97 -1.45 -19.77
N GLN A 1018 -17.09 -0.76 -19.49
CA GLN A 1018 -18.41 -1.26 -19.83
C GLN A 1018 -18.58 -1.40 -21.34
N THR A 1019 -18.10 -0.41 -22.10
CA THR A 1019 -18.21 -0.45 -23.54
C THR A 1019 -17.40 -1.60 -24.13
N ARG A 1020 -16.15 -1.75 -23.71
CA ARG A 1020 -15.33 -2.83 -24.23
C ARG A 1020 -15.82 -4.20 -23.75
N SER A 1021 -16.52 -4.24 -22.61
CA SER A 1021 -17.10 -5.50 -22.17
C SER A 1021 -18.36 -5.85 -22.96
N TYR A 1022 -19.07 -4.84 -23.48
CA TYR A 1022 -20.29 -5.13 -24.21
C TYR A 1022 -20.08 -5.47 -25.68
N ARG A 1023 -18.92 -5.14 -26.25
CA ARG A 1023 -18.65 -5.36 -27.67
C ARG A 1023 -17.66 -6.48 -27.92
N VAL A 1024 -17.50 -7.42 -26.99
CA VAL A 1024 -16.32 -8.29 -27.01
C VAL A 1024 -16.46 -9.45 -27.99
N GLN A 1025 -17.66 -9.74 -28.47
CA GLN A 1025 -17.82 -10.85 -29.40
C GLN A 1025 -18.78 -10.46 -30.53
N MET A 1026 -18.57 -9.28 -31.12
CA MET A 1026 -19.32 -8.84 -32.28
C MET A 1026 -18.42 -8.16 -33.30
N SER A 1027 -17.13 -8.48 -33.25
CA SER A 1027 -16.20 -8.07 -34.29
C SER A 1027 -15.65 -9.33 -34.94
N MET A 1028 -14.95 -9.14 -36.07
CA MET A 1028 -14.36 -10.27 -36.77
C MET A 1028 -13.06 -10.76 -36.17
N VAL A 1029 -12.46 -9.98 -35.26
CA VAL A 1029 -11.26 -10.42 -34.57
C VAL A 1029 -11.63 -11.53 -33.59
N GLU A 1030 -10.92 -12.65 -33.65
CA GLU A 1030 -11.25 -13.80 -32.83
C GLU A 1030 -10.63 -13.69 -31.44
N ARG A 1031 -11.49 -13.76 -30.42
CA ARG A 1031 -11.06 -13.80 -29.02
C ARG A 1031 -11.64 -15.08 -28.44
N PRO A 1032 -10.80 -16.07 -28.15
CA PRO A 1032 -11.33 -17.44 -27.94
C PRO A 1032 -12.08 -17.62 -26.63
N ALA A 1033 -11.56 -17.13 -25.51
CA ALA A 1033 -12.08 -17.52 -24.21
C ALA A 1033 -12.95 -16.47 -23.53
N LEU A 1034 -13.01 -15.26 -24.06
CA LEU A 1034 -13.81 -14.23 -23.41
C LEU A 1034 -15.30 -14.39 -23.77
N ALA A 1035 -16.15 -13.77 -22.94
CA ALA A 1035 -17.59 -13.89 -23.12
C ALA A 1035 -18.26 -12.53 -22.89
N GLN A 1036 -19.55 -12.49 -23.17
CA GLN A 1036 -20.31 -11.23 -23.09
C GLN A 1036 -20.93 -11.06 -21.71
N ARG A 1037 -20.73 -9.88 -21.12
CA ARG A 1037 -21.24 -9.56 -19.80
C ARG A 1037 -21.66 -8.09 -19.78
N SER A 1038 -22.64 -7.78 -18.94
CA SER A 1038 -23.09 -6.41 -18.72
C SER A 1038 -22.64 -5.94 -17.33
N VAL A 1039 -22.01 -4.78 -17.27
CA VAL A 1039 -21.47 -4.22 -16.03
C VAL A 1039 -22.31 -3.00 -15.65
N ASN A 1040 -22.95 -3.04 -14.49
CA ASN A 1040 -23.84 -1.97 -14.08
C ASN A 1040 -23.49 -1.38 -12.72
N ASN A 1041 -23.16 -2.25 -11.75
CA ASN A 1041 -23.08 -1.85 -10.34
C ASN A 1041 -21.62 -1.69 -9.95
N ILE A 1042 -21.23 -0.47 -9.61
CA ILE A 1042 -19.89 -0.15 -9.15
C ILE A 1042 -20.00 0.58 -7.82
N ARG A 1043 -19.29 0.09 -6.81
CA ARG A 1043 -19.25 0.71 -5.50
C ARG A 1043 -17.82 1.12 -5.19
N GLU A 1044 -17.67 2.21 -4.43
CA GLU A 1044 -16.37 2.75 -4.06
C GLU A 1044 -16.32 2.84 -2.54
N LEU A 1045 -15.65 1.87 -1.91
CA LEU A 1045 -15.57 1.78 -0.45
C LEU A 1045 -14.43 2.66 0.03
N THR A 1046 -14.77 3.84 0.54
CA THR A 1046 -13.77 4.80 1.00
C THR A 1046 -14.30 5.64 2.15
N SER A 1047 -13.66 6.78 2.40
CA SER A 1047 -13.99 7.62 3.55
C SER A 1047 -15.24 8.48 3.37
N ARG A 1048 -16.03 8.27 2.31
CA ARG A 1048 -17.21 9.08 2.06
C ARG A 1048 -18.52 8.40 2.41
N VAL A 1049 -18.48 7.29 3.15
CA VAL A 1049 -19.70 6.54 3.47
C VAL A 1049 -20.05 6.74 4.94
N SER A 1050 -21.32 7.05 5.20
CA SER A 1050 -21.81 7.14 6.57
C SER A 1050 -21.83 5.76 7.22
N SER A 1051 -21.71 5.73 8.55
CA SER A 1051 -21.51 4.48 9.26
C SER A 1051 -22.79 3.66 9.39
N GLN A 1052 -23.94 4.21 9.02
CA GLN A 1052 -25.18 3.44 9.15
C GLN A 1052 -25.28 2.34 8.10
N ASP A 1053 -24.91 2.64 6.86
CA ASP A 1053 -25.00 1.65 5.79
C ASP A 1053 -23.76 0.79 5.66
N ILE A 1054 -22.69 1.10 6.43
CA ILE A 1054 -21.47 0.30 6.36
C ILE A 1054 -21.68 -1.15 6.78
N PRO A 1055 -22.38 -1.46 7.89
CA PRO A 1055 -22.76 -2.86 8.12
C PRO A 1055 -23.65 -3.43 7.02
N LYS A 1056 -24.53 -2.61 6.43
CA LYS A 1056 -25.34 -3.09 5.30
C LYS A 1056 -24.55 -3.15 4.01
N TYR A 1057 -23.54 -2.29 3.82
CA TYR A 1057 -22.62 -2.44 2.69
C TYR A 1057 -21.83 -3.74 2.81
N LEU A 1058 -21.40 -4.08 4.02
CA LEU A 1058 -20.76 -5.37 4.23
C LEU A 1058 -21.76 -6.51 4.05
N ASP A 1059 -23.02 -6.26 4.39
CA ASP A 1059 -24.10 -7.21 4.10
C ASP A 1059 -24.63 -7.10 2.68
N ASN A 1060 -24.28 -6.03 1.96
CA ASN A 1060 -24.54 -5.96 0.52
C ASN A 1060 -23.66 -6.92 -0.25
N LEU A 1061 -22.42 -7.13 0.22
CA LEU A 1061 -21.49 -8.01 -0.48
C LEU A 1061 -21.79 -9.48 -0.21
N GLU A 1062 -22.72 -9.78 0.71
CA GLU A 1062 -23.00 -11.16 1.06
C GLU A 1062 -23.85 -11.89 0.02
N VAL A 1063 -24.62 -11.17 -0.80
CA VAL A 1063 -25.55 -11.80 -1.73
C VAL A 1063 -24.76 -12.37 -2.91
N LYS A 1064 -25.13 -13.59 -3.31
CA LYS A 1064 -24.44 -14.27 -4.40
C LYS A 1064 -25.16 -14.05 -5.72
N PHE A 1065 -24.45 -14.30 -6.82
CA PHE A 1065 -25.02 -14.21 -8.15
C PHE A 1065 -25.96 -15.39 -8.35
N LYS A 1066 -27.27 -15.14 -8.24
CA LYS A 1066 -28.25 -16.19 -8.40
C LYS A 1066 -28.33 -16.62 -9.86
N ALA A 1067 -28.38 -17.94 -10.07
CA ALA A 1067 -28.38 -18.48 -11.43
C ALA A 1067 -29.25 -19.74 -11.47
N GLU A 1068 -29.98 -19.89 -12.56
CA GLU A 1068 -30.80 -21.07 -12.81
C GLU A 1068 -30.43 -21.65 -14.17
N PHE A 1069 -30.61 -22.96 -14.29
CA PHE A 1069 -30.26 -23.66 -15.53
C PHE A 1069 -31.35 -23.44 -16.58
N ASP A 1070 -30.96 -22.93 -17.74
CA ASP A 1070 -31.86 -22.73 -18.86
C ASP A 1070 -31.71 -23.94 -19.79
N SER A 1071 -32.69 -24.84 -19.76
CA SER A 1071 -32.60 -26.07 -20.54
C SER A 1071 -32.81 -25.82 -22.03
N SER A 1072 -33.46 -24.71 -22.40
CA SER A 1072 -33.64 -24.40 -23.81
C SER A 1072 -32.33 -23.99 -24.48
N ALA A 1073 -31.44 -23.31 -23.75
CA ALA A 1073 -30.15 -22.91 -24.29
C ALA A 1073 -28.99 -23.75 -23.80
N GLY A 1074 -29.18 -24.51 -22.72
CA GLY A 1074 -28.12 -25.36 -22.21
C GLY A 1074 -27.04 -24.64 -21.42
N LYS A 1075 -27.39 -23.56 -20.74
CA LYS A 1075 -26.41 -22.80 -19.97
C LYS A 1075 -27.10 -22.12 -18.80
N TYR A 1076 -26.30 -21.69 -17.84
CA TYR A 1076 -26.82 -21.02 -16.65
C TYR A 1076 -26.92 -19.52 -16.89
N VAL A 1077 -28.05 -18.94 -16.53
CA VAL A 1077 -28.34 -17.54 -16.79
C VAL A 1077 -28.91 -16.90 -15.52
N THR A 1078 -28.44 -15.70 -15.20
CA THR A 1078 -28.89 -14.98 -14.02
C THR A 1078 -30.19 -14.26 -14.34
N LYS A 1079 -31.30 -14.76 -13.79
CA LYS A 1079 -32.60 -14.11 -13.89
C LYS A 1079 -32.94 -13.47 -12.56
N TRP A 1080 -33.41 -12.22 -12.60
CA TRP A 1080 -33.71 -11.46 -11.40
C TRP A 1080 -35.21 -11.22 -11.31
N GLN A 1081 -35.77 -11.45 -10.13
CA GLN A 1081 -37.20 -11.34 -9.92
C GLN A 1081 -37.60 -9.86 -9.76
N GLU A 1082 -38.86 -9.67 -9.38
CA GLU A 1082 -39.41 -8.32 -9.22
C GLU A 1082 -38.84 -7.64 -7.98
N GLY A 1083 -38.04 -6.60 -8.18
CA GLY A 1083 -37.54 -5.82 -7.07
C GLY A 1083 -36.50 -6.51 -6.21
N ASP A 1084 -35.77 -7.47 -6.76
CA ASP A 1084 -34.77 -8.18 -5.99
C ASP A 1084 -33.51 -7.34 -5.85
N THR A 1085 -32.57 -7.84 -5.04
CA THR A 1085 -31.32 -7.15 -4.79
C THR A 1085 -30.26 -7.64 -5.77
N ARG A 1086 -29.79 -6.75 -6.64
CA ARG A 1086 -28.73 -7.09 -7.57
C ARG A 1086 -27.39 -7.15 -6.85
N ALA A 1087 -26.47 -7.92 -7.41
CA ALA A 1087 -25.15 -8.06 -6.82
C ALA A 1087 -24.23 -6.93 -7.28
N ILE A 1088 -22.98 -7.00 -6.86
CA ILE A 1088 -21.97 -6.00 -7.18
C ILE A 1088 -21.00 -6.61 -8.19
N ASP A 1089 -20.52 -5.79 -9.12
CA ASP A 1089 -19.58 -6.26 -10.12
C ASP A 1089 -18.16 -5.81 -9.80
N VAL A 1090 -17.99 -4.52 -9.50
CA VAL A 1090 -16.68 -3.95 -9.23
C VAL A 1090 -16.74 -3.18 -7.92
N VAL A 1091 -15.80 -3.47 -7.02
CA VAL A 1091 -15.65 -2.75 -5.76
C VAL A 1091 -14.20 -2.28 -5.66
N LEU A 1092 -14.01 -1.02 -5.27
CA LEU A 1092 -12.69 -0.41 -5.21
C LEU A 1092 -12.35 -0.06 -3.77
N ALA A 1093 -11.06 -0.02 -3.45
CA ALA A 1093 -10.61 0.16 -2.08
C ALA A 1093 -9.45 1.14 -2.02
N THR A 1094 -9.36 1.85 -0.89
CA THR A 1094 -8.30 2.81 -0.61
C THR A 1094 -7.22 2.03 0.15
N ASN A 1095 -6.30 2.72 0.84
CA ASN A 1095 -5.12 2.09 1.43
C ASN A 1095 -5.44 0.95 2.38
N MET A 1096 -6.59 0.98 3.05
CA MET A 1096 -7.03 -0.17 3.83
C MET A 1096 -8.32 -0.72 3.23
N LEU A 1097 -8.49 -2.03 3.35
CA LEU A 1097 -9.77 -2.64 3.02
C LEU A 1097 -10.77 -2.39 4.15
N SER A 1098 -11.99 -2.89 3.95
CA SER A 1098 -13.04 -2.69 4.94
C SER A 1098 -12.71 -3.39 6.26
N VAL A 1099 -12.08 -4.57 6.18
CA VAL A 1099 -11.49 -5.38 7.26
C VAL A 1099 -12.38 -5.53 8.50
N GLY A 1100 -13.70 -5.42 8.32
CA GLY A 1100 -14.60 -5.57 9.43
C GLY A 1100 -14.90 -7.01 9.78
N VAL A 1101 -15.20 -7.83 8.78
CA VAL A 1101 -15.51 -9.24 8.97
C VAL A 1101 -14.74 -10.06 7.95
N ASP A 1102 -14.69 -11.37 8.18
CA ASP A 1102 -14.06 -12.30 7.24
C ASP A 1102 -15.12 -12.90 6.32
N VAL A 1103 -15.57 -12.08 5.36
CA VAL A 1103 -16.60 -12.51 4.41
C VAL A 1103 -15.99 -13.53 3.47
N ASN A 1104 -16.71 -14.64 3.26
CA ASN A 1104 -16.15 -15.79 2.58
C ASN A 1104 -16.20 -15.67 1.06
N ARG A 1105 -16.89 -14.67 0.52
CA ARG A 1105 -17.13 -14.65 -0.92
C ARG A 1105 -15.90 -14.23 -1.70
N LEU A 1106 -15.15 -13.24 -1.22
CA LEU A 1106 -14.11 -12.62 -2.04
C LEU A 1106 -12.93 -13.55 -2.26
N GLY A 1107 -12.57 -13.72 -3.53
CA GLY A 1107 -11.47 -14.60 -3.91
C GLY A 1107 -10.66 -14.16 -5.11
N LEU A 1108 -10.71 -12.87 -5.47
CA LEU A 1108 -9.97 -12.37 -6.62
C LEU A 1108 -9.64 -10.91 -6.37
N MET A 1109 -8.43 -10.50 -6.71
CA MET A 1109 -7.93 -9.20 -6.32
C MET A 1109 -6.81 -8.76 -7.27
N ALA A 1110 -6.79 -7.47 -7.59
CA ALA A 1110 -5.74 -6.88 -8.41
C ALA A 1110 -5.15 -5.67 -7.70
N VAL A 1111 -3.83 -5.53 -7.79
CA VAL A 1111 -3.10 -4.48 -7.08
C VAL A 1111 -2.50 -3.53 -8.11
N ASN A 1112 -2.73 -2.23 -7.92
CA ASN A 1112 -2.18 -1.22 -8.81
C ASN A 1112 -0.85 -0.75 -8.22
N GLY A 1113 0.25 -1.28 -8.75
CA GLY A 1113 1.57 -0.91 -8.31
C GLY A 1113 1.97 -1.59 -7.02
N GLN A 1114 3.26 -1.51 -6.72
CA GLN A 1114 3.78 -2.08 -5.48
C GLN A 1114 3.60 -1.09 -4.34
N PRO A 1115 3.06 -1.51 -3.20
CA PRO A 1115 2.86 -0.57 -2.09
C PRO A 1115 4.18 -0.12 -1.48
N LYS A 1116 4.09 0.91 -0.64
CA LYS A 1116 5.28 1.54 -0.07
C LYS A 1116 5.96 0.71 1.00
N GLY A 1117 5.35 -0.37 1.46
CA GLY A 1117 5.96 -1.19 2.49
C GLY A 1117 5.66 -2.66 2.26
N THR A 1118 6.54 -3.50 2.80
CA THR A 1118 6.38 -4.94 2.65
C THR A 1118 5.27 -5.48 3.55
N ALA A 1119 5.18 -4.98 4.79
CA ALA A 1119 4.19 -5.47 5.73
C ALA A 1119 2.78 -5.16 5.26
N GLU A 1120 2.57 -3.96 4.70
CA GLU A 1120 1.27 -3.62 4.12
C GLU A 1120 0.95 -4.52 2.93
N TYR A 1121 1.97 -4.88 2.15
CA TYR A 1121 1.76 -5.77 1.02
C TYR A 1121 1.34 -7.16 1.47
N ILE A 1122 1.96 -7.67 2.53
CA ILE A 1122 1.55 -8.98 3.04
C ILE A 1122 0.15 -8.90 3.67
N GLN A 1123 -0.16 -7.77 4.31
CA GLN A 1123 -1.46 -7.62 4.97
C GLN A 1123 -2.60 -7.55 3.94
N ALA A 1124 -2.41 -6.75 2.89
CA ALA A 1124 -3.51 -6.42 1.99
C ALA A 1124 -3.93 -7.62 1.14
N THR A 1125 -2.96 -8.37 0.62
CA THR A 1125 -3.29 -9.50 -0.24
C THR A 1125 -3.61 -10.77 0.53
N SER A 1126 -3.59 -10.73 1.86
CA SER A 1126 -4.01 -11.86 2.67
C SER A 1126 -5.48 -11.79 3.06
N ARG A 1127 -6.20 -10.76 2.60
CA ARG A 1127 -7.61 -10.63 2.94
C ARG A 1127 -8.53 -11.40 2.00
N VAL A 1128 -8.01 -11.95 0.91
CA VAL A 1128 -8.80 -12.70 -0.05
C VAL A 1128 -8.35 -14.14 -0.05
N GLY A 1129 -9.27 -15.03 -0.40
CA GLY A 1129 -8.96 -16.44 -0.52
C GLY A 1129 -8.81 -17.19 0.78
N ARG A 1130 -9.57 -16.81 1.82
CA ARG A 1130 -9.43 -17.46 3.11
C ARG A 1130 -10.23 -18.76 3.21
N SER A 1131 -11.38 -18.84 2.54
CA SER A 1131 -12.18 -20.06 2.53
C SER A 1131 -12.22 -20.74 1.16
N PHE A 1132 -11.75 -20.09 0.11
CA PHE A 1132 -11.72 -20.58 -1.25
C PHE A 1132 -10.35 -20.29 -1.82
N PRO A 1133 -9.94 -20.99 -2.89
CA PRO A 1133 -8.65 -20.68 -3.52
C PRO A 1133 -8.60 -19.25 -4.05
N GLY A 1134 -7.45 -18.62 -3.88
CA GLY A 1134 -7.29 -17.22 -4.18
C GLY A 1134 -6.41 -16.97 -5.39
N LEU A 1135 -6.36 -15.69 -5.79
CA LEU A 1135 -5.60 -15.27 -6.95
C LEU A 1135 -5.31 -13.79 -6.84
N VAL A 1136 -4.03 -13.43 -6.88
CA VAL A 1136 -3.59 -12.04 -6.78
C VAL A 1136 -2.79 -11.71 -8.01
N CYS A 1137 -3.09 -10.58 -8.64
CA CYS A 1137 -2.38 -10.12 -9.82
C CYS A 1137 -1.89 -8.70 -9.60
N THR A 1138 -0.60 -8.47 -9.81
CA THR A 1138 0.03 -7.19 -9.54
C THR A 1138 0.43 -6.56 -10.86
N VAL A 1139 0.00 -5.33 -11.09
CA VAL A 1139 0.35 -4.57 -12.28
C VAL A 1139 1.48 -3.64 -11.89
N LEU A 1140 2.65 -3.85 -12.47
CA LEU A 1140 3.86 -3.13 -12.10
C LEU A 1140 4.28 -2.20 -13.23
N THR A 1141 4.63 -0.97 -12.88
CA THR A 1141 5.10 -0.02 -13.88
C THR A 1141 6.55 -0.32 -14.25
N TRP A 1142 7.00 0.34 -15.31
CA TRP A 1142 8.37 0.16 -15.78
C TRP A 1142 9.27 1.31 -15.35
N ALA A 1143 8.71 2.51 -15.18
CA ALA A 1143 9.53 3.67 -14.85
C ALA A 1143 9.98 3.67 -13.39
N ARG A 1144 9.13 3.21 -12.49
CA ARG A 1144 9.42 3.29 -11.06
C ARG A 1144 10.50 2.27 -10.68
N PRO A 1145 11.41 2.62 -9.77
CA PRO A 1145 12.50 1.70 -9.43
C PRO A 1145 12.05 0.44 -8.70
N ARG A 1146 11.18 0.59 -7.70
CA ARG A 1146 10.76 -0.54 -6.89
C ARG A 1146 9.96 -1.54 -7.72
N ASP A 1147 9.13 -1.05 -8.64
CA ASP A 1147 8.29 -1.94 -9.44
C ASP A 1147 9.13 -2.79 -10.39
N LEU A 1148 10.07 -2.16 -11.11
CA LEU A 1148 10.94 -2.91 -12.00
C LEU A 1148 11.84 -3.87 -11.24
N SER A 1149 12.38 -3.41 -10.11
CA SER A 1149 13.27 -4.25 -9.30
C SER A 1149 12.54 -5.46 -8.75
N HIS A 1150 11.27 -5.29 -8.38
CA HIS A 1150 10.50 -6.44 -7.93
C HIS A 1150 10.10 -7.33 -9.10
N TYR A 1151 9.97 -6.76 -10.29
CA TYR A 1151 9.64 -7.57 -11.46
C TYR A 1151 10.80 -8.49 -11.83
N GLU A 1152 12.03 -7.98 -11.78
CA GLU A 1152 13.19 -8.81 -12.15
C GLU A 1152 13.44 -9.94 -11.15
N THR A 1153 12.94 -9.83 -9.91
CA THR A 1153 13.11 -10.89 -8.93
C THR A 1153 11.76 -11.35 -8.36
N PHE A 1154 10.79 -11.62 -9.22
CA PHE A 1154 9.44 -11.94 -8.78
C PHE A 1154 9.38 -13.28 -8.06
N GLU A 1155 10.08 -14.28 -8.57
CA GLU A 1155 10.00 -15.63 -8.03
C GLU A 1155 10.71 -15.77 -6.69
N HIS A 1156 11.82 -15.05 -6.47
CA HIS A 1156 12.57 -15.15 -5.23
C HIS A 1156 11.94 -14.32 -4.12
N TYR A 1157 11.40 -13.14 -4.46
CA TYR A 1157 10.82 -12.25 -3.47
C TYR A 1157 9.59 -12.85 -2.79
N HIS A 1158 8.78 -13.58 -3.56
CA HIS A 1158 7.56 -14.14 -3.02
C HIS A 1158 7.75 -15.52 -2.41
N ALA A 1159 8.98 -16.03 -2.39
CA ALA A 1159 9.30 -17.25 -1.67
C ALA A 1159 9.96 -17.01 -0.33
N THR A 1160 10.70 -15.90 -0.18
CA THR A 1160 11.30 -15.50 1.08
C THR A 1160 10.73 -14.12 1.45
N PHE A 1161 9.61 -14.12 2.16
CA PHE A 1161 8.91 -12.86 2.44
C PHE A 1161 9.59 -12.07 3.56
N TYR A 1162 9.84 -12.72 4.70
CA TYR A 1162 10.28 -12.00 5.89
C TYR A 1162 11.73 -11.54 5.80
N LYS A 1163 12.47 -11.99 4.78
CA LYS A 1163 13.84 -11.55 4.60
C LYS A 1163 13.92 -10.10 4.12
N HIS A 1164 12.84 -9.56 3.57
CA HIS A 1164 12.88 -8.28 2.85
C HIS A 1164 12.13 -7.15 3.55
N VAL A 1165 11.86 -7.27 4.85
CA VAL A 1165 11.12 -6.23 5.55
C VAL A 1165 12.01 -5.01 5.71
N GLU A 1166 11.50 -3.85 5.28
CA GLU A 1166 12.32 -2.65 5.20
C GLU A 1166 12.62 -2.09 6.59
N ALA A 1167 13.73 -1.36 6.68
CA ALA A 1167 14.22 -0.86 7.95
C ALA A 1167 13.31 0.26 8.49
N GLN A 1168 13.26 0.38 9.81
CA GLN A 1168 12.45 1.38 10.48
C GLN A 1168 13.29 2.02 11.58
N SER A 1169 12.88 3.21 12.01
CA SER A 1169 13.63 3.93 13.02
C SER A 1169 12.67 4.74 13.90
N VAL A 1170 13.01 4.81 15.19
CA VAL A 1170 12.29 5.63 16.16
C VAL A 1170 13.33 6.44 16.90
N THR A 1171 13.41 7.74 16.61
CA THR A 1171 14.45 8.61 17.15
C THR A 1171 13.84 9.82 17.86
N PRO A 1172 13.45 9.67 19.12
CA PRO A 1172 13.13 10.85 19.93
C PRO A 1172 14.42 11.51 20.39
N PHE A 1173 14.26 12.71 20.95
CA PHE A 1173 15.33 13.56 21.50
C PHE A 1173 16.32 14.04 20.44
N SER A 1174 16.05 13.79 19.16
CA SER A 1174 16.70 14.53 18.10
C SER A 1174 16.19 15.96 18.13
N PRO A 1175 16.97 16.94 17.66
CA PRO A 1175 16.57 18.35 17.82
C PRO A 1175 15.23 18.71 17.19
N ARG A 1176 14.92 18.17 16.01
CA ARG A 1176 13.67 18.51 15.35
C ARG A 1176 12.44 17.97 16.08
N ALA A 1177 12.57 16.85 16.78
CA ALA A 1177 11.48 16.41 17.64
C ALA A 1177 11.43 17.21 18.93
N MET A 1178 12.56 17.79 19.31
CA MET A 1178 12.62 18.53 20.57
C MET A 1178 12.07 19.93 20.42
N ASP A 1179 12.05 20.48 19.19
CA ASP A 1179 11.39 21.77 19.03
C ASP A 1179 9.87 21.64 19.05
N ARG A 1180 9.34 20.42 18.93
CA ARG A 1180 7.89 20.27 18.88
C ARG A 1180 7.31 19.64 20.15
N GLY A 1181 7.88 18.53 20.62
CA GLY A 1181 7.21 17.78 21.68
C GLY A 1181 7.64 18.03 23.11
N LEU A 1182 8.71 18.81 23.31
CA LEU A 1182 9.32 18.89 24.64
C LEU A 1182 8.42 19.66 25.61
N THR A 1183 7.92 20.82 25.20
CA THR A 1183 7.05 21.61 26.06
C THR A 1183 5.74 20.88 26.36
N GLY A 1184 5.20 20.18 25.36
CA GLY A 1184 4.00 19.40 25.58
C GLY A 1184 4.19 18.28 26.59
N SER A 1185 5.29 17.53 26.48
CA SER A 1185 5.56 16.48 27.45
C SER A 1185 5.81 17.05 28.85
N LEU A 1186 6.52 18.17 28.93
CA LEU A 1186 6.80 18.78 30.23
C LEU A 1186 5.51 19.25 30.91
N LEU A 1187 4.63 19.92 30.17
CA LEU A 1187 3.37 20.38 30.74
C LEU A 1187 2.46 19.22 31.10
N SER A 1188 2.48 18.16 30.27
CA SER A 1188 1.68 16.97 30.56
C SER A 1188 2.11 16.32 31.86
N LEU A 1189 3.42 16.26 32.11
CA LEU A 1189 3.90 15.71 33.36
C LEU A 1189 3.61 16.63 34.53
N MET A 1190 3.71 17.94 34.32
CA MET A 1190 3.59 18.89 35.42
C MET A 1190 2.15 19.05 35.88
N ARG A 1191 1.18 19.02 34.96
CA ARG A 1191 -0.21 19.30 35.32
C ARG A 1191 -0.81 18.18 36.15
N LEU A 1192 -0.70 16.94 35.67
CA LEU A 1192 -1.52 15.87 36.24
C LEU A 1192 -1.00 15.37 37.57
N LYS A 1193 0.24 15.68 37.91
CA LYS A 1193 0.85 15.13 39.12
C LYS A 1193 0.68 16.03 40.35
N ASN A 1194 0.28 17.28 40.17
CA ASN A 1194 0.15 18.22 41.27
C ASN A 1194 -1.26 18.80 41.31
N ASN A 1195 -1.60 19.41 42.45
CA ASN A 1195 -2.91 20.02 42.64
C ASN A 1195 -2.87 21.53 42.45
N GLU A 1196 -1.72 22.15 42.71
CA GLU A 1196 -1.64 23.61 42.62
C GLU A 1196 -1.67 24.08 41.17
N PHE A 1197 -1.13 23.29 40.25
CA PHE A 1197 -1.05 23.64 38.83
C PHE A 1197 -2.17 23.02 38.01
N SER A 1198 -3.12 22.33 38.65
CA SER A 1198 -4.15 21.61 37.89
C SER A 1198 -5.09 22.52 37.08
N PRO A 1199 -5.73 23.55 37.64
CA PRO A 1199 -6.75 24.27 36.88
C PRO A 1199 -6.19 25.40 36.03
N ASN A 1200 -7.10 26.13 35.41
CA ASN A 1200 -6.72 27.18 34.46
C ASN A 1200 -6.04 28.34 35.17
N GLU A 1201 -6.39 28.57 36.43
CA GLU A 1201 -5.70 29.59 37.23
C GLU A 1201 -4.43 29.06 37.87
N GLY A 1202 -3.93 27.90 37.43
CA GLY A 1202 -2.70 27.36 38.01
C GLY A 1202 -1.45 28.11 37.58
N ALA A 1203 -1.49 28.79 36.44
CA ALA A 1203 -0.37 29.62 36.03
C ALA A 1203 -0.26 30.84 36.95
N GLY A 1204 0.96 31.31 37.13
CA GLY A 1204 1.23 32.39 38.07
C GLY A 1204 1.42 31.94 39.49
N LYS A 1205 1.22 30.67 39.80
CA LYS A 1205 1.50 30.12 41.12
C LYS A 1205 2.94 29.62 41.23
N LEU A 1206 3.72 29.75 40.17
CA LEU A 1206 5.12 29.36 40.19
C LEU A 1206 5.93 30.37 40.99
N ASP A 1207 6.35 29.99 42.19
CA ASP A 1207 7.16 30.86 43.02
C ASP A 1207 8.16 30.00 43.78
N MET A 1208 8.97 30.66 44.61
CA MET A 1208 10.13 30.01 45.23
C MET A 1208 9.73 28.89 46.18
N SER A 1209 8.58 29.03 46.86
CA SER A 1209 8.12 27.97 47.73
C SER A 1209 7.62 26.77 46.94
N ASN A 1210 7.21 26.97 45.70
CA ASN A 1210 6.70 25.88 44.87
C ASN A 1210 7.62 25.54 43.71
N GLN A 1211 8.79 26.19 43.63
CA GLN A 1211 9.69 25.96 42.50
C GLN A 1211 10.46 24.66 42.63
N SER A 1212 10.45 24.05 43.82
CA SER A 1212 11.26 22.86 44.05
C SER A 1212 10.67 21.59 43.48
N GLU A 1213 9.42 21.62 43.02
CA GLU A 1213 8.80 20.42 42.45
C GLU A 1213 8.90 20.35 40.93
N LEU A 1214 9.46 21.37 40.29
CA LEU A 1214 9.65 21.34 38.84
C LEU A 1214 10.94 20.62 38.48
N ALA A 1215 11.94 20.66 39.38
CA ALA A 1215 13.21 19.99 39.14
C ALA A 1215 13.05 18.48 39.10
N HIS A 1216 12.05 17.94 39.81
CA HIS A 1216 11.79 16.51 39.75
C HIS A 1216 11.34 16.09 38.35
N ALA A 1217 10.47 16.90 37.73
CA ALA A 1217 10.02 16.61 36.37
C ALA A 1217 11.13 16.82 35.34
N ILE A 1218 11.96 17.85 35.54
CA ILE A 1218 13.11 18.06 34.68
C ILE A 1218 14.06 16.87 34.77
N GLU A 1219 14.29 16.37 35.99
CA GLU A 1219 15.21 15.27 36.20
C GLU A 1219 14.69 13.95 35.63
N VAL A 1220 13.38 13.68 35.71
CA VAL A 1220 12.87 12.45 35.10
C VAL A 1220 12.93 12.54 33.57
N LEU A 1221 12.65 13.72 32.98
CA LEU A 1221 12.82 13.86 31.53
C LEU A 1221 14.27 13.64 31.11
N ALA A 1222 15.22 14.24 31.84
CA ALA A 1222 16.64 14.08 31.50
C ALA A 1222 17.12 12.65 31.72
N THR A 1223 16.63 11.98 32.76
CA THR A 1223 17.01 10.59 33.02
C THR A 1223 16.55 9.68 31.89
N ARG A 1224 15.30 9.85 31.43
CA ARG A 1224 14.83 9.01 30.33
C ARG A 1224 15.56 9.34 29.03
N ALA A 1225 15.88 10.61 28.80
CA ALA A 1225 16.64 10.98 27.61
C ALA A 1225 18.02 10.34 27.60
N GLY A 1226 18.71 10.39 28.75
CA GLY A 1226 20.03 9.80 28.83
C GLY A 1226 20.01 8.28 28.70
N ASN A 1227 18.99 7.65 29.29
CA ASN A 1227 18.91 6.19 29.20
C ASN A 1227 18.55 5.73 27.80
N VAL A 1228 17.66 6.47 27.11
CA VAL A 1228 17.23 6.06 25.77
C VAL A 1228 18.34 6.30 24.75
N ALA A 1229 18.95 7.48 24.77
CA ALA A 1229 19.95 7.80 23.75
C ALA A 1229 21.24 7.01 23.95
N GLU A 1230 21.58 6.69 25.21
CA GLU A 1230 22.85 6.04 25.58
C GLU A 1230 24.05 6.82 25.07
N ASP A 1231 23.96 8.15 25.16
CA ASP A 1231 25.00 9.06 24.69
C ASP A 1231 24.79 10.38 25.41
N ASN A 1232 25.82 10.85 26.12
CA ASN A 1232 25.68 12.04 26.96
C ASN A 1232 25.61 13.32 26.14
N ALA A 1233 26.02 13.27 24.87
CA ALA A 1233 25.93 14.44 24.00
C ALA A 1233 24.48 14.83 23.74
N ARG A 1234 23.56 13.86 23.75
CA ARG A 1234 22.14 14.17 23.70
C ARG A 1234 21.63 14.68 25.04
N LYS A 1235 22.16 14.14 26.14
CA LYS A 1235 21.66 14.47 27.47
C LYS A 1235 21.99 15.92 27.85
N LEU A 1236 23.18 16.38 27.46
CA LEU A 1236 23.55 17.78 27.73
C LEU A 1236 22.63 18.74 26.99
N LEU A 1237 22.34 18.45 25.72
CA LEU A 1237 21.43 19.27 24.93
C LEU A 1237 20.02 19.27 25.52
N ALA A 1238 19.55 18.10 25.95
CA ALA A 1238 18.22 18.00 26.55
C ALA A 1238 18.14 18.79 27.86
N GLU A 1239 19.19 18.72 28.68
CA GLU A 1239 19.22 19.47 29.94
C GLU A 1239 19.21 20.98 29.67
N ASN A 1240 20.00 21.43 28.68
CA ASN A 1240 20.02 22.85 28.36
C ASN A 1240 18.66 23.33 27.85
N GLU A 1241 18.01 22.53 26.98
CA GLU A 1241 16.72 22.95 26.45
C GLU A 1241 15.63 22.92 27.51
N LEU A 1242 15.72 22.01 28.48
CA LEU A 1242 14.74 22.02 29.57
C LEU A 1242 14.95 23.21 30.49
N LYS A 1243 16.21 23.53 30.81
CA LYS A 1243 16.51 24.69 31.64
C LYS A 1243 16.04 25.98 30.96
N GLU A 1244 16.14 26.03 29.63
CA GLU A 1244 15.73 27.22 28.89
C GLU A 1244 14.22 27.46 29.06
N ARG A 1245 13.42 26.40 28.88
CA ARG A 1245 11.97 26.50 29.04
C ARG A 1245 11.59 26.83 30.48
N ALA A 1246 12.30 26.25 31.45
CA ALA A 1246 12.00 26.55 32.84
C ALA A 1246 12.26 28.02 33.17
N ASP A 1247 13.35 28.57 32.67
CA ASP A 1247 13.63 29.98 32.94
C ASP A 1247 12.73 30.91 32.13
N GLU A 1248 12.16 30.46 31.01
CA GLU A 1248 11.15 31.27 30.35
C GLU A 1248 9.82 31.24 31.09
N TRP A 1249 9.48 30.09 31.68
CA TRP A 1249 8.26 30.01 32.50
C TRP A 1249 8.40 30.89 33.73
N ALA A 1250 9.58 30.92 34.34
CA ALA A 1250 9.77 31.70 35.57
C ALA A 1250 9.62 33.19 35.33
N LYS A 1251 9.88 33.67 34.11
CA LYS A 1251 9.78 35.10 33.84
C LYS A 1251 8.33 35.55 33.74
N GLU A 1252 7.48 34.77 33.06
CA GLU A 1252 6.12 35.23 32.80
C GLU A 1252 5.24 35.14 34.03
N ALA A 1253 5.50 34.18 34.91
CA ALA A 1253 4.66 34.01 36.09
C ALA A 1253 4.86 35.13 37.10
N SER A 1254 6.00 35.82 37.04
CA SER A 1254 6.29 36.89 37.98
C SER A 1254 5.78 38.24 37.52
N LYS A 1255 5.12 38.32 36.38
CA LYS A 1255 4.56 39.58 35.92
C LYS A 1255 3.32 39.93 36.73
N GLY A 1256 3.27 41.16 37.25
CA GLY A 1256 2.15 41.58 38.06
C GLY A 1256 1.10 42.35 37.28
N GLY A 1257 0.01 42.67 37.98
CA GLY A 1257 -1.06 43.44 37.40
C GLY A 1257 -1.98 42.69 36.46
N ARG A 1258 -1.92 41.37 36.45
CA ARG A 1258 -2.75 40.59 35.54
C ARG A 1258 -2.96 39.20 36.12
N ILE A 1259 -3.96 38.52 35.58
CA ILE A 1259 -4.18 37.11 35.87
C ILE A 1259 -3.57 36.28 34.75
N LEU A 1260 -2.59 35.46 35.09
CA LEU A 1260 -1.93 34.60 34.12
C LEU A 1260 -2.63 33.25 34.11
N GLY A 1261 -3.05 32.82 32.92
CA GLY A 1261 -3.75 31.57 32.75
C GLY A 1261 -3.22 30.78 31.57
N TYR A 1262 -3.65 29.53 31.49
CA TYR A 1262 -3.24 28.69 30.37
C TYR A 1262 -3.95 29.10 29.09
N GLU A 1263 -5.26 29.35 29.16
CA GLU A 1263 -6.05 29.69 27.99
C GLU A 1263 -6.96 30.87 28.33
N LYS A 1264 -7.62 31.39 27.30
CA LYS A 1264 -8.64 32.43 27.48
C LYS A 1264 -9.98 31.77 27.75
N ARG A 1265 -10.40 31.79 29.02
CA ARG A 1265 -11.62 31.11 29.43
C ARG A 1265 -12.14 31.74 30.71
N GLY A 1266 -13.46 31.73 30.86
CA GLY A 1266 -14.09 32.20 32.07
C GLY A 1266 -14.52 33.65 32.00
N PRO A 1267 -15.27 34.10 33.00
CA PRO A 1267 -15.70 35.51 33.04
C PRO A 1267 -14.55 36.48 33.22
N ASP A 1268 -13.40 36.03 33.71
CA ASP A 1268 -12.23 36.87 33.90
C ASP A 1268 -11.38 36.99 32.65
N LYS A 1269 -11.91 36.62 31.47
CA LYS A 1269 -11.16 36.68 30.23
C LYS A 1269 -10.87 38.10 29.78
N ASP A 1270 -11.56 39.10 30.36
CA ASP A 1270 -11.31 40.48 30.00
C ASP A 1270 -9.99 41.00 30.55
N LYS A 1271 -9.39 40.28 31.51
CA LYS A 1271 -8.08 40.62 32.04
C LYS A 1271 -7.08 39.48 31.95
N THR A 1272 -7.49 38.30 31.52
CA THR A 1272 -6.62 37.12 31.52
C THR A 1272 -5.78 37.08 30.25
N VAL A 1273 -4.51 36.70 30.40
CA VAL A 1273 -3.59 36.50 29.29
C VAL A 1273 -3.16 35.05 29.27
N ALA A 1274 -3.30 34.42 28.11
CA ALA A 1274 -2.94 33.01 27.94
C ALA A 1274 -1.43 32.85 27.85
N LEU A 1275 -0.96 31.64 28.16
CA LEU A 1275 0.47 31.37 28.13
C LEU A 1275 0.89 30.61 26.87
N ILE A 1276 0.09 29.64 26.44
CA ILE A 1276 0.47 28.76 25.33
C ILE A 1276 -0.42 29.04 24.14
N LYS A 1277 0.05 28.61 22.97
CA LYS A 1277 -0.64 28.84 21.70
C LYS A 1277 -0.88 27.52 20.99
N SER A 1278 -1.80 27.53 20.07
CA SER A 1278 -2.15 26.44 19.17
C SER A 1278 -1.50 26.67 17.81
N PRO A 1279 -1.14 25.60 17.10
CA PRO A 1279 -0.53 25.77 15.77
C PRO A 1279 -1.47 26.44 14.79
N GLY A 1280 -0.91 27.33 13.97
CA GLY A 1280 -1.70 28.08 13.02
C GLY A 1280 -0.87 28.87 12.03
N LEU A 1281 -1.34 30.07 11.69
CA LEU A 1281 -0.64 30.89 10.70
C LEU A 1281 0.66 31.48 11.24
N GLN A 1282 0.79 31.63 12.55
CA GLN A 1282 1.97 32.25 13.13
C GLN A 1282 3.17 31.29 13.06
N ALA A 1283 4.36 31.86 13.23
CA ALA A 1283 5.57 31.07 13.23
C ALA A 1283 5.67 30.21 14.48
N TRP A 1284 6.27 29.03 14.34
CA TRP A 1284 6.41 28.12 15.46
C TRP A 1284 7.42 28.67 16.46
N ASP A 1285 7.10 28.51 17.75
CA ASP A 1285 7.92 29.06 18.82
C ASP A 1285 8.02 28.05 19.94
N ASN A 1286 8.56 28.50 21.08
CA ASN A 1286 8.83 27.59 22.20
C ASN A 1286 7.55 27.11 22.87
N TRP A 1287 6.52 27.95 22.90
CA TRP A 1287 5.32 27.67 23.66
C TRP A 1287 4.16 27.16 22.80
N THR A 1288 4.42 26.79 21.55
CA THR A 1288 3.38 26.20 20.72
C THR A 1288 3.23 24.72 21.03
N VAL A 1289 2.04 24.31 21.42
CA VAL A 1289 1.79 22.94 21.83
C VAL A 1289 0.87 22.27 20.82
N PRO A 1290 1.23 21.13 20.26
CA PRO A 1290 0.40 20.48 19.25
C PRO A 1290 -0.84 19.86 19.88
N MET A 1291 -1.81 19.54 19.03
CA MET A 1291 -3.03 18.88 19.46
C MET A 1291 -3.17 17.47 18.88
N SER A 1292 -2.15 16.97 18.18
CA SER A 1292 -2.20 15.65 17.58
C SER A 1292 -0.78 15.11 17.46
N MET A 1293 -0.68 13.79 17.32
CA MET A 1293 0.64 13.17 17.19
C MET A 1293 1.26 13.43 15.83
N ARG A 1294 0.47 13.41 14.77
CA ARG A 1294 0.97 13.53 13.40
C ARG A 1294 0.68 14.92 12.86
N GLU A 1295 1.63 15.48 12.14
CA GLU A 1295 1.46 16.82 11.56
C GLU A 1295 0.81 16.72 10.19
N VAL A 1296 -0.25 17.50 9.99
CA VAL A 1296 -0.96 17.54 8.72
C VAL A 1296 -1.09 19.00 8.31
N GLU A 1297 -0.73 19.30 7.07
CA GLU A 1297 -0.82 20.65 6.55
C GLU A 1297 -2.21 20.89 5.97
N SER A 1298 -2.81 22.00 6.34
CA SER A 1298 -4.19 22.30 5.95
C SER A 1298 -4.28 22.68 4.49
N GLY A 1299 -5.35 22.24 3.83
CA GLY A 1299 -5.49 22.46 2.40
C GLY A 1299 -6.17 23.76 2.06
N VAL A 1300 -6.19 24.06 0.76
CA VAL A 1300 -6.78 25.28 0.21
C VAL A 1300 -7.85 24.87 -0.79
N ARG A 1301 -8.97 25.61 -0.76
CA ARG A 1301 -10.15 25.30 -1.56
C ARG A 1301 -10.17 26.13 -2.83
N LEU A 1302 -11.01 25.70 -3.78
CA LEU A 1302 -11.10 26.29 -5.10
C LEU A 1302 -12.48 26.92 -5.30
N ILE A 1303 -12.51 28.08 -5.96
CA ILE A 1303 -13.75 28.84 -6.18
C ILE A 1303 -14.00 28.92 -7.67
N MET A 1304 -15.16 28.44 -8.11
CA MET A 1304 -15.52 28.39 -9.52
C MET A 1304 -16.24 29.67 -9.92
N ASP A 1305 -15.94 30.18 -11.12
CA ASP A 1305 -16.63 31.36 -11.65
C ASP A 1305 -17.37 30.95 -12.91
N THR A 1306 -18.62 30.54 -12.74
CA THR A 1306 -19.44 30.08 -13.85
C THR A 1306 -20.05 31.26 -14.58
N LYS A 1307 -19.75 31.40 -15.87
CA LYS A 1307 -20.25 32.49 -16.68
C LYS A 1307 -20.14 32.10 -18.14
N PHE A 1308 -20.91 32.77 -18.99
CA PHE A 1308 -20.89 32.48 -20.41
C PHE A 1308 -19.93 33.42 -21.14
N ILE A 1309 -19.24 32.88 -22.14
CA ILE A 1309 -18.21 33.60 -22.88
C ILE A 1309 -18.58 33.62 -24.35
N LYS A 1310 -18.52 34.81 -24.96
CA LYS A 1310 -18.74 34.99 -26.38
C LYS A 1310 -17.42 34.96 -27.13
N ASP A 1311 -17.49 34.72 -28.44
CA ASP A 1311 -16.31 34.56 -29.29
C ASP A 1311 -16.43 35.49 -30.50
N ASP A 1312 -15.42 36.35 -30.69
CA ASP A 1312 -15.37 37.24 -31.84
C ASP A 1312 -14.30 36.86 -32.85
N HIS A 1313 -13.67 35.70 -32.70
CA HIS A 1313 -12.56 35.27 -33.54
C HIS A 1313 -12.91 33.95 -34.23
N ASP A 1314 -12.38 33.76 -35.43
CA ASP A 1314 -12.77 32.66 -36.29
C ASP A 1314 -11.56 31.86 -36.77
N TRP A 1315 -11.81 30.59 -37.10
CA TRP A 1315 -10.77 29.75 -37.67
C TRP A 1315 -10.47 30.14 -39.11
N LYS A 1316 -9.26 29.89 -39.55
CA LYS A 1316 -8.86 30.16 -40.92
C LYS A 1316 -7.70 29.24 -41.28
N PRO A 1317 -7.60 28.83 -42.56
CA PRO A 1317 -6.50 27.97 -43.00
C PRO A 1317 -5.16 28.69 -43.04
N ASN B 5 -23.50 33.47 -7.82
CA ASN B 5 -22.48 33.56 -8.86
C ASN B 5 -21.45 32.43 -8.73
N LYS B 6 -20.64 32.49 -7.68
CA LYS B 6 -19.56 31.54 -7.50
C LYS B 6 -20.01 30.37 -6.63
N THR B 7 -19.25 29.27 -6.72
CA THR B 7 -19.54 28.05 -5.98
C THR B 7 -18.24 27.27 -5.77
N PRO B 8 -18.10 26.60 -4.63
CA PRO B 8 -16.91 25.77 -4.41
C PRO B 8 -16.96 24.50 -5.24
N VAL B 9 -15.78 23.92 -5.48
CA VAL B 9 -15.68 22.65 -6.19
C VAL B 9 -14.89 21.64 -5.36
N GLY B 10 -13.66 21.99 -4.99
CA GLY B 10 -12.81 21.02 -4.33
C GLY B 10 -11.64 21.69 -3.63
N GLU B 11 -10.71 20.87 -3.17
CA GLU B 11 -9.59 21.33 -2.37
C GLU B 11 -8.35 20.50 -2.69
N VAL B 12 -7.19 21.13 -2.51
CA VAL B 12 -5.89 20.49 -2.70
C VAL B 12 -4.95 20.94 -1.60
N ARG B 13 -3.78 20.28 -1.53
CA ARG B 13 -2.76 20.68 -0.56
C ARG B 13 -1.94 21.83 -1.13
N PRO B 14 -1.54 22.79 -0.28
CA PRO B 14 -0.91 24.02 -0.81
C PRO B 14 0.52 23.84 -1.25
N SER B 15 1.16 22.71 -0.95
CA SER B 15 2.51 22.48 -1.44
C SER B 15 2.54 22.23 -2.94
N GLN B 16 1.40 21.83 -3.53
CA GLN B 16 1.37 21.55 -4.96
C GLN B 16 1.35 22.82 -5.81
N LEU B 17 0.83 23.91 -5.26
CA LEU B 17 0.55 25.15 -6.01
C LEU B 17 1.76 25.76 -6.70
N LEU B 18 2.98 25.32 -6.38
CA LEU B 18 4.17 25.79 -7.07
C LEU B 18 4.83 24.73 -7.93
N TRP B 19 4.33 23.50 -7.91
CA TRP B 19 4.96 22.42 -8.66
C TRP B 19 4.00 21.74 -9.64
N THR B 20 2.77 21.50 -9.21
CA THR B 20 1.78 20.83 -10.05
C THR B 20 0.43 21.49 -9.77
N TYR B 21 -0.28 21.86 -10.85
CA TYR B 21 -1.36 22.84 -10.92
C TYR B 21 -0.78 24.23 -10.68
N GLY B 22 -1.63 25.23 -10.51
CA GLY B 22 -1.17 26.60 -10.45
C GLY B 22 -1.66 27.35 -11.66
N PRO B 23 -1.17 28.58 -11.87
CA PRO B 23 -1.71 29.44 -12.92
C PRO B 23 -1.47 28.87 -14.31
N GLY B 24 -2.57 28.61 -15.02
CA GLY B 24 -2.52 28.16 -16.40
C GLY B 24 -2.54 26.67 -16.58
N ALA B 25 -2.68 25.88 -15.52
CA ALA B 25 -2.64 24.43 -15.64
C ALA B 25 -4.04 23.84 -15.70
N LEU B 26 -4.12 22.57 -16.07
CA LEU B 26 -5.38 21.85 -16.15
C LEU B 26 -5.50 20.91 -14.96
N ILE B 27 -6.42 21.23 -14.05
CA ILE B 27 -6.60 20.42 -12.84
C ILE B 27 -7.63 19.34 -13.16
N ASP B 28 -7.22 18.08 -13.03
CA ASP B 28 -8.09 16.94 -13.32
C ASP B 28 -8.87 16.57 -12.07
N LEU B 29 -9.95 17.31 -11.83
CA LEU B 29 -10.87 17.03 -10.74
C LEU B 29 -11.66 15.76 -11.07
N PRO B 30 -12.24 15.06 -10.07
CA PRO B 30 -12.93 13.80 -10.37
C PRO B 30 -14.13 13.93 -11.30
N SER B 31 -14.77 15.10 -11.33
CA SER B 31 -15.97 15.26 -12.14
C SER B 31 -15.76 16.11 -13.39
N LEU B 32 -14.82 17.05 -13.36
CA LEU B 32 -14.61 17.97 -14.47
C LEU B 32 -13.17 18.47 -14.41
N SER B 33 -12.88 19.53 -15.16
CA SER B 33 -11.55 20.12 -15.19
C SER B 33 -11.66 21.64 -15.25
N VAL B 34 -10.69 22.31 -14.63
CA VAL B 34 -10.66 23.77 -14.57
C VAL B 34 -9.25 24.26 -14.88
N VAL B 35 -9.14 25.57 -15.06
CA VAL B 35 -7.87 26.25 -15.25
C VAL B 35 -7.80 27.39 -14.24
N THR B 36 -6.71 27.42 -13.47
CA THR B 36 -6.52 28.47 -12.48
C THR B 36 -6.31 29.81 -13.17
N LEU B 37 -6.91 30.87 -12.63
CA LEU B 37 -6.79 32.19 -13.21
C LEU B 37 -5.46 32.82 -12.82
N GLY B 38 -5.19 33.97 -13.41
CA GLY B 38 -3.96 34.67 -13.14
C GLY B 38 -3.94 35.29 -11.76
N ILE B 39 -2.73 35.63 -11.30
CA ILE B 39 -2.55 36.12 -9.94
C ILE B 39 -3.03 37.55 -9.76
N ASP B 40 -3.35 38.25 -10.85
CA ASP B 40 -3.88 39.61 -10.73
C ASP B 40 -5.32 39.63 -10.24
N ARG B 41 -6.01 38.48 -10.28
CA ARG B 41 -7.36 38.35 -9.74
C ARG B 41 -7.38 37.68 -8.37
N TRP B 42 -6.23 37.54 -7.72
CA TRP B 42 -6.15 36.92 -6.41
C TRP B 42 -6.29 37.98 -5.32
N GLU B 43 -6.67 37.53 -4.13
CA GLU B 43 -6.81 38.41 -2.97
C GLU B 43 -5.42 38.77 -2.47
N ARG B 44 -5.02 40.03 -2.72
CA ARG B 44 -3.67 40.48 -2.39
C ARG B 44 -3.41 40.52 -0.89
N GLU B 45 -4.39 40.98 -0.12
CA GLU B 45 -4.17 41.23 1.31
C GLU B 45 -4.48 40.03 2.19
N ARG B 46 -4.84 38.88 1.61
CA ARG B 46 -4.99 37.66 2.39
C ARG B 46 -3.85 36.68 2.19
N CYS B 47 -2.72 37.14 1.65
CA CYS B 47 -1.54 36.31 1.42
C CYS B 47 -0.44 36.76 2.39
N GLN B 48 -0.04 35.86 3.27
CA GLN B 48 0.92 36.22 4.32
C GLN B 48 2.32 36.35 3.74
N PRO B 49 2.99 37.49 3.91
CA PRO B 49 4.32 37.66 3.33
C PRO B 49 5.38 36.83 4.03
N ILE B 50 6.42 36.48 3.28
CA ILE B 50 7.56 35.70 3.77
C ILE B 50 8.82 36.52 3.58
N GLN B 51 9.66 36.55 4.61
CA GLN B 51 10.83 37.41 4.66
C GLN B 51 12.08 36.65 4.22
N GLU B 52 12.58 36.98 3.03
CA GLU B 52 13.89 36.49 2.58
C GLU B 52 14.41 37.47 1.52
N ALA B 53 15.32 38.35 1.93
CA ALA B 53 15.79 39.41 1.05
C ALA B 53 16.75 38.91 -0.02
N ARG B 54 17.51 37.86 0.27
CA ARG B 54 18.50 37.36 -0.68
C ARG B 54 17.84 36.78 -1.92
N LEU B 55 16.71 36.10 -1.74
CA LEU B 55 15.95 35.61 -2.90
C LEU B 55 15.25 36.76 -3.61
N LEU B 56 14.86 37.80 -2.86
CA LEU B 56 14.24 38.97 -3.46
C LEU B 56 15.21 39.70 -4.38
N ALA B 57 16.48 39.74 -4.02
CA ALA B 57 17.47 40.41 -4.86
C ALA B 57 17.67 39.72 -6.21
N ALA B 58 17.32 38.44 -6.32
CA ALA B 58 17.42 37.74 -7.60
C ALA B 58 16.10 37.78 -8.35
N VAL B 59 14.98 37.73 -7.62
CA VAL B 59 13.67 37.84 -8.25
C VAL B 59 13.51 39.22 -8.89
N ARG B 60 13.96 40.26 -8.19
CA ARG B 60 13.96 41.60 -8.77
C ARG B 60 14.90 41.68 -9.97
N LYS B 61 16.05 41.00 -9.91
CA LYS B 61 16.99 41.04 -11.02
C LYS B 61 16.45 40.36 -12.27
N VAL B 62 15.60 39.36 -12.12
CA VAL B 62 15.02 38.69 -13.29
C VAL B 62 13.79 39.44 -13.80
N LEU B 63 12.85 39.78 -12.91
CA LEU B 63 11.55 40.30 -13.33
C LEU B 63 11.40 41.80 -13.16
N GLY B 64 12.47 42.53 -12.89
CA GLY B 64 12.40 43.98 -12.82
C GLY B 64 12.31 44.51 -11.40
N PRO B 65 12.58 45.81 -11.23
CA PRO B 65 12.65 46.39 -9.88
C PRO B 65 11.31 46.76 -9.29
N GLN B 66 10.18 46.38 -9.90
CA GLN B 66 8.89 46.78 -9.37
C GLN B 66 8.30 45.76 -8.41
N VAL B 67 8.91 44.57 -8.30
CA VAL B 67 8.37 43.55 -7.42
C VAL B 67 8.55 43.97 -5.96
N GLU B 68 7.55 43.68 -5.13
CA GLU B 68 7.54 44.16 -3.76
C GLU B 68 7.74 43.06 -2.72
N ASN B 69 6.87 42.05 -2.69
CA ASN B 69 6.88 41.06 -1.63
C ASN B 69 6.77 39.66 -2.21
N LEU B 70 7.18 38.68 -1.40
CA LEU B 70 6.92 37.27 -1.66
C LEU B 70 5.81 36.82 -0.71
N ARG B 71 4.78 36.17 -1.25
CA ARG B 71 3.55 35.92 -0.50
C ARG B 71 3.13 34.47 -0.59
N MET B 72 2.50 34.01 0.48
CA MET B 72 2.06 32.63 0.62
C MET B 72 0.74 32.45 -0.10
N PRO B 73 0.36 31.21 -0.43
CA PRO B 73 -1.00 31.00 -0.92
C PRO B 73 -2.00 31.35 0.16
N PRO B 74 -3.15 31.87 -0.22
CA PRO B 74 -4.13 32.25 0.77
C PRO B 74 -4.83 31.16 1.61
N PHE B 75 -5.41 31.64 2.70
CA PHE B 75 -6.23 30.81 3.59
C PHE B 75 -7.02 31.78 4.48
N ALA B 88 -16.44 31.57 3.61
CA ALA B 88 -16.97 30.48 2.80
C ALA B 88 -16.69 30.72 1.31
N ASN B 89 -16.44 31.98 0.97
CA ASN B 89 -16.11 32.36 -0.39
C ASN B 89 -14.62 32.63 -0.60
N ILE B 90 -13.79 32.25 0.35
CA ILE B 90 -12.34 32.44 0.22
C ILE B 90 -11.72 31.19 -0.37
N GLY B 91 -10.89 31.38 -1.40
CA GLY B 91 -10.23 30.26 -2.04
C GLY B 91 -9.47 30.73 -3.27
N VAL B 92 -9.16 29.77 -4.13
CA VAL B 92 -8.41 30.01 -5.36
C VAL B 92 -9.39 30.04 -6.51
N PRO B 93 -9.41 31.11 -7.31
CA PRO B 93 -10.41 31.22 -8.40
C PRO B 93 -10.04 30.33 -9.59
N VAL B 94 -11.05 29.62 -10.12
CA VAL B 94 -10.88 28.77 -11.29
C VAL B 94 -12.01 29.03 -12.26
N ARG B 95 -11.86 28.47 -13.47
CA ARG B 95 -12.81 28.59 -14.56
C ARG B 95 -12.77 27.31 -15.37
N PRO B 96 -13.92 26.78 -15.80
CA PRO B 96 -13.93 25.48 -16.50
C PRO B 96 -13.21 25.53 -17.84
N PHE B 97 -12.60 24.39 -18.18
CA PHE B 97 -11.85 24.18 -19.42
C PHE B 97 -11.60 22.70 -19.56
N PRO B 98 -11.81 22.10 -20.74
CA PRO B 98 -12.28 22.67 -22.01
C PRO B 98 -13.79 22.86 -22.03
N ARG B 99 -14.30 23.66 -22.97
CA ARG B 99 -15.71 24.00 -22.99
C ARG B 99 -16.56 23.04 -23.82
N TRP B 100 -15.95 22.08 -24.49
CA TRP B 100 -16.70 21.10 -25.28
C TRP B 100 -16.79 19.79 -24.51
N MET B 101 -18.02 19.26 -24.40
CA MET B 101 -18.26 18.07 -23.60
C MET B 101 -19.11 17.09 -24.39
N ARG B 102 -19.14 15.84 -23.92
CA ARG B 102 -19.84 14.76 -24.60
C ARG B 102 -20.77 14.07 -23.61
N CYS B 103 -22.03 13.86 -24.01
CA CYS B 103 -22.97 13.09 -23.21
C CYS B 103 -22.72 11.60 -23.41
N VAL B 104 -22.76 10.84 -22.30
CA VAL B 104 -22.47 9.42 -22.36
C VAL B 104 -23.61 8.65 -23.04
N LYS B 105 -24.86 8.95 -22.68
CA LYS B 105 -25.98 8.11 -23.11
C LYS B 105 -26.27 8.22 -24.60
N CYS B 106 -26.32 9.44 -25.13
CA CYS B 106 -26.71 9.66 -26.51
C CYS B 106 -25.54 10.01 -27.41
N GLY B 107 -24.36 10.28 -26.85
CA GLY B 107 -23.21 10.58 -27.67
C GLY B 107 -23.18 11.95 -28.29
N LEU B 108 -24.07 12.85 -27.86
CA LEU B 108 -24.12 14.19 -28.45
C LEU B 108 -22.92 15.00 -27.97
N LEU B 109 -22.43 15.89 -28.84
CA LEU B 109 -21.28 16.72 -28.57
C LEU B 109 -21.69 18.17 -28.78
N SER B 110 -21.51 19.01 -27.76
CA SER B 110 -21.94 20.40 -27.82
C SER B 110 -21.14 21.20 -26.81
N PRO B 111 -20.86 22.47 -27.08
CA PRO B 111 -20.23 23.32 -26.06
C PRO B 111 -21.18 23.61 -24.91
N PHE B 112 -20.58 23.94 -23.76
CA PHE B 112 -21.35 24.18 -22.54
C PHE B 112 -22.23 25.41 -22.67
N ASP B 113 -21.73 26.47 -23.29
CA ASP B 113 -22.42 27.74 -23.34
C ASP B 113 -23.41 27.85 -24.50
N ASP B 114 -23.85 26.72 -25.06
CA ASP B 114 -24.93 26.75 -26.04
C ASP B 114 -26.30 26.58 -25.39
N GLY B 115 -26.35 26.27 -24.09
CA GLY B 115 -27.60 26.14 -23.37
C GLY B 115 -28.11 24.73 -23.21
N LEU B 116 -27.54 23.75 -23.91
CA LEU B 116 -28.02 22.37 -23.80
C LEU B 116 -27.51 21.66 -22.56
N LEU B 117 -26.56 22.24 -21.83
CA LEU B 117 -26.01 21.63 -20.63
C LEU B 117 -26.26 22.54 -19.43
N GLU B 118 -26.64 21.94 -18.31
CA GLU B 118 -26.88 22.66 -17.07
C GLU B 118 -26.18 21.91 -15.93
N ILE B 119 -25.94 22.65 -14.85
CA ILE B 119 -25.09 22.18 -13.76
C ILE B 119 -25.94 21.82 -12.55
N LYS B 120 -25.64 20.67 -11.94
CA LYS B 120 -26.19 20.26 -10.66
C LYS B 120 -25.12 20.46 -9.60
N GLU B 121 -25.45 21.18 -8.53
CA GLU B 121 -24.45 21.50 -7.52
C GLU B 121 -25.09 21.51 -6.13
N ASP B 122 -24.22 21.41 -5.13
CA ASP B 122 -24.61 21.58 -3.73
C ASP B 122 -23.57 22.51 -3.11
N ARG B 123 -24.03 23.57 -2.45
CA ARG B 123 -23.09 24.55 -1.90
C ARG B 123 -22.58 24.15 -0.52
N PHE B 124 -23.03 23.03 0.02
CA PHE B 124 -22.52 22.52 1.30
C PHE B 124 -21.73 21.23 1.14
N ARG B 125 -21.89 20.53 0.03
CA ARG B 125 -21.25 19.23 -0.23
C ARG B 125 -20.65 19.23 -1.63
N ALA B 126 -19.83 20.25 -1.92
CA ALA B 126 -19.49 20.62 -3.29
C ALA B 126 -18.60 19.61 -4.02
N GLU B 127 -18.28 18.47 -3.41
CA GLU B 127 -17.51 17.45 -4.11
C GLU B 127 -18.35 16.67 -5.12
N ARG B 128 -19.68 16.72 -5.00
CA ARG B 128 -20.56 15.93 -5.85
C ARG B 128 -20.90 16.67 -7.15
N THR B 129 -20.46 17.92 -7.29
CA THR B 129 -20.90 18.79 -8.37
C THR B 129 -20.40 18.31 -9.73
N ARG B 130 -21.32 18.16 -10.68
CA ARG B 130 -20.97 17.73 -12.03
C ARG B 130 -22.03 18.25 -13.00
N PHE B 131 -21.67 18.28 -14.29
CA PHE B 131 -22.59 18.72 -15.32
C PHE B 131 -23.49 17.56 -15.77
N VAL B 132 -24.69 17.90 -16.25
CA VAL B 132 -25.62 16.92 -16.78
C VAL B 132 -26.21 17.47 -18.09
N HIS B 133 -26.64 16.57 -18.96
CA HIS B 133 -27.26 17.01 -20.21
C HIS B 133 -28.77 17.14 -19.99
N LYS B 134 -29.26 18.37 -20.09
CA LYS B 134 -30.60 18.73 -19.68
C LYS B 134 -31.64 18.14 -20.62
N GLY B 135 -32.53 17.31 -20.06
CA GLY B 135 -33.60 16.71 -20.85
C GLY B 135 -33.16 15.73 -21.92
N CYS B 136 -32.32 14.76 -21.55
CA CYS B 136 -31.85 13.80 -22.55
C CYS B 136 -32.98 12.89 -22.98
N THR B 137 -33.07 12.63 -24.29
CA THR B 137 -34.07 11.74 -24.85
C THR B 137 -33.44 10.60 -25.65
N GLY B 138 -32.13 10.43 -25.55
CA GLY B 138 -31.44 9.39 -26.27
C GLY B 138 -31.01 9.83 -27.66
N SER B 139 -30.39 8.89 -28.39
CA SER B 139 -29.89 9.21 -29.72
C SER B 139 -31.03 9.44 -30.70
N LYS B 140 -32.09 8.64 -30.62
CA LYS B 140 -33.22 8.74 -31.52
C LYS B 140 -34.35 9.60 -30.96
N GLY B 141 -34.18 10.18 -29.77
CA GLY B 141 -35.20 11.04 -29.21
C GLY B 141 -36.42 10.32 -28.70
N ASN B 142 -36.31 9.03 -28.41
CA ASN B 142 -37.45 8.24 -27.95
C ASN B 142 -37.48 8.04 -26.44
N LEU B 143 -36.36 8.22 -25.75
CA LEU B 143 -36.29 8.01 -24.32
C LEU B 143 -36.91 9.19 -23.58
N PRO B 144 -37.38 8.98 -22.35
CA PRO B 144 -37.96 10.09 -21.57
C PRO B 144 -36.93 11.16 -21.26
N ALA B 145 -37.39 12.41 -21.23
CA ALA B 145 -36.53 13.56 -21.01
C ALA B 145 -35.99 13.60 -19.59
N LYS B 146 -34.72 13.26 -19.40
CA LYS B 146 -34.10 13.22 -18.08
C LYS B 146 -32.69 13.77 -18.17
N ASP B 147 -32.20 14.37 -17.10
CA ASP B 147 -30.82 14.79 -17.06
C ASP B 147 -29.89 13.59 -16.99
N ALA B 148 -28.84 13.58 -17.81
CA ALA B 148 -27.89 12.48 -17.88
C ALA B 148 -26.46 13.00 -17.78
N ASP B 149 -25.60 12.17 -17.19
CA ASP B 149 -24.23 12.59 -16.89
C ASP B 149 -23.41 12.74 -18.15
N ALA B 150 -22.46 13.68 -18.13
CA ALA B 150 -21.66 14.02 -19.28
C ALA B 150 -20.16 14.02 -18.93
N VAL B 151 -19.35 13.83 -19.96
CA VAL B 151 -17.89 13.72 -19.81
C VAL B 151 -17.22 14.75 -20.72
N PRO B 152 -16.21 15.45 -20.20
CA PRO B 152 -15.48 16.42 -21.02
C PRO B 152 -14.74 15.77 -22.18
N ALA B 153 -14.46 16.56 -23.20
CA ALA B 153 -13.77 16.08 -24.39
C ALA B 153 -12.34 15.71 -24.07
N ARG B 154 -11.78 14.79 -24.86
CA ARG B 154 -10.48 14.21 -24.59
C ARG B 154 -9.39 14.67 -25.55
N PHE B 155 -9.59 15.79 -26.25
CA PHE B 155 -8.59 16.31 -27.17
C PHE B 155 -8.51 17.82 -27.05
N LEU B 156 -7.29 18.34 -27.19
CA LEU B 156 -7.03 19.78 -27.16
C LEU B 156 -6.00 20.11 -28.23
N LEU B 157 -5.83 21.41 -28.47
CA LEU B 157 -4.84 21.92 -29.40
C LEU B 157 -3.84 22.77 -28.63
N ALA B 158 -2.55 22.51 -28.87
CA ALA B 158 -1.49 23.17 -28.14
C ALA B 158 -0.56 23.89 -29.10
N CYS B 159 0.13 24.91 -28.59
CA CYS B 159 1.08 25.70 -29.35
C CYS B 159 2.39 25.78 -28.58
N ARG B 160 3.50 25.92 -29.32
CA ARG B 160 4.81 25.97 -28.68
C ARG B 160 5.03 27.29 -27.95
N ASP B 161 4.54 28.40 -28.49
CA ASP B 161 4.78 29.72 -27.92
C ASP B 161 4.01 29.97 -26.63
N GLY B 162 3.04 29.12 -26.27
CA GLY B 162 2.35 29.21 -25.01
C GLY B 162 0.84 29.14 -25.09
N HIS B 163 0.27 29.24 -26.29
CA HIS B 163 -1.18 29.32 -26.40
C HIS B 163 -1.83 27.94 -26.32
N LEU B 164 -3.05 27.92 -25.79
CA LEU B 164 -3.84 26.71 -25.65
C LEU B 164 -5.26 27.00 -26.10
N ASP B 165 -5.93 26.00 -26.69
CA ASP B 165 -7.27 26.18 -27.20
C ASP B 165 -7.97 24.82 -27.26
N ASP B 166 -9.29 24.87 -27.46
CA ASP B 166 -10.06 23.66 -27.65
C ASP B 166 -9.78 23.06 -29.03
N PHE B 167 -10.20 21.81 -29.20
CA PHE B 167 -10.07 21.17 -30.51
C PHE B 167 -11.10 21.76 -31.48
N PRO B 168 -10.70 22.10 -32.70
CA PRO B 168 -11.65 22.61 -33.70
C PRO B 168 -12.44 21.50 -34.39
N TRP B 169 -13.52 21.05 -33.74
CA TRP B 169 -14.35 19.98 -34.30
C TRP B 169 -15.08 20.44 -35.55
N HIS B 170 -15.57 21.68 -35.57
CA HIS B 170 -16.40 22.16 -36.67
C HIS B 170 -15.56 22.28 -37.95
N TYR B 171 -14.33 22.76 -37.83
CA TYR B 171 -13.45 22.85 -38.99
C TYR B 171 -13.01 21.47 -39.45
N PHE B 172 -12.81 20.55 -38.52
CA PHE B 172 -12.24 19.24 -38.86
C PHE B 172 -13.27 18.33 -39.51
N VAL B 173 -14.53 18.40 -39.06
CA VAL B 173 -15.51 17.42 -39.50
C VAL B 173 -15.96 17.70 -40.94
N HIS B 174 -15.90 18.97 -41.36
CA HIS B 174 -16.33 19.34 -42.70
C HIS B 174 -15.16 19.66 -43.63
N GLY B 175 -13.93 19.54 -43.16
CA GLY B 175 -12.78 19.77 -44.01
C GLY B 175 -12.51 21.22 -44.36
N GLY B 176 -13.07 22.15 -43.60
CA GLY B 176 -12.87 23.55 -43.86
C GLY B 176 -14.05 24.35 -43.34
N ASN B 177 -14.15 25.59 -43.84
CA ASN B 177 -15.26 26.46 -43.47
C ASN B 177 -16.58 25.88 -43.99
N SER B 178 -17.63 26.01 -43.18
CA SER B 178 -18.88 25.36 -43.50
C SER B 178 -20.05 26.28 -43.15
N THR B 179 -21.23 25.88 -43.61
CA THR B 179 -22.48 26.57 -43.33
C THR B 179 -23.33 25.82 -42.32
N CYS B 180 -23.17 24.49 -42.25
CA CYS B 180 -24.05 23.63 -41.46
C CYS B 180 -23.94 23.92 -39.97
N LYS B 181 -25.03 23.64 -39.25
CA LYS B 181 -25.15 23.95 -37.83
C LYS B 181 -25.70 22.76 -37.04
N GLY B 182 -25.69 21.57 -37.66
CA GLY B 182 -26.30 20.41 -37.04
C GLY B 182 -25.47 19.84 -35.90
N THR B 183 -26.02 18.80 -35.28
CA THR B 183 -25.41 18.16 -34.12
C THR B 183 -24.32 17.18 -34.55
N LEU B 184 -23.48 16.79 -33.60
CA LEU B 184 -22.38 15.88 -33.83
C LEU B 184 -22.47 14.68 -32.89
N ARG B 185 -21.89 13.56 -33.32
CA ARG B 185 -21.90 12.33 -32.55
C ARG B 185 -20.50 11.78 -32.41
N PHE B 186 -20.33 10.85 -31.47
CA PHE B 186 -19.05 10.21 -31.21
C PHE B 186 -19.27 8.70 -31.09
N PHE B 187 -18.30 7.93 -31.59
CA PHE B 187 -18.40 6.48 -31.59
C PHE B 187 -17.05 5.87 -31.26
N GLU B 188 -17.08 4.58 -30.90
CA GLU B 188 -15.89 3.82 -30.53
C GLU B 188 -15.35 2.98 -31.69
N SER B 189 -15.84 3.22 -32.91
CA SER B 189 -15.44 2.52 -34.13
C SER B 189 -15.74 1.02 -34.07
N GLY B 190 -16.77 0.62 -33.34
CA GLY B 190 -17.29 -0.74 -33.42
C GLY B 190 -16.52 -1.81 -32.68
N ALA B 191 -15.24 -1.98 -33.01
CA ALA B 191 -14.48 -3.10 -32.47
C ALA B 191 -13.91 -2.76 -31.09
N SER B 192 -13.71 -3.81 -30.28
CA SER B 192 -13.37 -3.61 -28.88
C SER B 192 -11.88 -3.35 -28.67
N LEU B 193 -11.01 -4.00 -29.44
CA LEU B 193 -9.57 -3.89 -29.20
C LEU B 193 -9.01 -2.53 -29.60
N GLN B 194 -9.76 -1.77 -30.40
CA GLN B 194 -9.20 -0.60 -31.05
C GLN B 194 -9.45 0.65 -30.22
N THR B 195 -8.36 1.30 -29.82
CA THR B 195 -8.39 2.64 -29.28
C THR B 195 -7.90 3.67 -30.30
N GLU B 196 -7.21 3.22 -31.35
CA GLU B 196 -6.64 4.10 -32.36
C GLU B 196 -7.68 4.64 -33.33
N ASN B 197 -8.84 3.99 -33.44
CA ASN B 197 -9.87 4.37 -34.40
C ASN B 197 -11.06 4.98 -33.66
N LEU B 198 -11.40 6.21 -34.02
CA LEU B 198 -12.57 6.90 -33.48
C LEU B 198 -13.27 7.62 -34.62
N TRP B 199 -14.57 7.85 -34.44
CA TRP B 199 -15.40 8.40 -35.51
C TRP B 199 -16.18 9.61 -35.03
N VAL B 200 -16.26 10.62 -35.90
CA VAL B 200 -17.10 11.79 -35.69
C VAL B 200 -18.14 11.83 -36.82
N ARG B 201 -19.41 11.83 -36.46
CA ARG B 201 -20.49 11.76 -37.43
C ARG B 201 -21.42 12.95 -37.28
N CYS B 202 -21.77 13.57 -38.40
CA CYS B 202 -22.70 14.69 -38.44
C CYS B 202 -24.11 14.18 -38.69
N ASP B 203 -25.07 14.66 -37.89
CA ASP B 203 -26.44 14.19 -38.02
C ASP B 203 -27.15 14.79 -39.22
N SER B 204 -26.73 15.95 -39.70
CA SER B 204 -27.43 16.65 -40.77
C SER B 204 -26.78 16.44 -42.14
N CYS B 205 -25.50 16.78 -42.29
CA CYS B 205 -24.83 16.59 -43.57
C CYS B 205 -24.46 15.13 -43.82
N GLU B 206 -24.57 14.28 -42.81
CA GLU B 206 -24.27 12.85 -42.86
C GLU B 206 -22.83 12.55 -43.26
N ALA B 207 -21.90 13.44 -42.94
CA ALA B 207 -20.49 13.20 -43.23
C ALA B 207 -19.80 12.56 -42.03
N SER B 208 -18.63 12.00 -42.28
CA SER B 208 -17.87 11.34 -41.23
C SER B 208 -16.38 11.56 -41.47
N ARG B 209 -15.61 11.47 -40.38
CA ARG B 209 -14.16 11.55 -40.45
C ARG B 209 -13.60 10.88 -39.20
N SER B 210 -12.32 10.51 -39.28
CA SER B 210 -11.65 9.77 -38.22
C SER B 210 -10.68 10.68 -37.48
N MET B 211 -10.44 10.37 -36.20
CA MET B 211 -9.53 11.17 -35.39
C MET B 211 -8.06 10.83 -35.67
N ALA B 212 -7.81 9.77 -36.43
CA ALA B 212 -6.43 9.38 -36.71
C ALA B 212 -5.76 10.34 -37.69
N HIS B 213 -6.54 11.12 -38.43
CA HIS B 213 -5.96 12.02 -39.42
C HIS B 213 -5.30 13.25 -38.80
N ALA B 214 -5.47 13.48 -37.50
CA ALA B 214 -4.91 14.67 -36.86
C ALA B 214 -3.53 14.45 -36.28
N PHE B 215 -2.98 13.24 -36.38
CA PHE B 215 -1.71 12.91 -35.77
C PHE B 215 -0.68 12.54 -36.83
N GLY B 216 0.59 12.47 -36.42
CA GLY B 216 1.65 12.24 -37.36
C GLY B 216 1.91 13.49 -38.21
N LYS B 217 2.40 13.25 -39.42
CA LYS B 217 2.59 14.35 -40.36
C LYS B 217 1.29 14.72 -41.07
N ALA B 218 0.22 13.95 -40.85
CA ALA B 218 -1.06 14.24 -41.48
C ALA B 218 -1.74 15.44 -40.84
N GLY B 219 -1.25 15.89 -39.68
CA GLY B 219 -1.87 17.04 -39.03
C GLY B 219 -1.55 18.36 -39.72
N LYS B 220 -0.44 18.40 -40.47
CA LYS B 220 -0.08 19.63 -41.15
C LYS B 220 -1.00 19.93 -42.33
N GLU B 221 -1.52 18.89 -42.98
CA GLU B 221 -2.42 19.11 -44.10
C GLU B 221 -3.83 19.49 -43.65
N ASN B 222 -4.27 19.01 -42.49
CA ASN B 222 -5.67 19.10 -42.10
C ASN B 222 -5.95 20.18 -41.07
N LEU B 223 -5.15 20.26 -39.97
CA LEU B 223 -5.45 21.10 -38.83
C LEU B 223 -5.26 22.58 -39.17
N PRO B 224 -6.10 23.47 -38.63
CA PRO B 224 -5.97 24.89 -38.94
C PRO B 224 -4.88 25.55 -38.12
N ALA B 225 -4.80 26.87 -38.27
CA ALA B 225 -3.73 27.65 -37.64
C ALA B 225 -4.07 27.94 -36.18
N CYS B 226 -3.04 28.41 -35.46
CA CYS B 226 -3.22 28.80 -34.05
C CYS B 226 -3.94 30.15 -33.97
N ARG B 227 -4.73 30.32 -32.92
CA ARG B 227 -5.46 31.56 -32.70
C ARG B 227 -4.75 32.55 -31.80
N GLY B 228 -4.07 32.08 -30.74
CA GLY B 228 -3.42 32.98 -29.82
C GLY B 228 -4.17 33.21 -28.53
N ARG B 229 -4.77 32.16 -27.95
CA ARG B 229 -5.60 32.31 -26.77
C ARG B 229 -4.83 32.02 -25.50
N HIS B 230 -5.05 32.87 -24.48
CA HIS B 230 -4.56 32.63 -23.12
C HIS B 230 -5.77 32.41 -22.23
N PRO B 231 -6.15 31.17 -21.94
CA PRO B 231 -7.37 30.93 -21.17
C PRO B 231 -7.33 31.47 -19.75
N HIS B 232 -6.16 31.49 -19.11
CA HIS B 232 -6.09 31.94 -17.72
C HIS B 232 -6.14 33.47 -17.63
N LEU B 233 -5.62 34.18 -18.63
CA LEU B 233 -5.71 35.64 -18.65
C LEU B 233 -6.95 36.15 -19.38
N ASP B 234 -7.59 35.31 -20.20
CA ASP B 234 -8.75 35.66 -21.03
C ASP B 234 -8.38 36.84 -21.96
N GLN B 235 -7.51 36.50 -22.91
CA GLN B 235 -7.06 37.43 -23.93
C GLN B 235 -6.69 36.66 -25.19
N PHE B 236 -6.70 37.37 -26.32
CA PHE B 236 -6.32 36.82 -27.61
C PHE B 236 -5.19 37.65 -28.18
N ASP B 237 -4.13 36.98 -28.64
CA ASP B 237 -3.01 37.66 -29.27
C ASP B 237 -3.36 38.03 -30.71
N ILE B 238 -2.62 39.00 -31.26
CA ILE B 238 -2.88 39.48 -32.61
C ILE B 238 -2.53 38.40 -33.63
N ASP B 239 -1.34 37.81 -33.53
CA ASP B 239 -0.92 36.79 -34.49
C ASP B 239 0.05 35.83 -33.82
N CYS B 240 0.14 34.63 -34.40
CA CYS B 240 1.04 33.59 -33.93
C CYS B 240 1.67 32.90 -35.14
N GLY B 241 2.96 32.65 -35.06
CA GLY B 241 3.68 32.07 -36.19
C GLY B 241 4.03 30.61 -36.04
N GLU B 242 3.70 30.01 -34.91
CA GLU B 242 4.10 28.63 -34.65
C GLU B 242 3.06 27.65 -35.16
N GLU B 243 3.54 26.47 -35.54
CA GLU B 243 2.66 25.40 -36.02
C GLU B 243 2.00 24.71 -34.84
N PRO B 244 0.68 24.57 -34.83
CA PRO B 244 0.00 23.95 -33.69
C PRO B 244 0.16 22.44 -33.68
N ARG B 245 -0.25 21.85 -32.56
CA ARG B 245 -0.12 20.42 -32.31
C ARG B 245 -1.39 19.88 -31.66
N ALA B 246 -1.72 18.64 -31.97
CA ALA B 246 -2.83 17.96 -31.32
C ALA B 246 -2.34 17.17 -30.11
N VAL B 247 -3.00 17.39 -28.97
CA VAL B 247 -2.53 16.85 -27.70
C VAL B 247 -3.73 16.26 -26.94
N LEU B 248 -3.47 15.14 -26.26
CA LEU B 248 -4.50 14.50 -25.47
C LEU B 248 -4.81 15.30 -24.21
N LEU B 249 -5.95 15.00 -23.60
CA LEU B 249 -6.32 15.62 -22.34
C LEU B 249 -5.50 15.02 -21.19
N GLY B 250 -4.95 15.91 -20.37
CA GLY B 250 -4.13 15.45 -19.25
C GLY B 250 -2.78 14.91 -19.63
N ALA B 251 -2.18 15.42 -20.69
CA ALA B 251 -0.87 14.93 -21.12
C ALA B 251 0.22 15.43 -20.20
N THR B 252 1.36 14.72 -20.21
CA THR B 252 2.47 15.08 -19.34
C THR B 252 3.21 16.31 -19.83
N ASN B 253 3.14 16.59 -21.13
CA ASN B 253 3.86 17.70 -21.73
C ASN B 253 3.01 18.95 -21.89
N SER B 254 2.09 19.20 -20.96
CA SER B 254 1.18 20.34 -21.06
C SER B 254 1.61 21.54 -20.24
N TRP B 255 2.32 21.35 -19.13
CA TRP B 255 2.66 22.47 -18.26
C TRP B 255 3.95 22.17 -17.50
N PHE B 256 4.95 23.04 -17.68
CA PHE B 256 6.21 22.97 -16.95
C PHE B 256 6.43 24.28 -16.21
N PRO B 257 6.83 24.25 -14.94
CA PRO B 257 7.07 25.49 -14.20
C PRO B 257 8.51 25.97 -14.30
N ILE B 258 8.70 27.23 -13.92
CA ILE B 258 10.03 27.83 -13.80
C ILE B 258 10.20 28.23 -12.34
N THR B 259 11.22 27.68 -11.68
CA THR B 259 11.38 27.84 -10.24
C THR B 259 12.79 28.33 -9.92
N LEU B 260 12.90 29.00 -8.78
CA LEU B 260 14.16 29.52 -8.28
C LEU B 260 14.16 29.43 -6.77
N SER B 261 15.31 29.07 -6.19
CA SER B 261 15.35 28.78 -4.75
C SER B 261 16.70 29.19 -4.18
N ALA B 262 16.74 29.29 -2.85
CA ALA B 262 17.95 29.66 -2.13
C ALA B 262 17.85 29.14 -0.69
N LEU B 263 19.00 29.10 -0.02
CA LEU B 263 19.05 28.63 1.36
C LEU B 263 19.27 29.78 2.33
N ALA B 264 18.83 29.60 3.57
CA ALA B 264 18.96 30.62 4.60
C ALA B 264 20.29 30.43 5.35
N ILE B 265 21.20 31.38 5.18
CA ILE B 265 22.52 31.34 5.79
C ILE B 265 22.73 32.61 6.61
N PRO B 266 23.60 32.55 7.63
CA PRO B 266 23.92 33.78 8.37
C PRO B 266 24.82 34.69 7.55
N GLN B 267 24.71 35.98 7.85
CA GLN B 267 25.46 37.00 7.12
C GLN B 267 26.38 37.78 8.05
N ALA B 335 27.67 38.41 -7.57
CA ALA B 335 26.79 37.97 -6.50
C ALA B 335 25.88 36.84 -6.96
N ASP B 336 26.31 35.60 -6.77
CA ASP B 336 25.55 34.43 -7.18
C ASP B 336 24.91 33.82 -5.93
N ILE B 337 23.88 33.02 -6.16
CA ILE B 337 23.16 32.36 -5.07
C ILE B 337 24.03 31.28 -4.44
N LYS B 338 24.69 30.47 -5.27
CA LYS B 338 25.40 29.29 -4.77
C LYS B 338 26.76 29.60 -4.16
N GLY B 339 27.27 30.81 -4.36
CA GLY B 339 28.60 31.17 -3.90
C GLY B 339 28.78 31.22 -2.39
N PRO B 340 28.04 32.10 -1.71
CA PRO B 340 28.15 32.17 -0.24
C PRO B 340 27.78 30.89 0.47
N GLU B 341 26.90 30.04 -0.10
CA GLU B 341 26.63 28.74 0.52
C GLU B 341 27.87 27.86 0.54
N TRP B 342 28.60 27.81 -0.58
CA TRP B 342 29.84 27.06 -0.63
C TRP B 342 30.90 27.67 0.28
N GLU B 343 30.92 29.01 0.39
CA GLU B 343 31.87 29.63 1.31
C GLU B 343 31.57 29.26 2.75
N VAL B 344 30.30 29.29 3.15
CA VAL B 344 29.95 29.01 4.54
C VAL B 344 30.17 27.54 4.87
N LEU B 345 29.76 26.64 3.97
CA LEU B 345 29.78 25.22 4.29
C LEU B 345 31.20 24.64 4.33
N THR B 346 32.19 25.33 3.78
CA THR B 346 33.56 24.83 3.76
C THR B 346 34.43 25.48 4.83
N GLU B 347 33.85 26.23 5.76
CA GLU B 347 34.62 26.82 6.83
C GLU B 347 35.04 25.74 7.83
N ALA B 348 36.20 25.96 8.46
CA ALA B 348 36.70 25.01 9.45
C ALA B 348 35.80 24.97 10.67
N ASN B 349 35.29 26.11 11.11
CA ASN B 349 34.34 26.20 12.22
C ASN B 349 33.03 26.79 11.70
N PRO B 350 32.02 25.98 11.41
CA PRO B 350 30.73 26.52 10.96
C PRO B 350 30.03 27.26 12.08
N PRO B 351 29.42 28.41 11.79
CA PRO B 351 28.75 29.18 12.85
C PRO B 351 27.51 28.48 13.36
N THR B 352 27.17 28.77 14.62
CA THR B 352 26.04 28.14 15.28
C THR B 352 25.12 29.13 15.99
N ASP B 353 25.19 30.42 15.69
CA ASP B 353 24.36 31.40 16.38
C ASP B 353 22.98 31.58 15.76
N TYR B 354 22.83 31.31 14.47
CA TYR B 354 21.54 31.43 13.79
C TYR B 354 20.61 30.32 14.27
N PRO B 355 19.33 30.65 14.51
CA PRO B 355 18.41 29.66 15.12
C PRO B 355 18.12 28.45 14.25
N HIS B 356 18.31 28.53 12.94
CA HIS B 356 18.01 27.44 12.02
C HIS B 356 19.27 26.92 11.32
N PHE B 357 20.38 26.83 12.03
CA PHE B 357 21.63 26.32 11.46
C PHE B 357 22.42 25.61 12.56
N MET B 358 22.52 24.29 12.46
CA MET B 358 23.26 23.48 13.41
C MET B 358 23.83 22.28 12.67
N SER B 359 25.11 22.01 12.90
CA SER B 359 25.83 21.03 12.09
C SER B 359 26.67 20.12 12.99
N LYS B 360 26.97 18.92 12.46
CA LYS B 360 27.80 17.94 13.13
C LYS B 360 28.87 17.45 12.16
N LYS B 361 29.87 16.75 12.71
CA LYS B 361 31.04 16.35 11.94
C LYS B 361 31.33 14.86 12.04
N ILE B 362 30.32 14.02 11.81
CA ILE B 362 30.43 12.60 12.12
C ILE B 362 31.18 11.83 11.03
N GLY B 363 32.49 11.66 11.21
CA GLY B 363 33.38 10.71 10.56
C GLY B 363 33.39 10.67 9.05
N THR B 364 33.89 9.54 8.53
CA THR B 364 34.06 9.23 7.11
C THR B 364 34.29 7.74 6.99
N PRO B 365 33.61 7.02 6.08
CA PRO B 365 33.75 5.57 6.02
C PRO B 365 35.15 5.12 5.59
N ALA B 366 35.53 3.93 6.07
CA ALA B 366 36.90 3.45 5.89
C ALA B 366 37.20 3.04 4.46
N GLN B 367 36.17 2.68 3.69
CA GLN B 367 36.40 2.33 2.30
C GLN B 367 36.63 3.55 1.42
N PHE B 368 36.17 4.72 1.85
CA PHE B 368 36.22 5.93 1.04
C PHE B 368 37.13 7.01 1.63
N ILE B 369 38.23 6.63 2.29
CA ILE B 369 39.22 7.59 2.77
C ILE B 369 39.88 8.44 1.69
N PRO B 370 40.41 7.91 0.57
CA PRO B 370 41.14 8.80 -0.35
C PRO B 370 40.24 9.75 -1.12
N TYR B 371 38.96 9.44 -1.28
CA TYR B 371 38.08 10.27 -2.10
C TYR B 371 37.37 11.37 -1.31
N ILE B 372 36.81 11.02 -0.16
CA ILE B 372 35.96 11.93 0.61
C ILE B 372 36.79 12.53 1.74
N SER B 373 36.75 13.85 1.87
CA SER B 373 37.55 14.56 2.86
C SER B 373 36.76 15.02 4.08
N ARG B 374 35.48 15.37 3.93
CA ARG B 374 34.69 15.85 5.04
C ARG B 374 33.21 15.57 4.77
N VAL B 375 32.55 15.01 5.78
CA VAL B 375 31.11 14.78 5.75
C VAL B 375 30.48 15.61 6.85
N LEU B 376 29.48 16.42 6.49
CA LEU B 376 28.83 17.33 7.43
C LEU B 376 27.34 17.04 7.45
N LEU B 377 26.82 16.67 8.62
CA LEU B 377 25.40 16.41 8.81
C LEU B 377 24.73 17.66 9.37
N LEU B 378 23.60 18.05 8.78
CA LEU B 378 22.88 19.25 9.16
C LEU B 378 21.58 18.83 9.81
N GLU B 379 21.34 19.33 11.02
CA GLU B 379 20.15 18.95 11.78
C GLU B 379 19.09 20.04 11.83
N ARG B 380 19.41 21.25 11.39
CA ARG B 380 18.44 22.34 11.31
C ARG B 380 18.73 23.15 10.05
N LEU B 381 17.78 23.16 9.12
CA LEU B 381 18.00 23.76 7.81
C LEU B 381 16.69 24.35 7.31
N ARG B 382 16.79 25.46 6.57
CA ARG B 382 15.63 26.20 6.13
C ARG B 382 15.79 26.62 4.67
N GLU B 383 14.75 26.40 3.87
CA GLU B 383 14.78 26.70 2.44
C GLU B 383 13.52 27.45 2.04
N VAL B 384 13.66 28.36 1.06
CA VAL B 384 12.54 29.06 0.46
C VAL B 384 12.54 28.83 -1.03
N ASN B 385 11.40 29.07 -1.68
CA ASN B 385 11.24 28.85 -3.10
C ASN B 385 10.52 30.04 -3.74
N ALA B 386 10.34 29.98 -5.05
CA ALA B 386 9.63 31.00 -5.81
C ALA B 386 9.14 30.41 -7.12
N LEU B 387 8.06 31.00 -7.65
CA LEU B 387 7.51 30.64 -8.95
C LEU B 387 7.50 31.89 -9.82
N LEU B 388 8.03 31.77 -11.03
CA LEU B 388 8.30 32.93 -11.87
C LEU B 388 7.64 32.88 -13.25
N GLY B 389 7.21 31.72 -13.72
CA GLY B 389 6.62 31.62 -15.05
C GLY B 389 6.40 30.17 -15.41
N PHE B 390 6.01 29.96 -16.68
CA PHE B 390 5.75 28.61 -17.17
C PHE B 390 5.86 28.59 -18.69
N THR B 391 6.10 27.38 -19.21
CA THR B 391 6.07 27.10 -20.64
C THR B 391 5.19 25.89 -20.88
N ARG B 392 4.77 25.69 -22.13
CA ARG B 392 3.76 24.69 -22.43
C ARG B 392 4.30 23.33 -22.86
N VAL B 393 5.03 23.29 -23.98
CA VAL B 393 5.29 22.00 -24.62
C VAL B 393 6.67 21.46 -24.29
N GLU B 394 7.71 22.27 -24.37
CA GLU B 394 9.08 21.82 -24.14
C GLU B 394 9.60 22.39 -22.82
N ALA B 395 10.53 21.68 -22.20
CA ALA B 395 11.14 22.15 -20.97
C ALA B 395 11.99 23.39 -21.25
N PRO B 396 12.13 24.29 -20.27
CA PRO B 396 12.98 25.47 -20.48
C PRO B 396 14.45 25.10 -20.63
N GLU B 397 15.16 25.93 -21.37
CA GLU B 397 16.58 25.72 -21.61
C GLU B 397 17.41 25.94 -20.34
N ARG B 405 14.71 34.80 -22.76
CA ARG B 405 13.76 33.70 -22.62
C ARG B 405 12.46 34.04 -23.33
N PRO B 406 12.39 33.80 -24.64
CA PRO B 406 11.19 34.17 -25.40
C PRO B 406 10.01 33.26 -25.17
N GLN B 407 10.21 32.08 -24.56
CA GLN B 407 9.14 31.10 -24.43
C GLN B 407 8.37 31.20 -23.12
N MET B 408 8.76 32.09 -22.21
CA MET B 408 8.09 32.17 -20.93
C MET B 408 6.75 32.88 -21.05
N ALA B 409 5.76 32.40 -20.29
CA ALA B 409 4.46 33.04 -20.25
C ALA B 409 4.27 33.76 -18.92
N SER B 410 3.77 34.98 -19.00
CA SER B 410 3.68 35.85 -17.83
C SER B 410 2.57 35.40 -16.88
N LEU B 411 2.64 35.87 -15.65
CA LEU B 411 1.63 35.56 -14.64
C LEU B 411 0.52 36.60 -14.57
N ALA B 412 0.76 37.80 -15.08
CA ALA B 412 -0.23 38.87 -15.01
C ALA B 412 -0.19 39.68 -16.31
N ARG B 413 -1.18 40.55 -16.46
CA ARG B 413 -1.25 41.40 -17.66
C ARG B 413 -0.11 42.41 -17.68
N ASN B 414 0.12 43.09 -16.57
CA ASN B 414 1.25 44.00 -16.45
C ASN B 414 2.45 43.26 -15.86
N LYS B 415 3.50 44.01 -15.57
CA LYS B 415 4.61 43.45 -14.82
C LYS B 415 4.14 43.26 -13.39
N PRO B 416 4.21 42.04 -12.85
CA PRO B 416 3.57 41.75 -11.56
C PRO B 416 4.25 42.44 -10.39
N GLU B 417 3.46 42.69 -9.35
CA GLU B 417 3.97 43.33 -8.14
C GLU B 417 4.39 42.31 -7.09
N TRP B 418 3.88 41.08 -7.15
CA TRP B 418 4.25 40.06 -6.18
C TRP B 418 4.22 38.70 -6.85
N VAL B 419 4.92 37.75 -6.25
CA VAL B 419 5.04 36.40 -6.79
C VAL B 419 4.77 35.41 -5.66
N PRO B 420 4.30 34.20 -5.94
CA PRO B 420 4.04 33.24 -4.86
C PRO B 420 5.33 32.73 -4.24
N ALA B 421 5.20 32.19 -3.03
CA ALA B 421 6.35 31.73 -2.27
C ALA B 421 5.98 30.52 -1.42
N ASN B 422 7.00 29.80 -0.96
CA ASN B 422 6.81 28.63 -0.12
C ASN B 422 8.11 28.39 0.66
N GLN B 423 7.96 27.94 1.91
CA GLN B 423 9.11 27.67 2.76
C GLN B 423 8.95 26.34 3.47
N VAL B 424 10.06 25.63 3.66
CA VAL B 424 10.09 24.32 4.28
C VAL B 424 11.27 24.26 5.24
N HIS B 425 11.02 23.82 6.47
CA HIS B 425 12.06 23.63 7.48
C HIS B 425 12.46 22.17 7.49
N GLY B 426 13.74 21.89 7.30
CA GLY B 426 14.19 20.52 7.17
C GLY B 426 15.62 20.31 7.61
N GLU B 427 16.23 19.27 7.04
CA GLU B 427 17.53 18.78 7.46
C GLU B 427 18.24 18.15 6.26
N GLY B 428 19.57 18.14 6.30
CA GLY B 428 20.33 17.72 5.13
C GLY B 428 21.68 17.13 5.47
N ILE B 429 22.33 16.63 4.43
CA ILE B 429 23.64 15.99 4.50
C ILE B 429 24.53 16.58 3.42
N PHE B 430 25.76 16.95 3.78
CA PHE B 430 26.71 17.54 2.84
C PHE B 430 27.96 16.68 2.76
N ILE B 431 28.45 16.44 1.55
CA ILE B 431 29.60 15.59 1.28
C ILE B 431 30.59 16.38 0.43
N GLN B 432 31.85 16.42 0.85
CA GLN B 432 32.90 17.12 0.14
C GLN B 432 33.94 16.11 -0.36
N PHE B 433 34.45 16.34 -1.57
CA PHE B 433 35.38 15.43 -2.21
C PHE B 433 36.78 16.01 -2.26
N ASN B 434 37.77 15.14 -2.46
CA ASN B 434 39.17 15.55 -2.45
C ASN B 434 39.50 16.30 -3.74
N GLU B 435 40.32 17.36 -3.61
CA GLU B 435 40.67 18.16 -4.78
C GLU B 435 41.68 17.44 -5.67
N LYS B 436 42.74 16.89 -5.06
CA LYS B 436 43.86 16.36 -5.83
C LYS B 436 43.45 15.10 -6.60
N THR B 437 42.59 14.27 -6.01
CA THR B 437 42.10 13.08 -6.70
C THR B 437 41.29 13.47 -7.93
N LEU B 438 40.52 14.55 -7.85
CA LEU B 438 39.74 14.98 -9.01
C LEU B 438 40.62 15.62 -10.07
N VAL B 439 41.62 16.40 -9.66
CA VAL B 439 42.52 17.03 -10.63
C VAL B 439 43.36 15.98 -11.35
N ALA B 440 43.81 14.95 -10.64
CA ALA B 440 44.59 13.89 -11.26
C ALA B 440 43.74 13.09 -12.25
N TRP B 441 42.48 12.86 -11.91
CA TRP B 441 41.62 12.01 -12.73
C TRP B 441 41.19 12.72 -14.02
N GLU B 442 41.18 14.06 -14.00
CA GLU B 442 40.76 14.83 -15.17
C GLU B 442 41.74 14.75 -16.33
N SER B 443 42.96 14.27 -16.11
CA SER B 443 43.99 14.28 -17.14
C SER B 443 44.09 12.99 -17.93
N LEU B 444 43.29 11.97 -17.59
CA LEU B 444 43.35 10.71 -18.33
C LEU B 444 42.69 10.88 -19.70
N ASP B 445 43.10 10.02 -20.65
CA ASP B 445 42.72 10.20 -22.05
C ASP B 445 41.24 9.90 -22.28
N ALA B 446 40.72 8.85 -21.63
CA ALA B 446 39.31 8.49 -21.84
C ALA B 446 38.37 9.56 -21.33
N VAL B 447 38.76 10.27 -20.27
CA VAL B 447 37.97 11.39 -19.78
C VAL B 447 37.90 12.50 -20.83
N LYS B 448 39.03 12.78 -21.50
CA LYS B 448 39.03 13.77 -22.57
C LYS B 448 38.19 13.31 -23.76
N GLN B 449 38.22 12.02 -24.08
CA GLN B 449 37.38 11.51 -25.17
C GLN B 449 35.90 11.68 -24.87
N VAL B 450 35.48 11.34 -23.64
CA VAL B 450 34.07 11.47 -23.26
C VAL B 450 33.68 12.95 -23.20
N ASP B 451 34.58 13.81 -22.73
CA ASP B 451 34.31 15.25 -22.70
C ASP B 451 34.14 15.80 -24.10
N GLU B 452 34.98 15.37 -25.05
CA GLU B 452 34.85 15.81 -26.43
C GLU B 452 33.54 15.35 -27.05
N MET B 453 33.15 14.10 -26.77
CA MET B 453 31.89 13.57 -27.28
C MET B 453 30.70 14.35 -26.74
N LEU B 454 30.71 14.64 -25.43
CA LEU B 454 29.60 15.37 -24.83
C LEU B 454 29.55 16.81 -25.32
N ARG B 455 30.73 17.43 -25.52
CA ARG B 455 30.77 18.79 -26.05
C ARG B 455 30.23 18.85 -27.48
N GLY B 456 30.56 17.85 -28.30
CA GLY B 456 30.00 17.75 -29.63
C GLY B 456 28.50 17.59 -29.63
N GLY B 457 28.00 16.74 -28.73
CA GLY B 457 26.55 16.58 -28.61
C GLY B 457 25.85 17.85 -28.16
N HIS B 458 26.47 18.59 -27.22
CA HIS B 458 25.92 19.86 -26.77
C HIS B 458 25.90 20.90 -27.90
N THR B 459 26.97 20.96 -28.69
CA THR B 459 27.02 21.87 -29.81
C THR B 459 25.97 21.53 -30.86
N GLY B 460 25.75 20.24 -31.09
CA GLY B 460 24.67 19.83 -31.98
C GLY B 460 23.30 20.19 -31.44
N TRP B 461 23.11 20.05 -30.12
CA TRP B 461 21.80 20.31 -29.52
C TRP B 461 21.44 21.79 -29.55
N ARG B 462 22.41 22.68 -29.31
CA ARG B 462 22.06 24.10 -29.23
C ARG B 462 21.80 24.71 -30.60
N ASN B 463 22.38 24.14 -31.66
CA ASN B 463 22.22 24.74 -32.99
C ASN B 463 20.88 24.38 -33.61
N SER B 464 20.17 23.39 -33.06
CA SER B 464 18.87 23.02 -33.59
C SER B 464 17.78 24.00 -33.18
N ARG B 465 18.04 24.87 -32.21
CA ARG B 465 17.06 25.84 -31.74
C ARG B 465 17.55 27.28 -31.91
N ASN B 466 18.54 27.51 -32.78
CA ASN B 466 19.07 28.84 -33.11
C ASN B 466 19.62 29.58 -31.89
N LEU B 467 20.39 28.90 -31.06
CA LEU B 467 21.09 29.53 -29.94
C LEU B 467 22.59 29.49 -30.16
N ASP B 468 23.30 30.20 -29.29
CA ASP B 468 24.76 30.28 -29.39
C ASP B 468 25.37 28.97 -28.89
N PRO B 469 26.11 28.23 -29.73
CA PRO B 469 26.63 26.93 -29.28
C PRO B 469 27.95 26.98 -28.54
N ASN B 470 28.48 28.18 -28.25
CA ASN B 470 29.77 28.30 -27.59
C ASN B 470 29.65 28.71 -26.13
N GLU B 471 28.51 28.46 -25.50
CA GLU B 471 28.28 28.89 -24.13
C GLU B 471 27.60 27.78 -23.34
N ASP B 472 27.56 27.98 -22.02
CA ASP B 472 26.78 27.21 -21.06
C ASP B 472 27.16 25.73 -21.00
N TYR B 473 28.45 25.41 -21.07
CA TYR B 473 28.88 24.04 -20.80
C TYR B 473 29.28 23.93 -19.34
N PRO B 474 28.59 23.14 -18.53
CA PRO B 474 28.97 22.99 -17.12
C PRO B 474 30.25 22.19 -16.88
N GLY B 475 30.67 21.35 -17.81
CA GLY B 475 31.89 20.59 -17.64
C GLY B 475 31.64 19.10 -17.43
N ILE B 476 32.73 18.35 -17.31
CA ILE B 476 32.64 16.91 -17.16
C ILE B 476 32.53 16.52 -15.69
N ARG B 477 33.13 17.31 -14.80
CA ARG B 477 32.99 17.09 -13.36
C ARG B 477 31.54 17.24 -12.92
N TYR B 478 30.82 18.20 -13.53
CA TYR B 478 29.41 18.38 -13.27
C TYR B 478 28.63 17.12 -13.64
N ALA B 479 28.94 16.52 -14.78
CA ALA B 479 28.26 15.30 -15.19
C ALA B 479 28.53 14.15 -14.24
N MET B 480 29.79 14.03 -13.77
CA MET B 480 30.15 12.97 -12.84
C MET B 480 29.38 13.11 -11.52
N LEU B 481 29.41 14.31 -10.93
CA LEU B 481 28.71 14.53 -9.66
C LEU B 481 27.20 14.41 -9.83
N HIS B 482 26.67 14.86 -10.98
CA HIS B 482 25.24 14.78 -11.25
C HIS B 482 24.79 13.33 -11.41
N THR B 483 25.65 12.46 -11.92
CA THR B 483 25.30 11.05 -12.00
C THR B 483 25.34 10.39 -10.63
N LEU B 484 26.35 10.72 -9.83
CA LEU B 484 26.46 10.14 -8.49
C LEU B 484 25.28 10.54 -7.62
N SER B 485 24.81 11.79 -7.76
CA SER B 485 23.66 12.25 -7.00
C SER B 485 22.40 11.47 -7.31
N HIS B 486 22.13 11.23 -8.60
CA HIS B 486 20.94 10.50 -9.00
C HIS B 486 21.00 9.05 -8.52
N LEU B 487 22.19 8.43 -8.60
CA LEU B 487 22.33 7.06 -8.10
C LEU B 487 22.09 6.98 -6.59
N LEU B 488 22.61 7.96 -5.83
CA LEU B 488 22.43 7.96 -4.38
C LEU B 488 20.98 8.19 -4.00
N ILE B 489 20.29 9.09 -4.71
CA ILE B 489 18.88 9.36 -4.42
C ILE B 489 18.01 8.14 -4.75
N ARG B 490 18.32 7.45 -5.84
CA ARG B 490 17.60 6.20 -6.11
C ARG B 490 17.85 5.15 -5.05
N GLU B 491 19.10 5.02 -4.57
CA GLU B 491 19.40 4.03 -3.55
C GLU B 491 18.73 4.34 -2.22
N LEU B 492 18.54 5.62 -1.91
CA LEU B 492 17.80 6.00 -0.70
C LEU B 492 16.39 5.45 -0.70
N ALA B 493 15.70 5.53 -1.84
CA ALA B 493 14.35 5.01 -1.93
C ALA B 493 14.34 3.49 -2.03
N LEU B 494 15.35 2.88 -2.67
CA LEU B 494 15.35 1.43 -2.79
C LEU B 494 15.63 0.74 -1.45
N GLU B 495 16.53 1.30 -0.62
CA GLU B 495 16.88 0.61 0.61
C GLU B 495 15.88 0.90 1.73
N CYS B 496 15.72 2.16 2.11
CA CYS B 496 14.99 2.53 3.31
C CYS B 496 13.48 2.52 3.14
N GLY B 497 12.97 2.29 1.93
CA GLY B 497 11.54 2.32 1.72
C GLY B 497 10.92 3.70 1.70
N TYR B 498 11.69 4.73 1.38
CA TYR B 498 11.17 6.08 1.36
C TYR B 498 10.24 6.29 0.17
N ASN B 499 9.46 7.36 0.23
CA ASN B 499 8.72 7.81 -0.94
C ASN B 499 9.67 8.51 -1.89
N ALA B 500 9.36 8.44 -3.19
CA ALA B 500 10.32 8.88 -4.20
C ALA B 500 10.52 10.39 -4.19
N ALA B 501 9.44 11.15 -4.07
CA ALA B 501 9.53 12.60 -4.20
C ALA B 501 9.83 13.31 -2.89
N SER B 502 10.44 12.63 -1.91
CA SER B 502 10.65 13.24 -0.60
C SER B 502 11.97 13.99 -0.50
N ILE B 503 12.90 13.77 -1.42
CA ILE B 503 14.28 14.21 -1.27
C ILE B 503 14.70 14.99 -2.51
N ARG B 504 15.26 16.18 -2.29
CA ARG B 504 15.78 17.01 -3.36
C ARG B 504 17.30 16.99 -3.35
N GLU B 505 17.90 17.58 -4.39
CA GLU B 505 19.34 17.58 -4.58
C GLU B 505 19.83 18.99 -4.93
N ARG B 506 21.15 19.16 -4.82
CA ARG B 506 21.79 20.45 -5.09
C ARG B 506 23.27 20.19 -5.30
N ILE B 507 23.81 20.60 -6.45
CA ILE B 507 25.16 20.23 -6.87
C ILE B 507 26.01 21.50 -6.99
N TYR B 508 27.20 21.46 -6.40
CA TYR B 508 28.16 22.56 -6.45
C TYR B 508 29.34 22.12 -7.32
N ALA B 509 29.45 22.72 -8.51
CA ALA B 509 30.53 22.27 -9.41
C ALA B 509 31.21 23.38 -10.19
N ASP B 510 31.18 24.64 -9.74
CA ASP B 510 31.84 25.70 -10.49
C ASP B 510 33.34 25.62 -10.33
N THR B 511 34.06 25.86 -11.45
CA THR B 511 35.51 25.83 -11.46
C THR B 511 36.15 27.00 -12.20
N SER B 512 35.40 28.07 -12.49
CA SER B 512 35.88 29.11 -13.38
C SER B 512 36.34 30.37 -12.66
N ASN B 513 35.97 30.56 -11.39
CA ASN B 513 36.23 31.81 -10.70
C ASN B 513 37.43 31.74 -9.76
N GLY B 514 38.29 30.76 -9.91
CA GLY B 514 39.48 30.63 -9.08
C GLY B 514 39.25 29.98 -7.74
N SER B 515 38.01 29.61 -7.41
CA SER B 515 37.68 28.90 -6.18
C SER B 515 36.90 27.65 -6.56
N PRO B 516 37.61 26.56 -6.85
CA PRO B 516 36.94 25.35 -7.35
C PRO B 516 36.04 24.71 -6.31
N GLN B 517 34.97 24.08 -6.79
CA GLN B 517 33.95 23.49 -5.95
C GLN B 517 33.80 22.01 -6.27
N ALA B 518 33.52 21.22 -5.23
CA ALA B 518 33.28 19.79 -5.40
C ALA B 518 32.46 19.31 -4.21
N GLY B 519 31.16 19.08 -4.45
CA GLY B 519 30.31 18.56 -3.39
C GLY B 519 28.87 18.54 -3.82
N ILE B 520 28.10 17.67 -3.15
CA ILE B 520 26.66 17.56 -3.36
C ILE B 520 25.97 17.79 -2.03
N LEU B 521 24.67 18.09 -2.09
CA LEU B 521 23.84 18.33 -0.92
C LEU B 521 22.50 17.66 -1.10
N ILE B 522 22.05 16.93 -0.08
CA ILE B 522 20.83 16.15 -0.13
C ILE B 522 19.96 16.50 1.07
N TYR B 523 18.71 16.91 0.82
CA TYR B 523 17.83 17.35 1.89
C TYR B 523 16.40 16.98 1.57
N THR B 524 15.51 17.26 2.52
CA THR B 524 14.12 16.85 2.42
C THR B 524 13.31 17.89 1.65
N ALA B 525 12.32 17.43 0.89
CA ALA B 525 11.56 18.32 0.03
C ALA B 525 10.43 19.03 0.76
N ALA B 526 9.60 18.30 1.51
CA ALA B 526 8.42 18.88 2.13
C ALA B 526 8.55 18.77 3.64
N ALA B 527 7.71 19.54 4.34
CA ALA B 527 7.73 19.57 5.80
C ALA B 527 6.96 18.42 6.43
N ASP B 528 6.35 17.55 5.63
CA ASP B 528 5.64 16.39 6.14
C ASP B 528 6.06 15.09 5.45
N SER B 529 7.26 15.06 4.86
CA SER B 529 7.71 13.89 4.14
C SER B 529 8.29 12.85 5.11
N ASP B 530 8.90 11.82 4.53
CA ASP B 530 9.51 10.78 5.35
C ASP B 530 10.86 11.25 5.90
N GLY B 531 11.15 10.85 7.13
CA GLY B 531 12.40 11.18 7.76
C GLY B 531 12.57 12.62 8.16
N THR B 532 11.48 13.38 8.32
CA THR B 532 11.60 14.78 8.69
C THR B 532 11.96 14.96 10.17
N LEU B 533 11.65 13.98 11.02
CA LEU B 533 11.96 14.04 12.43
C LEU B 533 13.22 13.24 12.71
N GLY B 534 14.34 13.71 12.16
CA GLY B 534 15.63 13.11 12.41
C GLY B 534 15.86 11.76 11.79
N GLY B 535 15.12 11.41 10.73
CA GLY B 535 15.27 10.11 10.10
C GLY B 535 16.29 10.07 8.99
N LEU B 536 16.73 11.25 8.53
CA LEU B 536 17.71 11.29 7.46
C LEU B 536 19.13 11.44 8.00
N VAL B 537 19.27 12.11 9.15
CA VAL B 537 20.59 12.28 9.76
C VAL B 537 21.05 10.96 10.38
N ASP B 538 20.12 10.02 10.60
CA ASP B 538 20.46 8.68 11.07
C ASP B 538 21.37 7.98 10.06
N LEU B 539 21.09 8.13 8.77
CA LEU B 539 21.88 7.49 7.74
C LEU B 539 23.24 8.14 7.52
N GLY B 540 23.53 9.25 8.19
CA GLY B 540 24.81 9.91 8.04
C GLY B 540 25.95 9.32 8.84
N LYS B 541 25.70 8.27 9.60
CA LYS B 541 26.74 7.60 10.36
C LYS B 541 27.69 6.88 9.39
N PRO B 542 28.96 6.67 9.77
CA PRO B 542 29.87 5.93 8.90
C PRO B 542 29.48 4.48 8.66
N GLU B 543 28.64 3.90 9.54
CA GLU B 543 28.27 2.50 9.38
C GLU B 543 27.11 2.31 8.42
N ASN B 544 26.54 3.39 7.89
CA ASN B 544 25.40 3.30 6.98
C ASN B 544 25.67 3.94 5.62
N LEU B 545 26.42 5.05 5.60
CA LEU B 545 26.67 5.75 4.35
C LEU B 545 27.54 4.93 3.41
N GLY B 546 28.53 4.22 3.97
CA GLY B 546 29.35 3.32 3.15
C GLY B 546 28.55 2.16 2.57
N ARG B 547 27.64 1.59 3.36
CA ARG B 547 26.67 0.61 2.88
C ARG B 547 25.88 1.14 1.71
N LEU B 548 25.35 2.35 1.85
CA LEU B 548 24.51 2.92 0.81
C LEU B 548 25.32 3.13 -0.46
N LEU B 549 26.55 3.63 -0.34
CA LEU B 549 27.37 3.87 -1.52
C LEU B 549 27.77 2.57 -2.21
N VAL B 550 28.12 1.54 -1.43
CA VAL B 550 28.52 0.26 -2.00
C VAL B 550 27.34 -0.38 -2.72
N GLN B 551 26.16 -0.39 -2.08
CA GLN B 551 24.98 -1.00 -2.69
C GLN B 551 24.51 -0.20 -3.90
N ALA B 552 24.78 1.11 -3.92
CA ALA B 552 24.45 1.90 -5.10
C ALA B 552 25.38 1.58 -6.26
N LEU B 553 26.68 1.47 -5.98
CA LEU B 553 27.64 1.27 -7.06
C LEU B 553 27.60 -0.14 -7.61
N ASN B 554 27.18 -1.11 -6.80
CA ASN B 554 27.14 -2.49 -7.28
C ASN B 554 26.00 -2.71 -8.26
N ARG B 555 24.84 -2.09 -8.02
CA ARG B 555 23.67 -2.33 -8.85
C ARG B 555 23.82 -1.72 -10.23
N SER B 556 24.52 -0.59 -10.33
CA SER B 556 24.57 0.19 -11.56
C SER B 556 25.49 -0.38 -12.63
N LYS B 557 25.96 -1.62 -12.48
CA LYS B 557 26.91 -2.16 -13.44
C LYS B 557 26.23 -2.59 -14.73
N ILE B 558 25.03 -3.13 -14.65
CA ILE B 558 24.30 -3.60 -15.82
C ILE B 558 22.90 -3.00 -15.79
N CYS B 559 22.55 -2.28 -16.85
CA CYS B 559 21.21 -1.73 -16.99
C CYS B 559 20.26 -2.78 -17.54
N SER B 560 18.95 -2.49 -17.46
CA SER B 560 17.95 -3.42 -17.96
C SER B 560 17.82 -3.37 -19.47
N SER B 561 18.40 -2.37 -20.13
CA SER B 561 18.50 -2.29 -21.58
C SER B 561 19.96 -2.09 -21.97
N ASP B 562 20.83 -2.93 -21.40
CA ASP B 562 22.26 -2.61 -21.35
C ASP B 562 22.99 -2.50 -22.68
N PRO B 563 22.83 -3.43 -23.70
CA PRO B 563 23.67 -3.33 -24.90
C PRO B 563 23.51 -2.04 -25.69
N LEU B 564 22.27 -1.63 -25.95
CA LEU B 564 22.06 -0.40 -26.72
C LEU B 564 22.23 0.84 -25.85
N CYS B 565 22.19 0.69 -24.53
CA CYS B 565 22.37 1.84 -23.65
C CYS B 565 23.83 2.29 -23.63
N SER B 566 24.75 1.34 -23.52
CA SER B 566 26.17 1.68 -23.44
C SER B 566 26.71 2.13 -24.79
N GLU B 567 26.08 1.72 -25.89
CA GLU B 567 26.54 2.06 -27.23
C GLU B 567 26.01 3.40 -27.72
N HIS B 568 25.22 4.09 -26.91
CA HIS B 568 24.59 5.33 -27.35
C HIS B 568 25.63 6.43 -27.51
N ASN B 569 25.53 7.16 -28.62
CA ASN B 569 26.46 8.23 -28.94
C ASN B 569 25.70 9.55 -28.97
N PRO B 570 25.97 10.49 -28.07
CA PRO B 570 25.19 11.74 -28.05
C PRO B 570 25.50 12.69 -29.19
N GLU B 571 26.59 12.48 -29.92
CA GLU B 571 26.93 13.36 -31.02
C GLU B 571 26.06 13.12 -32.25
N LYS B 572 25.60 11.87 -32.44
CA LYS B 572 24.84 11.54 -33.64
C LYS B 572 23.44 12.12 -33.61
N ASP B 573 22.74 11.99 -32.47
CA ASP B 573 21.33 12.37 -32.37
C ASP B 573 21.13 13.66 -31.59
N ARG B 574 22.20 14.41 -31.32
CA ARG B 574 22.18 15.69 -30.59
C ARG B 574 21.60 15.55 -29.19
N SER B 575 21.70 14.36 -28.59
CA SER B 575 21.23 14.18 -27.23
C SER B 575 22.17 14.85 -26.25
N LEU B 576 21.65 15.19 -25.07
CA LEU B 576 22.44 15.80 -24.01
C LEU B 576 22.82 14.79 -22.95
N HIS B 577 22.62 13.50 -23.22
CA HIS B 577 22.94 12.44 -22.27
C HIS B 577 23.56 11.28 -23.03
N ALA B 578 24.29 10.44 -22.29
CA ALA B 578 24.89 9.24 -22.86
C ALA B 578 24.86 8.15 -21.80
N ALA B 579 24.55 6.92 -22.23
CA ALA B 579 24.56 5.72 -21.38
C ALA B 579 23.66 5.87 -20.14
N ALA B 580 22.55 6.62 -20.27
CA ALA B 580 21.68 6.88 -19.13
C ALA B 580 20.25 7.04 -19.64
N CYS B 581 19.51 5.93 -19.64
CA CYS B 581 18.12 5.93 -20.08
C CYS B 581 17.20 6.15 -18.90
N HIS B 582 15.90 5.93 -19.13
CA HIS B 582 14.93 6.04 -18.04
C HIS B 582 15.06 4.92 -17.02
N ALA B 583 15.59 3.76 -17.42
CA ALA B 583 15.53 2.57 -16.59
C ALA B 583 16.68 2.47 -15.58
N CYS B 584 17.66 3.37 -15.62
CA CYS B 584 18.78 3.25 -14.70
C CYS B 584 19.29 4.56 -14.11
N THR B 585 18.77 5.71 -14.51
CA THR B 585 19.38 6.96 -14.04
C THR B 585 18.38 7.97 -13.52
N LEU B 586 17.18 8.01 -14.09
CA LEU B 586 16.34 9.19 -13.91
C LEU B 586 15.31 9.00 -12.80
N VAL B 587 14.88 10.13 -12.24
CA VAL B 587 13.97 10.19 -11.09
C VAL B 587 12.79 11.08 -11.44
N ALA B 588 11.95 11.33 -10.44
CA ALA B 588 10.80 12.20 -10.61
C ALA B 588 11.22 13.63 -10.88
N GLU B 589 10.36 14.38 -11.59
CA GLU B 589 10.67 15.73 -12.03
C GLU B 589 10.74 16.74 -10.90
N THR B 590 10.23 16.41 -9.72
CA THR B 590 10.29 17.34 -8.59
C THR B 590 11.72 17.49 -8.07
N SER B 591 12.51 16.42 -8.13
CA SER B 591 13.79 16.37 -7.45
C SER B 591 14.95 16.93 -8.27
N CYS B 592 14.94 16.72 -9.58
CA CYS B 592 16.10 17.06 -10.41
C CYS B 592 16.28 18.57 -10.56
N GLU B 593 17.53 19.00 -10.62
CA GLU B 593 17.85 20.42 -10.66
C GLU B 593 17.91 20.94 -12.09
N GLN B 594 18.46 20.15 -13.02
CA GLN B 594 18.61 20.59 -14.40
C GLN B 594 17.58 19.97 -15.35
N GLY B 595 16.91 18.90 -14.94
CA GLY B 595 15.90 18.30 -15.78
C GLY B 595 16.42 17.17 -16.64
N ASN B 596 17.07 16.19 -16.01
CA ASN B 596 17.55 14.95 -16.60
C ASN B 596 18.55 15.17 -17.74
N ARG B 597 19.46 16.14 -17.60
CA ARG B 597 20.49 16.37 -18.59
C ARG B 597 21.87 16.12 -17.98
N TYR B 598 22.86 15.94 -18.86
CA TYR B 598 24.28 15.81 -18.50
C TYR B 598 24.51 14.63 -17.54
N LEU B 599 24.24 13.43 -18.05
CA LEU B 599 24.36 12.23 -17.24
C LEU B 599 25.14 11.15 -17.98
N ASP B 600 26.03 10.47 -17.25
CA ASP B 600 26.92 9.47 -17.82
C ASP B 600 27.37 8.55 -16.69
N ARG B 601 26.94 7.29 -16.71
CA ARG B 601 27.34 6.38 -15.64
C ARG B 601 28.70 5.76 -15.89
N SER B 602 29.26 5.91 -17.09
CA SER B 602 30.59 5.38 -17.38
C SER B 602 31.68 6.23 -16.76
N LEU B 603 31.36 7.43 -16.27
CA LEU B 603 32.34 8.25 -15.58
C LEU B 603 32.57 7.78 -14.15
N LEU B 604 31.73 6.88 -13.65
CA LEU B 604 31.84 6.37 -12.28
C LEU B 604 32.45 4.99 -12.23
N ILE B 605 31.85 4.03 -12.96
CA ILE B 605 32.22 2.63 -12.87
C ILE B 605 32.45 2.07 -14.27
N PRO B 606 33.25 1.01 -14.39
CA PRO B 606 33.46 0.41 -15.71
C PRO B 606 32.22 -0.28 -16.24
N THR B 607 31.74 0.17 -17.38
CA THR B 607 30.63 -0.45 -18.08
C THR B 607 31.15 -1.40 -19.15
N LEU B 608 30.22 -1.85 -20.01
CA LEU B 608 30.55 -2.87 -21.00
C LEU B 608 31.39 -2.36 -22.14
N GLU B 609 31.52 -1.05 -22.33
CA GLU B 609 32.25 -0.51 -23.47
C GLU B 609 33.29 0.55 -23.09
N ARG B 610 33.08 1.31 -22.03
CA ARG B 610 34.13 2.15 -21.46
C ARG B 610 34.60 1.54 -20.14
N ILE B 611 35.91 1.45 -19.96
CA ILE B 611 36.51 0.85 -18.77
C ILE B 611 37.45 1.83 -18.07
N HIS B 612 38.30 2.52 -18.83
CA HIS B 612 39.36 3.31 -18.26
C HIS B 612 38.90 4.69 -17.78
N ALA B 613 37.63 5.04 -17.97
CA ALA B 613 37.17 6.37 -17.59
C ALA B 613 36.57 6.41 -16.18
N ALA B 614 36.63 5.31 -15.44
CA ALA B 614 35.97 5.25 -14.14
C ALA B 614 36.71 6.07 -13.10
N PHE B 615 35.97 6.49 -12.07
CA PHE B 615 36.54 7.22 -10.94
C PHE B 615 36.69 6.35 -9.70
N PHE B 616 35.75 5.44 -9.46
CA PHE B 616 35.84 4.49 -8.37
C PHE B 616 36.27 3.14 -8.93
N LYS B 617 37.34 2.59 -8.38
CA LYS B 617 37.98 1.40 -8.93
C LYS B 617 37.82 0.24 -7.97
N GLY B 618 37.31 -0.89 -8.47
CA GLY B 618 37.18 -2.09 -7.67
C GLY B 618 35.95 -2.17 -6.80
N PHE B 619 35.03 -1.23 -6.92
CA PHE B 619 33.83 -1.21 -6.08
C PHE B 619 32.64 -1.88 -6.77
#